data_5QS6
# 
_entry.id   5QS6 
# 
_audit_conform.dict_name       mmcif_pdbx.dic 
_audit_conform.dict_version    5.387 
_audit_conform.dict_location   http://mmcif.pdb.org/dictionaries/ascii/mmcif_pdbx.dic 
# 
loop_
_database_2.database_id 
_database_2.database_code 
_database_2.pdbx_database_accession 
_database_2.pdbx_DOI 
PDB   5QS6         pdb_00005qs6 10.2210/pdb5qs6/pdb 
WWPDB D_1001402339 ?            ?                   
# 
loop_
_pdbx_audit_revision_history.ordinal 
_pdbx_audit_revision_history.data_content_type 
_pdbx_audit_revision_history.major_revision 
_pdbx_audit_revision_history.minor_revision 
_pdbx_audit_revision_history.revision_date 
1 'Structure model' 1 0 2019-08-21 
2 'Structure model' 1 1 2024-03-06 
# 
_pdbx_audit_revision_details.ordinal             1 
_pdbx_audit_revision_details.revision_ordinal    1 
_pdbx_audit_revision_details.data_content_type   'Structure model' 
_pdbx_audit_revision_details.provider            repository 
_pdbx_audit_revision_details.type                'Initial release' 
_pdbx_audit_revision_details.description         ? 
_pdbx_audit_revision_details.details             ? 
# 
loop_
_pdbx_audit_revision_group.ordinal 
_pdbx_audit_revision_group.revision_ordinal 
_pdbx_audit_revision_group.data_content_type 
_pdbx_audit_revision_group.group 
1 2 'Structure model' 'Data collection'     
2 2 'Structure model' 'Database references' 
# 
loop_
_pdbx_audit_revision_category.ordinal 
_pdbx_audit_revision_category.revision_ordinal 
_pdbx_audit_revision_category.data_content_type 
_pdbx_audit_revision_category.category 
1 2 'Structure model' chem_comp_atom 
2 2 'Structure model' chem_comp_bond 
3 2 'Structure model' database_2     
# 
loop_
_pdbx_audit_revision_item.ordinal 
_pdbx_audit_revision_item.revision_ordinal 
_pdbx_audit_revision_item.data_content_type 
_pdbx_audit_revision_item.item 
1 2 'Structure model' '_database_2.pdbx_DOI'                
2 2 'Structure model' '_database_2.pdbx_database_accession' 
# 
_pdbx_database_status.entry_id                        5QS6 
_pdbx_database_status.status_code                     REL 
_pdbx_database_status.status_code_sf                  REL 
_pdbx_database_status.status_code_mr                  ? 
_pdbx_database_status.status_code_cs                  ? 
_pdbx_database_status.recvd_initial_deposition_date   2019-06-19 
_pdbx_database_status.deposit_site                    RCSB 
_pdbx_database_status.process_site                    RCSB 
_pdbx_database_status.SG_entry                        ? 
_pdbx_database_status.pdb_format_compatible           Y 
_pdbx_database_status.methods_development_category    ? 
_pdbx_database_status.status_code_nmr_data            ? 
# 
loop_
_audit_author.name 
_audit_author.pdbx_ordinal 
'Newman, J.A.'        1  
'Gavard, A.E.'        2  
'Sherestha, L.'       3  
'Fernandez-Cid, A.'   4  
'Burgess-Brown, N.A.' 5  
'von Delft, F.'       6  
'Arrowsmith, C.H.'    7  
'Edwards, A.'         8  
'Bountra, C.'         9  
'Gileadi, O.'         10 
# 
_citation.id                        primary 
_citation.title                     'PanDDA analysis group deposition' 
_citation.journal_abbrev            'To Be Published' 
_citation.journal_volume            ? 
_citation.page_first                ? 
_citation.page_last                 ? 
_citation.year                      ? 
_citation.journal_id_ASTM           ? 
_citation.country                   ? 
_citation.journal_id_ISSN           ? 
_citation.journal_id_CSD            0353 
_citation.book_publisher            ? 
_citation.pdbx_database_id_PubMed   ? 
_citation.pdbx_database_id_DOI      ? 
# 
loop_
_citation_author.citation_id 
_citation_author.name 
_citation_author.identifier_ORCID 
_citation_author.ordinal 
primary 'Newman, J.A.'        ? 1 
primary 'Gavard, A.E.'        ? 2 
primary 'Sherestha, L.'       ? 3 
primary 'Burgess-Brown, N.A.' ? 4 
primary 'von Delft, F.'       ? 5 
primary 'Arrowsmith, C.H.'    ? 6 
primary 'Edwards, A.'         ? 7 
primary 'Bountra, C.'         ? 8 
primary 'Gileadi, O.'         ? 9 
# 
loop_
_entity.id 
_entity.type 
_entity.src_method 
_entity.pdbx_description 
_entity.formula_weight 
_entity.pdbx_number_of_molecules 
_entity.pdbx_ec 
_entity.pdbx_mutation 
_entity.pdbx_fragment 
_entity.details 
1 polymer     man 'T-box transcription factor T' 19655.623 1   ? G177D ? ? 
2 non-polymer syn "N-phenyl-N'-pyridin-3-ylurea" 213.235   1   ? ?     ? ? 
3 water       nat water                          18.015    177 ? ?     ? ? 
# 
_entity_name_com.entity_id   1 
_entity_name_com.name        'Brachyury protein,Protein T' 
# 
_entity_poly.entity_id                      1 
_entity_poly.type                           'polypeptide(L)' 
_entity_poly.nstd_linkage                   no 
_entity_poly.nstd_monomer                   no 
_entity_poly.pdbx_seq_one_letter_code       
;GELRVGLEESELWLRFKELTNEMIVTKNGRRMFPVLKVNVSGLDPNAMYSFLLDFVAADNHRWKYVNGEWVPGGKPEPQA
PSCVYIHPDSPNFGAHWMKAPVSFSKVKLTNKLNGGGQIMLNSLHKYEPRIHIVRVGDPQRMITSHCFPETQFIAVTAYQ
NEEITALKIKYN
;
_entity_poly.pdbx_seq_one_letter_code_can   
;GELRVGLEESELWLRFKELTNEMIVTKNGRRMFPVLKVNVSGLDPNAMYSFLLDFVAADNHRWKYVNGEWVPGGKPEPQA
PSCVYIHPDSPNFGAHWMKAPVSFSKVKLTNKLNGGGQIMLNSLHKYEPRIHIVRVGDPQRMITSHCFPETQFIAVTAYQ
NEEITALKIKYN
;
_entity_poly.pdbx_strand_id                 A 
_entity_poly.pdbx_target_identifier         ? 
# 
loop_
_pdbx_entity_nonpoly.entity_id 
_pdbx_entity_nonpoly.name 
_pdbx_entity_nonpoly.comp_id 
2 "N-phenyl-N'-pyridin-3-ylurea" K0G 
3 water                          HOH 
# 
loop_
_entity_poly_seq.entity_id 
_entity_poly_seq.num 
_entity_poly_seq.mon_id 
_entity_poly_seq.hetero 
1 1   GLY n 
1 2   GLU n 
1 3   LEU n 
1 4   ARG n 
1 5   VAL n 
1 6   GLY n 
1 7   LEU n 
1 8   GLU n 
1 9   GLU n 
1 10  SER n 
1 11  GLU n 
1 12  LEU n 
1 13  TRP n 
1 14  LEU n 
1 15  ARG n 
1 16  PHE n 
1 17  LYS n 
1 18  GLU n 
1 19  LEU n 
1 20  THR n 
1 21  ASN n 
1 22  GLU n 
1 23  MET n 
1 24  ILE n 
1 25  VAL n 
1 26  THR n 
1 27  LYS n 
1 28  ASN n 
1 29  GLY n 
1 30  ARG n 
1 31  ARG n 
1 32  MET n 
1 33  PHE n 
1 34  PRO n 
1 35  VAL n 
1 36  LEU n 
1 37  LYS n 
1 38  VAL n 
1 39  ASN n 
1 40  VAL n 
1 41  SER n 
1 42  GLY n 
1 43  LEU n 
1 44  ASP n 
1 45  PRO n 
1 46  ASN n 
1 47  ALA n 
1 48  MET n 
1 49  TYR n 
1 50  SER n 
1 51  PHE n 
1 52  LEU n 
1 53  LEU n 
1 54  ASP n 
1 55  PHE n 
1 56  VAL n 
1 57  ALA n 
1 58  ALA n 
1 59  ASP n 
1 60  ASN n 
1 61  HIS n 
1 62  ARG n 
1 63  TRP n 
1 64  LYS n 
1 65  TYR n 
1 66  VAL n 
1 67  ASN n 
1 68  GLY n 
1 69  GLU n 
1 70  TRP n 
1 71  VAL n 
1 72  PRO n 
1 73  GLY n 
1 74  GLY n 
1 75  LYS n 
1 76  PRO n 
1 77  GLU n 
1 78  PRO n 
1 79  GLN n 
1 80  ALA n 
1 81  PRO n 
1 82  SER n 
1 83  CYS n 
1 84  VAL n 
1 85  TYR n 
1 86  ILE n 
1 87  HIS n 
1 88  PRO n 
1 89  ASP n 
1 90  SER n 
1 91  PRO n 
1 92  ASN n 
1 93  PHE n 
1 94  GLY n 
1 95  ALA n 
1 96  HIS n 
1 97  TRP n 
1 98  MET n 
1 99  LYS n 
1 100 ALA n 
1 101 PRO n 
1 102 VAL n 
1 103 SER n 
1 104 PHE n 
1 105 SER n 
1 106 LYS n 
1 107 VAL n 
1 108 LYS n 
1 109 LEU n 
1 110 THR n 
1 111 ASN n 
1 112 LYS n 
1 113 LEU n 
1 114 ASN n 
1 115 GLY n 
1 116 GLY n 
1 117 GLY n 
1 118 GLN n 
1 119 ILE n 
1 120 MET n 
1 121 LEU n 
1 122 ASN n 
1 123 SER n 
1 124 LEU n 
1 125 HIS n 
1 126 LYS n 
1 127 TYR n 
1 128 GLU n 
1 129 PRO n 
1 130 ARG n 
1 131 ILE n 
1 132 HIS n 
1 133 ILE n 
1 134 VAL n 
1 135 ARG n 
1 136 VAL n 
1 137 GLY n 
1 138 ASP n 
1 139 PRO n 
1 140 GLN n 
1 141 ARG n 
1 142 MET n 
1 143 ILE n 
1 144 THR n 
1 145 SER n 
1 146 HIS n 
1 147 CYS n 
1 148 PHE n 
1 149 PRO n 
1 150 GLU n 
1 151 THR n 
1 152 GLN n 
1 153 PHE n 
1 154 ILE n 
1 155 ALA n 
1 156 VAL n 
1 157 THR n 
1 158 ALA n 
1 159 TYR n 
1 160 GLN n 
1 161 ASN n 
1 162 GLU n 
1 163 GLU n 
1 164 ILE n 
1 165 THR n 
1 166 ALA n 
1 167 LEU n 
1 168 LYS n 
1 169 ILE n 
1 170 LYS n 
1 171 TYR n 
1 172 ASN n 
# 
_entity_src_gen.entity_id                          1 
_entity_src_gen.pdbx_src_id                        1 
_entity_src_gen.pdbx_alt_source_flag               sample 
_entity_src_gen.pdbx_seq_type                      'Biological sequence' 
_entity_src_gen.pdbx_beg_seq_num                   1 
_entity_src_gen.pdbx_end_seq_num                   172 
_entity_src_gen.gene_src_common_name               Human 
_entity_src_gen.gene_src_genus                     ? 
_entity_src_gen.pdbx_gene_src_gene                 'TBXT, T' 
_entity_src_gen.gene_src_species                   ? 
_entity_src_gen.gene_src_strain                    ? 
_entity_src_gen.gene_src_tissue                    ? 
_entity_src_gen.gene_src_tissue_fraction           ? 
_entity_src_gen.gene_src_details                   ? 
_entity_src_gen.pdbx_gene_src_fragment             ? 
_entity_src_gen.pdbx_gene_src_scientific_name      'Homo sapiens' 
_entity_src_gen.pdbx_gene_src_ncbi_taxonomy_id     9606 
_entity_src_gen.pdbx_gene_src_variant              ? 
_entity_src_gen.pdbx_gene_src_cell_line            ? 
_entity_src_gen.pdbx_gene_src_atcc                 ? 
_entity_src_gen.pdbx_gene_src_organ                ? 
_entity_src_gen.pdbx_gene_src_organelle            ? 
_entity_src_gen.pdbx_gene_src_cell                 ? 
_entity_src_gen.pdbx_gene_src_cellular_location    ? 
_entity_src_gen.host_org_common_name               ? 
_entity_src_gen.pdbx_host_org_scientific_name      'Escherichia coli' 
_entity_src_gen.pdbx_host_org_ncbi_taxonomy_id     562 
_entity_src_gen.host_org_genus                     ? 
_entity_src_gen.pdbx_host_org_gene                 ? 
_entity_src_gen.pdbx_host_org_organ                ? 
_entity_src_gen.host_org_species                   ? 
_entity_src_gen.pdbx_host_org_tissue               ? 
_entity_src_gen.pdbx_host_org_tissue_fraction      ? 
_entity_src_gen.pdbx_host_org_strain               ? 
_entity_src_gen.pdbx_host_org_variant              ? 
_entity_src_gen.pdbx_host_org_cell_line            ? 
_entity_src_gen.pdbx_host_org_atcc                 ? 
_entity_src_gen.pdbx_host_org_culture_collection   ? 
_entity_src_gen.pdbx_host_org_cell                 ? 
_entity_src_gen.pdbx_host_org_organelle            ? 
_entity_src_gen.pdbx_host_org_cellular_location    ? 
_entity_src_gen.pdbx_host_org_vector_type          ? 
_entity_src_gen.pdbx_host_org_vector               ? 
_entity_src_gen.host_org_details                   ? 
_entity_src_gen.expression_system_id               ? 
_entity_src_gen.plasmid_name                       ? 
_entity_src_gen.plasmid_details                    ? 
_entity_src_gen.pdbx_description                   ? 
# 
loop_
_chem_comp.id 
_chem_comp.type 
_chem_comp.mon_nstd_flag 
_chem_comp.name 
_chem_comp.pdbx_synonyms 
_chem_comp.formula 
_chem_comp.formula_weight 
ALA 'L-peptide linking' y ALANINE                        ? 'C3 H7 N O2'     89.093  
ARG 'L-peptide linking' y ARGININE                       ? 'C6 H15 N4 O2 1' 175.209 
ASN 'L-peptide linking' y ASPARAGINE                     ? 'C4 H8 N2 O3'    132.118 
ASP 'L-peptide linking' y 'ASPARTIC ACID'                ? 'C4 H7 N O4'     133.103 
CYS 'L-peptide linking' y CYSTEINE                       ? 'C3 H7 N O2 S'   121.158 
GLN 'L-peptide linking' y GLUTAMINE                      ? 'C5 H10 N2 O3'   146.144 
GLU 'L-peptide linking' y 'GLUTAMIC ACID'                ? 'C5 H9 N O4'     147.129 
GLY 'peptide linking'   y GLYCINE                        ? 'C2 H5 N O2'     75.067  
HIS 'L-peptide linking' y HISTIDINE                      ? 'C6 H10 N3 O2 1' 156.162 
HOH non-polymer         . WATER                          ? 'H2 O'           18.015  
ILE 'L-peptide linking' y ISOLEUCINE                     ? 'C6 H13 N O2'    131.173 
K0G non-polymer         . "N-phenyl-N'-pyridin-3-ylurea" ? 'C12 H11 N3 O'   213.235 
LEU 'L-peptide linking' y LEUCINE                        ? 'C6 H13 N O2'    131.173 
LYS 'L-peptide linking' y LYSINE                         ? 'C6 H15 N2 O2 1' 147.195 
MET 'L-peptide linking' y METHIONINE                     ? 'C5 H11 N O2 S'  149.211 
PHE 'L-peptide linking' y PHENYLALANINE                  ? 'C9 H11 N O2'    165.189 
PRO 'L-peptide linking' y PROLINE                        ? 'C5 H9 N O2'     115.130 
SER 'L-peptide linking' y SERINE                         ? 'C3 H7 N O3'     105.093 
THR 'L-peptide linking' y THREONINE                      ? 'C4 H9 N O3'     119.119 
TRP 'L-peptide linking' y TRYPTOPHAN                     ? 'C11 H12 N2 O2'  204.225 
TYR 'L-peptide linking' y TYROSINE                       ? 'C9 H11 N O3'    181.189 
VAL 'L-peptide linking' y VALINE                         ? 'C5 H11 N O2'    117.146 
# 
loop_
_pdbx_poly_seq_scheme.asym_id 
_pdbx_poly_seq_scheme.entity_id 
_pdbx_poly_seq_scheme.seq_id 
_pdbx_poly_seq_scheme.mon_id 
_pdbx_poly_seq_scheme.ndb_seq_num 
_pdbx_poly_seq_scheme.pdb_seq_num 
_pdbx_poly_seq_scheme.auth_seq_num 
_pdbx_poly_seq_scheme.pdb_mon_id 
_pdbx_poly_seq_scheme.auth_mon_id 
_pdbx_poly_seq_scheme.pdb_strand_id 
_pdbx_poly_seq_scheme.pdb_ins_code 
_pdbx_poly_seq_scheme.hetero 
A 1 1   GLY 1   40  ?   ?   ?   A . n 
A 1 2   GLU 2   41  41  GLU GLU A . n 
A 1 3   LEU 3   42  42  LEU LEU A . n 
A 1 4   ARG 4   43  43  ARG ARG A . n 
A 1 5   VAL 5   44  44  VAL VAL A . n 
A 1 6   GLY 6   45  45  GLY GLY A . n 
A 1 7   LEU 7   46  46  LEU LEU A . n 
A 1 8   GLU 8   47  47  GLU GLU A . n 
A 1 9   GLU 9   48  48  GLU GLU A . n 
A 1 10  SER 10  49  49  SER SER A . n 
A 1 11  GLU 11  50  50  GLU GLU A . n 
A 1 12  LEU 12  51  51  LEU LEU A . n 
A 1 13  TRP 13  52  52  TRP TRP A . n 
A 1 14  LEU 14  53  53  LEU LEU A . n 
A 1 15  ARG 15  54  54  ARG ARG A . n 
A 1 16  PHE 16  55  55  PHE PHE A . n 
A 1 17  LYS 17  56  56  LYS LYS A . n 
A 1 18  GLU 18  57  57  GLU GLU A . n 
A 1 19  LEU 19  58  58  LEU LEU A . n 
A 1 20  THR 20  59  59  THR THR A . n 
A 1 21  ASN 21  60  60  ASN ASN A . n 
A 1 22  GLU 22  61  61  GLU GLU A . n 
A 1 23  MET 23  62  62  MET MET A . n 
A 1 24  ILE 24  63  63  ILE ILE A . n 
A 1 25  VAL 25  64  64  VAL VAL A . n 
A 1 26  THR 26  65  65  THR THR A . n 
A 1 27  LYS 27  66  66  LYS LYS A . n 
A 1 28  ASN 28  67  67  ASN ASN A . n 
A 1 29  GLY 29  68  68  GLY GLY A . n 
A 1 30  ARG 30  69  69  ARG ARG A . n 
A 1 31  ARG 31  70  70  ARG ARG A . n 
A 1 32  MET 32  71  71  MET MET A . n 
A 1 33  PHE 33  72  72  PHE PHE A . n 
A 1 34  PRO 34  73  73  PRO PRO A . n 
A 1 35  VAL 35  74  74  VAL VAL A . n 
A 1 36  LEU 36  75  75  LEU LEU A . n 
A 1 37  LYS 37  76  76  LYS LYS A . n 
A 1 38  VAL 38  77  77  VAL VAL A . n 
A 1 39  ASN 39  78  78  ASN ASN A . n 
A 1 40  VAL 40  79  79  VAL VAL A . n 
A 1 41  SER 41  80  80  SER SER A . n 
A 1 42  GLY 42  81  81  GLY GLY A . n 
A 1 43  LEU 43  82  82  LEU LEU A . n 
A 1 44  ASP 44  83  83  ASP ASP A . n 
A 1 45  PRO 45  84  84  PRO PRO A . n 
A 1 46  ASN 46  85  85  ASN ASN A . n 
A 1 47  ALA 47  86  86  ALA ALA A . n 
A 1 48  MET 48  87  87  MET MET A . n 
A 1 49  TYR 49  88  88  TYR TYR A . n 
A 1 50  SER 50  89  89  SER SER A . n 
A 1 51  PHE 51  90  90  PHE PHE A . n 
A 1 52  LEU 52  91  91  LEU LEU A . n 
A 1 53  LEU 53  92  92  LEU LEU A . n 
A 1 54  ASP 54  93  93  ASP ASP A . n 
A 1 55  PHE 55  94  94  PHE PHE A . n 
A 1 56  VAL 56  95  95  VAL VAL A . n 
A 1 57  ALA 57  96  96  ALA ALA A . n 
A 1 58  ALA 58  97  97  ALA ALA A . n 
A 1 59  ASP 59  98  98  ASP ASP A . n 
A 1 60  ASN 60  99  99  ASN ASN A . n 
A 1 61  HIS 61  100 100 HIS HIS A . n 
A 1 62  ARG 62  101 101 ARG ARG A . n 
A 1 63  TRP 63  102 102 TRP TRP A . n 
A 1 64  LYS 64  103 103 LYS LYS A . n 
A 1 65  TYR 65  104 104 TYR TYR A . n 
A 1 66  VAL 66  105 105 VAL VAL A . n 
A 1 67  ASN 67  106 106 ASN ASN A . n 
A 1 68  GLY 68  107 107 GLY GLY A . n 
A 1 69  GLU 69  108 108 GLU GLU A . n 
A 1 70  TRP 70  109 109 TRP TRP A . n 
A 1 71  VAL 71  110 110 VAL VAL A . n 
A 1 72  PRO 72  111 111 PRO PRO A . n 
A 1 73  GLY 73  112 112 GLY GLY A . n 
A 1 74  GLY 74  113 113 GLY GLY A . n 
A 1 75  LYS 75  114 114 LYS LYS A . n 
A 1 76  PRO 76  115 115 PRO PRO A . n 
A 1 77  GLU 77  116 116 GLU GLU A . n 
A 1 78  PRO 78  117 117 PRO PRO A . n 
A 1 79  GLN 79  118 118 GLN GLN A . n 
A 1 80  ALA 80  119 119 ALA ALA A . n 
A 1 81  PRO 81  120 120 PRO PRO A . n 
A 1 82  SER 82  121 121 SER SER A . n 
A 1 83  CYS 83  122 122 CYS CYS A . n 
A 1 84  VAL 84  123 123 VAL VAL A . n 
A 1 85  TYR 85  124 124 TYR TYR A . n 
A 1 86  ILE 86  125 125 ILE ILE A . n 
A 1 87  HIS 87  126 126 HIS HIS A . n 
A 1 88  PRO 88  127 127 PRO PRO A . n 
A 1 89  ASP 89  128 128 ASP ASP A . n 
A 1 90  SER 90  129 129 SER SER A . n 
A 1 91  PRO 91  130 130 PRO PRO A . n 
A 1 92  ASN 92  131 131 ASN ASN A . n 
A 1 93  PHE 93  132 132 PHE PHE A . n 
A 1 94  GLY 94  133 133 GLY GLY A . n 
A 1 95  ALA 95  134 134 ALA ALA A . n 
A 1 96  HIS 96  135 135 HIS HIS A . n 
A 1 97  TRP 97  136 136 TRP TRP A . n 
A 1 98  MET 98  137 137 MET MET A . n 
A 1 99  LYS 99  138 138 LYS LYS A . n 
A 1 100 ALA 100 139 139 ALA ALA A . n 
A 1 101 PRO 101 140 140 PRO PRO A . n 
A 1 102 VAL 102 141 141 VAL VAL A . n 
A 1 103 SER 103 142 142 SER SER A . n 
A 1 104 PHE 104 143 143 PHE PHE A . n 
A 1 105 SER 105 144 144 SER SER A . n 
A 1 106 LYS 106 145 145 LYS LYS A . n 
A 1 107 VAL 107 146 146 VAL VAL A . n 
A 1 108 LYS 108 147 147 LYS LYS A . n 
A 1 109 LEU 109 148 148 LEU LEU A . n 
A 1 110 THR 110 149 149 THR THR A . n 
A 1 111 ASN 111 150 150 ASN ASN A . n 
A 1 112 LYS 112 151 151 LYS LYS A . n 
A 1 113 LEU 113 152 152 LEU LEU A . n 
A 1 114 ASN 114 153 153 ASN ASN A . n 
A 1 115 GLY 115 154 154 GLY GLY A . n 
A 1 116 GLY 116 155 155 GLY GLY A . n 
A 1 117 GLY 117 156 156 GLY GLY A . n 
A 1 118 GLN 118 157 157 GLN GLN A . n 
A 1 119 ILE 119 158 158 ILE ILE A . n 
A 1 120 MET 120 159 159 MET MET A . n 
A 1 121 LEU 121 160 160 LEU LEU A . n 
A 1 122 ASN 122 161 161 ASN ASN A . n 
A 1 123 SER 123 162 162 SER SER A . n 
A 1 124 LEU 124 163 163 LEU LEU A . n 
A 1 125 HIS 125 164 164 HIS HIS A . n 
A 1 126 LYS 126 165 165 LYS LYS A . n 
A 1 127 TYR 127 166 166 TYR TYR A . n 
A 1 128 GLU 128 167 167 GLU GLU A . n 
A 1 129 PRO 129 168 168 PRO PRO A . n 
A 1 130 ARG 130 169 169 ARG ARG A . n 
A 1 131 ILE 131 170 170 ILE ILE A . n 
A 1 132 HIS 132 171 171 HIS HIS A . n 
A 1 133 ILE 133 172 172 ILE ILE A . n 
A 1 134 VAL 134 173 173 VAL VAL A . n 
A 1 135 ARG 135 174 174 ARG ARG A . n 
A 1 136 VAL 136 175 175 VAL VAL A . n 
A 1 137 GLY 137 176 176 GLY GLY A . n 
A 1 138 ASP 138 177 177 ASP ASP A . n 
A 1 139 PRO 139 178 178 PRO PRO A . n 
A 1 140 GLN 140 179 179 GLN GLN A . n 
A 1 141 ARG 141 180 180 ARG ARG A . n 
A 1 142 MET 142 181 181 MET MET A . n 
A 1 143 ILE 143 182 182 ILE ILE A . n 
A 1 144 THR 144 183 183 THR THR A . n 
A 1 145 SER 145 184 184 SER SER A . n 
A 1 146 HIS 146 185 185 HIS HIS A . n 
A 1 147 CYS 147 186 186 CYS CYS A . n 
A 1 148 PHE 148 187 187 PHE PHE A . n 
A 1 149 PRO 149 188 188 PRO PRO A . n 
A 1 150 GLU 150 189 189 GLU GLU A . n 
A 1 151 THR 151 190 190 THR THR A . n 
A 1 152 GLN 152 191 191 GLN GLN A . n 
A 1 153 PHE 153 192 192 PHE PHE A . n 
A 1 154 ILE 154 193 193 ILE ILE A . n 
A 1 155 ALA 155 194 194 ALA ALA A . n 
A 1 156 VAL 156 195 195 VAL VAL A . n 
A 1 157 THR 157 196 196 THR THR A . n 
A 1 158 ALA 158 197 197 ALA ALA A . n 
A 1 159 TYR 159 198 198 TYR TYR A . n 
A 1 160 GLN 160 199 199 GLN GLN A . n 
A 1 161 ASN 161 200 200 ASN ASN A . n 
A 1 162 GLU 162 201 201 GLU GLU A . n 
A 1 163 GLU 163 202 202 GLU GLU A . n 
A 1 164 ILE 164 203 203 ILE ILE A . n 
A 1 165 THR 165 204 204 THR THR A . n 
A 1 166 ALA 166 205 205 ALA ALA A . n 
A 1 167 LEU 167 206 206 LEU LEU A . n 
A 1 168 LYS 168 207 207 LYS LYS A . n 
A 1 169 ILE 169 208 208 ILE ILE A . n 
A 1 170 LYS 170 209 209 LYS LYS A . n 
A 1 171 TYR 171 210 210 TYR TYR A . n 
A 1 172 ASN 172 211 211 ASN ASN A . n 
# 
loop_
_pdbx_nonpoly_scheme.asym_id 
_pdbx_nonpoly_scheme.entity_id 
_pdbx_nonpoly_scheme.mon_id 
_pdbx_nonpoly_scheme.ndb_seq_num 
_pdbx_nonpoly_scheme.pdb_seq_num 
_pdbx_nonpoly_scheme.auth_seq_num 
_pdbx_nonpoly_scheme.pdb_mon_id 
_pdbx_nonpoly_scheme.auth_mon_id 
_pdbx_nonpoly_scheme.pdb_strand_id 
_pdbx_nonpoly_scheme.pdb_ins_code 
B 2 K0G 1   301 301 K0G LIG A . 
C 3 HOH 1   401 166 HOH HOH A . 
C 3 HOH 2   402 48  HOH HOH A . 
C 3 HOH 3   403 77  HOH HOH A . 
C 3 HOH 4   404 162 HOH HOH A . 
C 3 HOH 5   405 98  HOH HOH A . 
C 3 HOH 6   406 133 HOH HOH A . 
C 3 HOH 7   407 106 HOH HOH A . 
C 3 HOH 8   408 118 HOH HOH A . 
C 3 HOH 9   409 187 HOH HOH A . 
C 3 HOH 10  410 111 HOH HOH A . 
C 3 HOH 11  411 172 HOH HOH A . 
C 3 HOH 12  412 157 HOH HOH A . 
C 3 HOH 13  413 16  HOH HOH A . 
C 3 HOH 14  414 149 HOH HOH A . 
C 3 HOH 15  415 14  HOH HOH A . 
C 3 HOH 16  416 122 HOH HOH A . 
C 3 HOH 17  417 17  HOH HOH A . 
C 3 HOH 18  418 88  HOH HOH A . 
C 3 HOH 19  419 174 HOH HOH A . 
C 3 HOH 20  420 62  HOH HOH A . 
C 3 HOH 21  421 26  HOH HOH A . 
C 3 HOH 22  422 5   HOH HOH A . 
C 3 HOH 23  423 204 HOH HOH A . 
C 3 HOH 24  424 45  HOH HOH A . 
C 3 HOH 25  425 217 HOH HOH A . 
C 3 HOH 26  426 210 HOH HOH A . 
C 3 HOH 27  427 182 HOH HOH A . 
C 3 HOH 28  428 46  HOH HOH A . 
C 3 HOH 29  429 40  HOH HOH A . 
C 3 HOH 30  430 27  HOH HOH A . 
C 3 HOH 31  431 90  HOH HOH A . 
C 3 HOH 32  432 23  HOH HOH A . 
C 3 HOH 33  433 42  HOH HOH A . 
C 3 HOH 34  434 150 HOH HOH A . 
C 3 HOH 35  435 125 HOH HOH A . 
C 3 HOH 36  436 207 HOH HOH A . 
C 3 HOH 37  437 167 HOH HOH A . 
C 3 HOH 38  438 78  HOH HOH A . 
C 3 HOH 39  439 194 HOH HOH A . 
C 3 HOH 40  440 31  HOH HOH A . 
C 3 HOH 41  441 188 HOH HOH A . 
C 3 HOH 42  442 89  HOH HOH A . 
C 3 HOH 43  443 30  HOH HOH A . 
C 3 HOH 44  444 141 HOH HOH A . 
C 3 HOH 45  445 50  HOH HOH A . 
C 3 HOH 46  446 35  HOH HOH A . 
C 3 HOH 47  447 68  HOH HOH A . 
C 3 HOH 48  448 152 HOH HOH A . 
C 3 HOH 49  449 12  HOH HOH A . 
C 3 HOH 50  450 154 HOH HOH A . 
C 3 HOH 51  451 107 HOH HOH A . 
C 3 HOH 52  452 32  HOH HOH A . 
C 3 HOH 53  453 47  HOH HOH A . 
C 3 HOH 54  454 159 HOH HOH A . 
C 3 HOH 55  455 65  HOH HOH A . 
C 3 HOH 56  456 181 HOH HOH A . 
C 3 HOH 57  457 22  HOH HOH A . 
C 3 HOH 58  458 170 HOH HOH A . 
C 3 HOH 59  459 94  HOH HOH A . 
C 3 HOH 60  460 237 HOH HOH A . 
C 3 HOH 61  461 104 HOH HOH A . 
C 3 HOH 62  462 4   HOH HOH A . 
C 3 HOH 63  463 72  HOH HOH A . 
C 3 HOH 64  464 76  HOH HOH A . 
C 3 HOH 65  465 165 HOH HOH A . 
C 3 HOH 66  466 61  HOH HOH A . 
C 3 HOH 67  467 195 HOH HOH A . 
C 3 HOH 68  468 185 HOH HOH A . 
C 3 HOH 69  469 57  HOH HOH A . 
C 3 HOH 70  470 236 HOH HOH A . 
C 3 HOH 71  471 191 HOH HOH A . 
C 3 HOH 72  472 180 HOH HOH A . 
C 3 HOH 73  473 164 HOH HOH A . 
C 3 HOH 74  474 81  HOH HOH A . 
C 3 HOH 75  475 36  HOH HOH A . 
C 3 HOH 76  476 161 HOH HOH A . 
C 3 HOH 77  477 6   HOH HOH A . 
C 3 HOH 78  478 1   HOH HOH A . 
C 3 HOH 79  479 96  HOH HOH A . 
C 3 HOH 80  480 3   HOH HOH A . 
C 3 HOH 81  481 109 HOH HOH A . 
C 3 HOH 82  482 51  HOH HOH A . 
C 3 HOH 83  483 15  HOH HOH A . 
C 3 HOH 84  484 218 HOH HOH A . 
C 3 HOH 85  485 38  HOH HOH A . 
C 3 HOH 86  486 158 HOH HOH A . 
C 3 HOH 87  487 7   HOH HOH A . 
C 3 HOH 88  488 64  HOH HOH A . 
C 3 HOH 89  489 92  HOH HOH A . 
C 3 HOH 90  490 228 HOH HOH A . 
C 3 HOH 91  491 220 HOH HOH A . 
C 3 HOH 92  492 9   HOH HOH A . 
C 3 HOH 93  493 222 HOH HOH A . 
C 3 HOH 94  494 178 HOH HOH A . 
C 3 HOH 95  495 151 HOH HOH A . 
C 3 HOH 96  496 58  HOH HOH A . 
C 3 HOH 97  497 13  HOH HOH A . 
C 3 HOH 98  498 44  HOH HOH A . 
C 3 HOH 99  499 138 HOH HOH A . 
C 3 HOH 100 500 73  HOH HOH A . 
C 3 HOH 101 501 209 HOH HOH A . 
C 3 HOH 102 502 156 HOH HOH A . 
C 3 HOH 103 503 99  HOH HOH A . 
C 3 HOH 104 504 33  HOH HOH A . 
C 3 HOH 105 505 67  HOH HOH A . 
C 3 HOH 106 506 24  HOH HOH A . 
C 3 HOH 107 507 25  HOH HOH A . 
C 3 HOH 108 508 39  HOH HOH A . 
C 3 HOH 109 509 231 HOH HOH A . 
C 3 HOH 110 510 66  HOH HOH A . 
C 3 HOH 111 511 20  HOH HOH A . 
C 3 HOH 112 512 206 HOH HOH A . 
C 3 HOH 113 513 176 HOH HOH A . 
C 3 HOH 114 514 34  HOH HOH A . 
C 3 HOH 115 515 54  HOH HOH A . 
C 3 HOH 116 516 2   HOH HOH A . 
C 3 HOH 117 517 199 HOH HOH A . 
C 3 HOH 118 518 86  HOH HOH A . 
C 3 HOH 119 519 56  HOH HOH A . 
C 3 HOH 120 520 142 HOH HOH A . 
C 3 HOH 121 521 37  HOH HOH A . 
C 3 HOH 122 522 28  HOH HOH A . 
C 3 HOH 123 523 184 HOH HOH A . 
C 3 HOH 124 524 85  HOH HOH A . 
C 3 HOH 125 525 60  HOH HOH A . 
C 3 HOH 126 526 160 HOH HOH A . 
C 3 HOH 127 527 171 HOH HOH A . 
C 3 HOH 128 528 168 HOH HOH A . 
C 3 HOH 129 529 213 HOH HOH A . 
C 3 HOH 130 530 87  HOH HOH A . 
C 3 HOH 131 531 59  HOH HOH A . 
C 3 HOH 132 532 82  HOH HOH A . 
C 3 HOH 133 533 163 HOH HOH A . 
C 3 HOH 134 534 124 HOH HOH A . 
C 3 HOH 135 535 179 HOH HOH A . 
C 3 HOH 136 536 117 HOH HOH A . 
C 3 HOH 137 537 83  HOH HOH A . 
C 3 HOH 138 538 135 HOH HOH A . 
C 3 HOH 139 539 208 HOH HOH A . 
C 3 HOH 140 540 175 HOH HOH A . 
C 3 HOH 141 541 136 HOH HOH A . 
C 3 HOH 142 542 43  HOH HOH A . 
C 3 HOH 143 543 219 HOH HOH A . 
C 3 HOH 144 544 29  HOH HOH A . 
C 3 HOH 145 545 121 HOH HOH A . 
C 3 HOH 146 546 143 HOH HOH A . 
C 3 HOH 147 547 131 HOH HOH A . 
C 3 HOH 148 548 84  HOH HOH A . 
C 3 HOH 149 549 238 HOH HOH A . 
C 3 HOH 150 550 19  HOH HOH A . 
C 3 HOH 151 551 129 HOH HOH A . 
C 3 HOH 152 552 234 HOH HOH A . 
C 3 HOH 153 553 70  HOH HOH A . 
C 3 HOH 154 554 200 HOH HOH A . 
C 3 HOH 155 555 116 HOH HOH A . 
C 3 HOH 156 556 41  HOH HOH A . 
C 3 HOH 157 557 214 HOH HOH A . 
C 3 HOH 158 558 221 HOH HOH A . 
C 3 HOH 159 559 49  HOH HOH A . 
C 3 HOH 160 560 186 HOH HOH A . 
C 3 HOH 161 561 97  HOH HOH A . 
C 3 HOH 162 562 113 HOH HOH A . 
C 3 HOH 163 563 21  HOH HOH A . 
C 3 HOH 164 564 144 HOH HOH A . 
C 3 HOH 165 565 55  HOH HOH A . 
C 3 HOH 166 566 110 HOH HOH A . 
C 3 HOH 167 567 80  HOH HOH A . 
C 3 HOH 168 568 137 HOH HOH A . 
C 3 HOH 169 569 155 HOH HOH A . 
C 3 HOH 170 570 103 HOH HOH A . 
C 3 HOH 171 571 11  HOH HOH A . 
C 3 HOH 172 572 153 HOH HOH A . 
C 3 HOH 173 573 71  HOH HOH A . 
C 3 HOH 174 574 102 HOH HOH A . 
C 3 HOH 175 575 75  HOH HOH A . 
C 3 HOH 176 576 211 HOH HOH A . 
C 3 HOH 177 577 145 HOH HOH A . 
# 
loop_
_software.pdbx_ordinal 
_software.name 
_software.version 
_software.date 
_software.type 
_software.contact_author 
_software.contact_author_email 
_software.classification 
_software.location 
_software.language 
_software.citation_id 
1 REFMAC      5.8.0238 ?               program 'Garib N. Murshudov' garib@ysbl.york.ac.uk    refinement        
http://www.ccp4.ac.uk/dist/html/refmac5.html        Fortran_77 ? 
2 Aimless     0.7.3    15/08/18        program 'Phil Evans'         ?                        'data scaling'    
http://www.mrc-lmb.cam.ac.uk/harry/pre/aimless.html ?          ? 
3 PDB_EXTRACT 3.23     'SEP. 23, 2016' package PDB                  deposit@deposit.rcsb.org 'data extraction' 
http://sw-tools.pdb.org/apps/PDB_EXTRACT/           C++        ? 
4 XDS         .        ?               program ?                    ?                        'data reduction'  ? ?          ? 
5 REFMAC      .        ?               program ?                    ?                        phasing           ? ?          ? 
# 
_cell.entry_id           5QS6 
_cell.length_a           100.094 
_cell.length_b           100.094 
_cell.length_c           98.876 
_cell.angle_alpha        90.000 
_cell.angle_beta         90.000 
_cell.angle_gamma        120.000 
_cell.Z_PDB              18 
_cell.pdbx_unique_axis   ? 
# 
_symmetry.entry_id                         5QS6 
_symmetry.Int_Tables_number                155 
_symmetry.space_group_name_H-M             'H 3 2' 
_symmetry.pdbx_full_space_group_name_H-M   ? 
_symmetry.cell_setting                     ? 
# 
_exptl.crystals_number   1 
_exptl.entry_id          5QS6 
_exptl.method            'X-RAY DIFFRACTION' 
# 
_exptl_crystal.id                    1 
_exptl_crystal.pdbx_mosaicity        0.000 
_exptl_crystal.pdbx_mosaicity_esd    ? 
_exptl_crystal.density_Matthews      2.42 
_exptl_crystal.density_diffrn        ? 
_exptl_crystal.density_meas          ? 
_exptl_crystal.density_meas_temp     ? 
_exptl_crystal.density_percent_sol   49.27 
_exptl_crystal.size_max              ? 
_exptl_crystal.size_mid              ? 
_exptl_crystal.size_min              ? 
_exptl_crystal.size_rad              ? 
_exptl_crystal.description           ? 
_exptl_crystal.preparation           ? 
# 
_exptl_crystal_grow.crystal_id      1 
_exptl_crystal_grow.method          'VAPOR DIFFUSION, SITTING DROP' 
_exptl_crystal_grow.pH              7 
_exptl_crystal_grow.temp            298 
_exptl_crystal_grow.pdbx_details    '0.1 M SPG pH 7.0, 30 % PEG 1000' 
_exptl_crystal_grow.temp_details    ? 
_exptl_crystal_grow.pdbx_pH_range   ? 
# 
_diffrn.id                               1 
_diffrn.ambient_temp                     100 
_diffrn.crystal_id                       1 
_diffrn.ambient_temp_details             ? 
_diffrn.pdbx_serial_crystal_experiment   ? 
# 
_diffrn_detector.detector               PIXEL 
_diffrn_detector.type                   'DECTRIS PILATUS 6M' 
_diffrn_detector.pdbx_collection_date   2018-12-08 
_diffrn_detector.diffrn_id              1 
_diffrn_detector.details                ? 
# 
_diffrn_radiation.diffrn_id                        1 
_diffrn_radiation.wavelength_id                    1 
_diffrn_radiation.pdbx_diffrn_protocol             'SINGLE WAVELENGTH' 
_diffrn_radiation.pdbx_monochromatic_or_laue_m_l   M 
_diffrn_radiation.monochromator                    ? 
_diffrn_radiation.pdbx_scattering_type             x-ray 
# 
_diffrn_radiation_wavelength.id           1 
_diffrn_radiation_wavelength.wavelength   0.91587 
_diffrn_radiation_wavelength.wt           1.0 
# 
_diffrn_source.diffrn_id                   1 
_diffrn_source.source                      SYNCHROTRON 
_diffrn_source.type                        'DIAMOND BEAMLINE I04-1' 
_diffrn_source.pdbx_wavelength_list        0.91587 
_diffrn_source.pdbx_synchrotron_site       Diamond 
_diffrn_source.pdbx_synchrotron_beamline   I04-1 
_diffrn_source.pdbx_wavelength             ? 
# 
_reflns.entry_id                     5QS6 
_reflns.pdbx_diffrn_id               1 
_reflns.pdbx_ordinal                 1 
_reflns.observed_criterion_sigma_I   ? 
_reflns.observed_criterion_sigma_F   ? 
_reflns.d_resolution_low             65.200 
_reflns.d_resolution_high            1.670 
_reflns.number_obs                   22266 
_reflns.number_all                   ? 
_reflns.percent_possible_obs         100.000 
_reflns.pdbx_Rmerge_I_obs            0.080 
_reflns.pdbx_Rsym_value              ? 
_reflns.pdbx_netI_over_sigmaI        12.600 
_reflns.B_iso_Wilson_estimate        ? 
_reflns.pdbx_redundancy              9.300 
_reflns.pdbx_Rrim_I_all              0.085 
_reflns.pdbx_Rpim_I_all              0.027 
_reflns.pdbx_CC_half                 0.999 
_reflns.pdbx_netI_over_av_sigmaI     ? 
_reflns.pdbx_number_measured_all     206412 
_reflns.pdbx_scaling_rejects         323 
_reflns.pdbx_chi_squared             ? 
_reflns.Rmerge_F_all                 ? 
_reflns.Rmerge_F_obs                 ? 
_reflns.observed_criterion_F_max     ? 
_reflns.observed_criterion_F_min     ? 
_reflns.observed_criterion_I_max     ? 
_reflns.observed_criterion_I_min     ? 
_reflns.pdbx_d_res_high_opt          ? 
_reflns.pdbx_d_res_low_opt           ? 
_reflns.details                      ? 
# 
loop_
_reflns_shell.pdbx_diffrn_id 
_reflns_shell.pdbx_ordinal 
_reflns_shell.d_res_high 
_reflns_shell.d_res_low 
_reflns_shell.number_measured_obs 
_reflns_shell.number_measured_all 
_reflns_shell.number_unique_obs 
_reflns_shell.pdbx_rejects 
_reflns_shell.Rmerge_I_obs 
_reflns_shell.meanI_over_sigI_obs 
_reflns_shell.pdbx_Rsym_value 
_reflns_shell.pdbx_chi_squared 
_reflns_shell.pdbx_redundancy 
_reflns_shell.percent_possible_obs 
_reflns_shell.pdbx_netI_over_sigmaI_obs 
_reflns_shell.number_possible 
_reflns_shell.number_unique_all 
_reflns_shell.Rmerge_F_all 
_reflns_shell.Rmerge_F_obs 
_reflns_shell.Rmerge_I_all 
_reflns_shell.meanI_over_sigI_all 
_reflns_shell.percent_possible_all 
_reflns_shell.pdbx_Rrim_I_all 
_reflns_shell.pdbx_Rpim_I_all 
_reflns_shell.pdbx_CC_half 
1 1 1.670 1.710  ? 12885 ? ? 1.719 ? ? ? 7.800 ? 1.100  ? 1649 ? ? ? ? 100.000 1.841 0.653 0.610 
1 2 7.470 65.200 ? 2499  ? ? 0.049 ? ? ? 8.900 ? 37.900 ? 281  ? ? ? ? 99.900  0.052 0.017 0.998 
# 
_refine.entry_id                                 5QS6 
_refine.pdbx_refine_id                           'X-RAY DIFFRACTION' 
_refine.ls_d_res_high                            1.6700 
_refine.ls_d_res_low                             65.1800 
_refine.pdbx_ls_sigma_F                          0.000 
_refine.pdbx_data_cutoff_high_absF               ? 
_refine.pdbx_data_cutoff_low_absF                ? 
_refine.ls_percent_reflns_obs                    99.6500 
_refine.ls_number_reflns_obs                     21151 
_refine.ls_number_reflns_all                     ? 
_refine.pdbx_ls_cross_valid_method               THROUGHOUT 
_refine.ls_matrix_type                           ? 
_refine.pdbx_R_Free_selection_details            RANDOM 
_refine.details                                  
'HYDROGENS HAVE BEEN ADDED IN THE RIDING POSITIONS U VALUES      : REFINED INDIVIDUALLY' 
_refine.ls_R_factor_all                          ? 
_refine.ls_R_factor_obs                          0.2092 
_refine.ls_R_factor_R_work                       0.2074 
_refine.ls_wR_factor_R_work                      ? 
_refine.ls_R_factor_R_free                       0.2426 
_refine.ls_wR_factor_R_free                      ? 
_refine.ls_percent_reflns_R_free                 4.9000 
_refine.ls_number_reflns_R_free                  1084 
_refine.ls_number_reflns_R_work                  ? 
_refine.ls_R_factor_R_free_error                 ? 
_refine.B_iso_mean                               30.2070 
_refine.solvent_model_param_bsol                 ? 
_refine.solvent_model_param_ksol                 ? 
_refine.pdbx_isotropic_thermal_model             ? 
_refine.aniso_B[1][1]                            -1.1000 
_refine.aniso_B[2][2]                            -1.1000 
_refine.aniso_B[3][3]                            3.5700 
_refine.aniso_B[1][2]                            -0.5500 
_refine.aniso_B[1][3]                            0.0000 
_refine.aniso_B[2][3]                            0.0000 
_refine.correlation_coeff_Fo_to_Fc               0.9640 
_refine.correlation_coeff_Fo_to_Fc_free          0.9470 
_refine.overall_SU_R_Cruickshank_DPI             ? 
_refine.pdbx_overall_SU_R_free_Cruickshank_DPI   ? 
_refine.pdbx_overall_SU_R_Blow_DPI               ? 
_refine.pdbx_overall_SU_R_free_Blow_DPI          ? 
_refine.overall_SU_R_free                        ? 
_refine.pdbx_overall_ESU_R                       0.1170 
_refine.pdbx_overall_ESU_R_Free                  0.1140 
_refine.overall_SU_ML                            0.1300 
_refine.overall_SU_B                             4.3460 
_refine.solvent_model_details                    MASK 
_refine.pdbx_solvent_vdw_probe_radii             1.2000 
_refine.pdbx_solvent_ion_probe_radii             0.8000 
_refine.pdbx_solvent_shrinkage_radii             0.8000 
_refine.ls_number_parameters                     ? 
_refine.ls_number_restraints                     ? 
_refine.pdbx_starting_model                      6f58 
_refine.pdbx_method_to_determine_struct          'FOURIER SYNTHESIS' 
_refine.pdbx_stereochemistry_target_values       'MAXIMUM LIKELIHOOD' 
_refine.pdbx_stereochem_target_val_spec_case     ? 
_refine.overall_FOM_work_R_set                   ? 
_refine.B_iso_max                                94.190 
_refine.B_iso_min                                19.430 
_refine.pdbx_overall_phase_error                 ? 
_refine.occupancy_max                            ? 
_refine.occupancy_min                            ? 
_refine.pdbx_diffrn_id                           1 
_refine.pdbx_TLS_residual_ADP_flag               ? 
_refine.pdbx_ls_sigma_I                          ? 
_refine.pdbx_data_cutoff_high_rms_absF           ? 
_refine.ls_R_factor_R_free_error_details         ? 
# 
_refine_hist.cycle_id                         final 
_refine_hist.pdbx_refine_id                   'X-RAY DIFFRACTION' 
_refine_hist.d_res_high                       1.6700 
_refine_hist.d_res_low                        65.1800 
_refine_hist.pdbx_number_atoms_ligand         16 
_refine_hist.number_atoms_solvent             177 
_refine_hist.number_atoms_total               1573 
_refine_hist.pdbx_number_residues_total       171 
_refine_hist.pdbx_B_iso_mean_ligand           40.83 
_refine_hist.pdbx_B_iso_mean_solvent          40.77 
_refine_hist.pdbx_number_atoms_protein        1380 
_refine_hist.pdbx_number_atoms_nucleic_acid   0 
# 
loop_
_refine_ls_restr.pdbx_refine_id 
_refine_ls_restr.type 
_refine_ls_restr.number 
_refine_ls_restr.dev_ideal 
_refine_ls_restr.dev_ideal_target 
_refine_ls_restr.weight 
_refine_ls_restr.pdbx_restraint_function 
'X-RAY DIFFRACTION' r_bond_refined_d       1483 0.009  0.013  ? ? 
'X-RAY DIFFRACTION' r_bond_other_d         1367 0.001  0.017  ? ? 
'X-RAY DIFFRACTION' r_angle_refined_deg    2013 1.525  1.659  ? ? 
'X-RAY DIFFRACTION' r_angle_other_deg      3182 1.288  1.582  ? ? 
'X-RAY DIFFRACTION' r_dihedral_angle_1_deg 179  6.857  5.000  ? ? 
'X-RAY DIFFRACTION' r_dihedral_angle_2_deg 74   27.401 22.432 ? ? 
'X-RAY DIFFRACTION' r_dihedral_angle_3_deg 255  16.273 15.000 ? ? 
'X-RAY DIFFRACTION' r_dihedral_angle_4_deg 8    18.196 15.000 ? ? 
'X-RAY DIFFRACTION' r_chiral_restr         184  0.071  0.200  ? ? 
'X-RAY DIFFRACTION' r_gen_planes_refined   1738 0.007  0.020  ? ? 
'X-RAY DIFFRACTION' r_gen_planes_other     318  0.001  0.020  ? ? 
'X-RAY DIFFRACTION' r_mcbond_it            711  2.479  2.938  ? ? 
'X-RAY DIFFRACTION' r_mcbond_other         712  2.478  2.938  ? ? 
'X-RAY DIFFRACTION' r_mcangle_it           891  3.633  4.393  ? ? 
# 
_refine_ls_shell.d_res_high                       1.6680 
_refine_ls_shell.d_res_low                        1.7120 
_refine_ls_shell.pdbx_total_number_of_bins_used   20 
_refine_ls_shell.percent_reflns_obs               97.1200 
_refine_ls_shell.number_reflns_R_work             1498 
_refine_ls_shell.R_factor_all                     ? 
_refine_ls_shell.R_factor_R_work                  0.3670 
_refine_ls_shell.R_factor_R_free                  0.3370 
_refine_ls_shell.percent_reflns_R_free            ? 
_refine_ls_shell.number_reflns_R_free             88 
_refine_ls_shell.R_factor_R_free_error            ? 
_refine_ls_shell.number_reflns_all                1586 
_refine_ls_shell.number_reflns_obs                ? 
_refine_ls_shell.pdbx_refine_id                   'X-RAY DIFFRACTION' 
# 
_struct.entry_id                  5QS6 
_struct.title                     
'PanDDA analysis group deposition -- Crystal Structure of human Brachyury G177D variant in complex with Z44592329' 
_struct.pdbx_model_details        ? 
_struct.pdbx_CASP_flag            ? 
_struct.pdbx_model_type_details   ? 
# 
_struct_keywords.entry_id        5QS6 
_struct_keywords.text            'SGC - Diamond I04-1 fragment screening, PanDDA, XChemExplorer, TRANSCRIPTION' 
_struct_keywords.pdbx_keywords   TRANSCRIPTION 
# 
loop_
_struct_asym.id 
_struct_asym.pdbx_blank_PDB_chainid_flag 
_struct_asym.pdbx_modified 
_struct_asym.entity_id 
_struct_asym.details 
A N N 1 ? 
B N N 2 ? 
C N N 3 ? 
# 
_struct_ref.id                         1 
_struct_ref.db_name                    UNP 
_struct_ref.db_code                    TBXT_HUMAN 
_struct_ref.pdbx_db_accession          O15178 
_struct_ref.pdbx_db_isoform            ? 
_struct_ref.entity_id                  1 
_struct_ref.pdbx_seq_one_letter_code   
;ELRVGLEESELWLRFKELTNEMIVTKNGRRMFPVLKVNVSGLDPNAMYSFLLDFVAADNHRWKYVNGEWVPGGKPEPQAP
SCVYIHPDSPNFGAHWMKAPVSFSKVKLTNKLNGGGQIMLNSLHKYEPRIHIVRVGGPQRMITSHCFPETQFIAVTAYQN
EEITALKIKYN
;
_struct_ref.pdbx_align_begin           41 
# 
_struct_ref_seq.align_id                      1 
_struct_ref_seq.ref_id                        1 
_struct_ref_seq.pdbx_PDB_id_code              5QS6 
_struct_ref_seq.pdbx_strand_id                A 
_struct_ref_seq.seq_align_beg                 2 
_struct_ref_seq.pdbx_seq_align_beg_ins_code   ? 
_struct_ref_seq.seq_align_end                 172 
_struct_ref_seq.pdbx_seq_align_end_ins_code   ? 
_struct_ref_seq.pdbx_db_accession             O15178 
_struct_ref_seq.db_align_beg                  41 
_struct_ref_seq.pdbx_db_align_beg_ins_code    ? 
_struct_ref_seq.db_align_end                  211 
_struct_ref_seq.pdbx_db_align_end_ins_code    ? 
_struct_ref_seq.pdbx_auth_seq_align_beg       41 
_struct_ref_seq.pdbx_auth_seq_align_end       211 
# 
loop_
_struct_ref_seq_dif.align_id 
_struct_ref_seq_dif.pdbx_pdb_id_code 
_struct_ref_seq_dif.mon_id 
_struct_ref_seq_dif.pdbx_pdb_strand_id 
_struct_ref_seq_dif.seq_num 
_struct_ref_seq_dif.pdbx_pdb_ins_code 
_struct_ref_seq_dif.pdbx_seq_db_name 
_struct_ref_seq_dif.pdbx_seq_db_accession_code 
_struct_ref_seq_dif.db_mon_id 
_struct_ref_seq_dif.pdbx_seq_db_seq_num 
_struct_ref_seq_dif.details 
_struct_ref_seq_dif.pdbx_auth_seq_num 
_struct_ref_seq_dif.pdbx_ordinal 
1 5QS6 GLY A 1   ? UNP O15178 ?   ?   'expression tag'      40  1 
1 5QS6 ASP A 138 ? UNP O15178 GLY 177 'engineered mutation' 177 2 
# 
_pdbx_struct_assembly.id                   1 
_pdbx_struct_assembly.details              author_and_software_defined_assembly 
_pdbx_struct_assembly.method_details       PISA 
_pdbx_struct_assembly.oligomeric_details   monomeric 
_pdbx_struct_assembly.oligomeric_count     1 
# 
_pdbx_struct_assembly_gen.assembly_id       1 
_pdbx_struct_assembly_gen.oper_expression   1 
_pdbx_struct_assembly_gen.asym_id_list      A,B,C 
# 
_pdbx_struct_oper_list.id                   1 
_pdbx_struct_oper_list.type                 'identity operation' 
_pdbx_struct_oper_list.name                 1_555 
_pdbx_struct_oper_list.symmetry_operation   x,y,z 
_pdbx_struct_oper_list.matrix[1][1]         1.0000000000 
_pdbx_struct_oper_list.matrix[1][2]         0.0000000000 
_pdbx_struct_oper_list.matrix[1][3]         0.0000000000 
_pdbx_struct_oper_list.vector[1]            0.0000000000 
_pdbx_struct_oper_list.matrix[2][1]         0.0000000000 
_pdbx_struct_oper_list.matrix[2][2]         1.0000000000 
_pdbx_struct_oper_list.matrix[2][3]         0.0000000000 
_pdbx_struct_oper_list.vector[2]            0.0000000000 
_pdbx_struct_oper_list.matrix[3][1]         0.0000000000 
_pdbx_struct_oper_list.matrix[3][2]         0.0000000000 
_pdbx_struct_oper_list.matrix[3][3]         1.0000000000 
_pdbx_struct_oper_list.vector[3]            0.0000000000 
# 
loop_
_struct_conf.conf_type_id 
_struct_conf.id 
_struct_conf.pdbx_PDB_helix_id 
_struct_conf.beg_label_comp_id 
_struct_conf.beg_label_asym_id 
_struct_conf.beg_label_seq_id 
_struct_conf.pdbx_beg_PDB_ins_code 
_struct_conf.end_label_comp_id 
_struct_conf.end_label_asym_id 
_struct_conf.end_label_seq_id 
_struct_conf.pdbx_end_PDB_ins_code 
_struct_conf.beg_auth_comp_id 
_struct_conf.beg_auth_asym_id 
_struct_conf.beg_auth_seq_id 
_struct_conf.end_auth_comp_id 
_struct_conf.end_auth_asym_id 
_struct_conf.end_auth_seq_id 
_struct_conf.pdbx_PDB_helix_class 
_struct_conf.details 
_struct_conf.pdbx_PDB_helix_length 
HELX_P HELX_P1 AA1 GLU A 9   ? GLU A 18  ? GLU A 48  GLU A 57  1 ? 10 
HELX_P HELX_P2 AA2 GLY A 94  ? LYS A 99  ? GLY A 133 LYS A 138 1 ? 6  
HELX_P HELX_P3 AA3 PRO A 149 ? GLN A 152 ? PRO A 188 GLN A 191 5 ? 4  
HELX_P HELX_P4 AA4 ASN A 161 ? ASN A 172 ? ASN A 200 ASN A 211 1 ? 12 
# 
_struct_conf_type.id          HELX_P 
_struct_conf_type.criteria    ? 
_struct_conf_type.reference   ? 
# 
loop_
_struct_mon_prot_cis.pdbx_id 
_struct_mon_prot_cis.label_comp_id 
_struct_mon_prot_cis.label_seq_id 
_struct_mon_prot_cis.label_asym_id 
_struct_mon_prot_cis.label_alt_id 
_struct_mon_prot_cis.pdbx_PDB_ins_code 
_struct_mon_prot_cis.auth_comp_id 
_struct_mon_prot_cis.auth_seq_id 
_struct_mon_prot_cis.auth_asym_id 
_struct_mon_prot_cis.pdbx_label_comp_id_2 
_struct_mon_prot_cis.pdbx_label_seq_id_2 
_struct_mon_prot_cis.pdbx_label_asym_id_2 
_struct_mon_prot_cis.pdbx_PDB_ins_code_2 
_struct_mon_prot_cis.pdbx_auth_comp_id_2 
_struct_mon_prot_cis.pdbx_auth_seq_id_2 
_struct_mon_prot_cis.pdbx_auth_asym_id_2 
_struct_mon_prot_cis.pdbx_PDB_model_num 
_struct_mon_prot_cis.pdbx_omega_angle 
1 PHE 33 A . ? PHE 72  A PRO 34 A ? PRO 73  A 1 -5.14  
2 SER 90 A . ? SER 129 A PRO 91 A ? PRO 130 A 1 -11.54 
# 
loop_
_struct_sheet.id 
_struct_sheet.type 
_struct_sheet.number_strands 
_struct_sheet.details 
AA1 ? 3 ? 
AA2 ? 5 ? 
AA3 ? 4 ? 
AA4 ? 3 ? 
AA5 ? 2 ? 
# 
loop_
_struct_sheet_order.sheet_id 
_struct_sheet_order.range_id_1 
_struct_sheet_order.range_id_2 
_struct_sheet_order.offset 
_struct_sheet_order.sense 
AA1 1 2 ? anti-parallel 
AA1 2 3 ? anti-parallel 
AA2 1 2 ? parallel      
AA2 2 3 ? anti-parallel 
AA2 3 4 ? anti-parallel 
AA2 4 5 ? anti-parallel 
AA3 1 2 ? anti-parallel 
AA3 2 3 ? anti-parallel 
AA3 3 4 ? anti-parallel 
AA4 1 2 ? anti-parallel 
AA4 2 3 ? parallel      
AA5 1 2 ? anti-parallel 
# 
loop_
_struct_sheet_range.sheet_id 
_struct_sheet_range.id 
_struct_sheet_range.beg_label_comp_id 
_struct_sheet_range.beg_label_asym_id 
_struct_sheet_range.beg_label_seq_id 
_struct_sheet_range.pdbx_beg_PDB_ins_code 
_struct_sheet_range.end_label_comp_id 
_struct_sheet_range.end_label_asym_id 
_struct_sheet_range.end_label_seq_id 
_struct_sheet_range.pdbx_end_PDB_ins_code 
_struct_sheet_range.beg_auth_comp_id 
_struct_sheet_range.beg_auth_asym_id 
_struct_sheet_range.beg_auth_seq_id 
_struct_sheet_range.end_auth_comp_id 
_struct_sheet_range.end_auth_asym_id 
_struct_sheet_range.end_auth_seq_id 
AA1 1 ARG A 4   ? LEU A 7   ? ARG A 43  LEU A 46  
AA1 2 LYS A 37  ? SER A 41  ? LYS A 76  SER A 80  
AA1 3 VAL A 102 ? SER A 103 ? VAL A 141 SER A 142 
AA2 1 GLU A 22  ? ILE A 24  ? GLU A 61  ILE A 63  
AA2 2 PHE A 153 ? VAL A 156 ? PHE A 192 VAL A 195 
AA2 3 LYS A 126 ? ARG A 135 ? LYS A 165 ARG A 174 
AA2 4 MET A 48  ? ALA A 57  ? MET A 87  ALA A 96  
AA2 5 ASN A 92  ? PHE A 93  ? ASN A 131 PHE A 132 
AA3 1 TYR A 85  ? ILE A 86  ? TYR A 124 ILE A 125 
AA3 2 MET A 48  ? ALA A 57  ? MET A 87  ALA A 96  
AA3 3 LYS A 126 ? ARG A 135 ? LYS A 165 ARG A 174 
AA3 4 ILE A 143 ? CYS A 147 ? ILE A 182 CYS A 186 
AA4 1 ARG A 30  ? ARG A 31  ? ARG A 69  ARG A 70  
AA4 2 LYS A 108 ? THR A 110 ? LYS A 147 THR A 149 
AA4 3 ILE A 119 ? MET A 120 ? ILE A 158 MET A 159 
AA5 1 ARG A 62  ? VAL A 66  ? ARG A 101 VAL A 105 
AA5 2 GLU A 69  ? GLY A 74  ? GLU A 108 GLY A 113 
# 
loop_
_pdbx_struct_sheet_hbond.sheet_id 
_pdbx_struct_sheet_hbond.range_id_1 
_pdbx_struct_sheet_hbond.range_id_2 
_pdbx_struct_sheet_hbond.range_1_label_atom_id 
_pdbx_struct_sheet_hbond.range_1_label_comp_id 
_pdbx_struct_sheet_hbond.range_1_label_asym_id 
_pdbx_struct_sheet_hbond.range_1_label_seq_id 
_pdbx_struct_sheet_hbond.range_1_PDB_ins_code 
_pdbx_struct_sheet_hbond.range_1_auth_atom_id 
_pdbx_struct_sheet_hbond.range_1_auth_comp_id 
_pdbx_struct_sheet_hbond.range_1_auth_asym_id 
_pdbx_struct_sheet_hbond.range_1_auth_seq_id 
_pdbx_struct_sheet_hbond.range_2_label_atom_id 
_pdbx_struct_sheet_hbond.range_2_label_comp_id 
_pdbx_struct_sheet_hbond.range_2_label_asym_id 
_pdbx_struct_sheet_hbond.range_2_label_seq_id 
_pdbx_struct_sheet_hbond.range_2_PDB_ins_code 
_pdbx_struct_sheet_hbond.range_2_auth_atom_id 
_pdbx_struct_sheet_hbond.range_2_auth_comp_id 
_pdbx_struct_sheet_hbond.range_2_auth_asym_id 
_pdbx_struct_sheet_hbond.range_2_auth_seq_id 
AA1 1 2 N ARG A 4   ? N ARG A 43  O SER A 41  ? O SER A 80  
AA1 2 3 N VAL A 38  ? N VAL A 77  O VAL A 102 ? O VAL A 141 
AA2 1 2 N MET A 23  ? N MET A 62  O VAL A 156 ? O VAL A 195 
AA2 2 3 O PHE A 153 ? O PHE A 192 N TYR A 127 ? N TYR A 166 
AA2 3 4 O ARG A 130 ? O ARG A 169 N ASP A 54  ? N ASP A 93  
AA2 4 5 N TYR A 49  ? N TYR A 88  O ASN A 92  ? O ASN A 131 
AA3 1 2 O TYR A 85  ? O TYR A 124 N LEU A 53  ? N LEU A 92  
AA3 2 3 N ASP A 54  ? N ASP A 93  O ARG A 130 ? O ARG A 169 
AA3 3 4 N ILE A 131 ? N ILE A 170 O HIS A 146 ? O HIS A 185 
AA4 1 2 N ARG A 30  ? N ARG A 69  O LEU A 109 ? O LEU A 148 
AA4 2 3 N THR A 110 ? N THR A 149 O ILE A 119 ? O ILE A 158 
AA5 1 2 N VAL A 66  ? N VAL A 105 O GLU A 69  ? O GLU A 108 
# 
_struct_site.id                   AC1 
_struct_site.pdbx_evidence_code   Software 
_struct_site.pdbx_auth_asym_id    A 
_struct_site.pdbx_auth_comp_id    K0G 
_struct_site.pdbx_auth_seq_id     301 
_struct_site.pdbx_auth_ins_code   ? 
_struct_site.pdbx_num_residues    5 
_struct_site.details              'binding site for residue K0G A 301' 
# 
loop_
_struct_site_gen.id 
_struct_site_gen.site_id 
_struct_site_gen.pdbx_num_res 
_struct_site_gen.label_comp_id 
_struct_site_gen.label_asym_id 
_struct_site_gen.label_seq_id 
_struct_site_gen.pdbx_auth_ins_code 
_struct_site_gen.auth_comp_id 
_struct_site_gen.auth_asym_id 
_struct_site_gen.auth_seq_id 
_struct_site_gen.label_atom_id 
_struct_site_gen.label_alt_id 
_struct_site_gen.symmetry 
_struct_site_gen.details 
1 AC1 5 LEU A 12  ? LEU A 51  . ? 1_555 ? 
2 AC1 5 ARG A 15  ? ARG A 54  . ? 1_555 ? 
3 AC1 5 ARG A 15  ? ARG A 54  . ? 4_555 ? 
4 AC1 5 TYR A 171 ? TYR A 210 . ? 4_555 ? 
5 AC1 5 TYR A 171 ? TYR A 210 . ? 1_555 ? 
# 
loop_
_pdbx_validate_torsion.id 
_pdbx_validate_torsion.PDB_model_num 
_pdbx_validate_torsion.auth_comp_id 
_pdbx_validate_torsion.auth_asym_id 
_pdbx_validate_torsion.auth_seq_id 
_pdbx_validate_torsion.PDB_ins_code 
_pdbx_validate_torsion.label_alt_id 
_pdbx_validate_torsion.phi 
_pdbx_validate_torsion.psi 
1 1 THR A 59  ? ? 73.97   110.68 
2 1 ASN A 99  ? ? -95.25  31.11  
3 1 PHE A 143 ? ? -100.26 49.76  
4 1 PHE A 143 ? ? -94.80  49.76  
5 1 ASN A 153 ? ? -96.87  36.03  
# 
loop_
_pdbx_struct_special_symmetry.id 
_pdbx_struct_special_symmetry.PDB_model_num 
_pdbx_struct_special_symmetry.auth_asym_id 
_pdbx_struct_special_symmetry.auth_comp_id 
_pdbx_struct_special_symmetry.auth_seq_id 
_pdbx_struct_special_symmetry.PDB_ins_code 
_pdbx_struct_special_symmetry.label_asym_id 
_pdbx_struct_special_symmetry.label_comp_id 
_pdbx_struct_special_symmetry.label_seq_id 
1 1 A K0G 301 ? B K0G . 
2 1 A K0G 301 ? B K0G . 
3 1 A HOH 443 ? C HOH . 
4 1 A HOH 463 ? C HOH . 
# 
_phasing.method   MR 
# 
_pdbx_entry_details.entry_id                 5QS6 
_pdbx_entry_details.has_ligand_of_interest   Y 
_pdbx_entry_details.compound_details         ? 
_pdbx_entry_details.source_details           ? 
_pdbx_entry_details.nonpolymer_details       ? 
_pdbx_entry_details.sequence_details         ? 
# 
loop_
_pdbx_distant_solvent_atoms.id 
_pdbx_distant_solvent_atoms.PDB_model_num 
_pdbx_distant_solvent_atoms.auth_atom_id 
_pdbx_distant_solvent_atoms.label_alt_id 
_pdbx_distant_solvent_atoms.auth_asym_id 
_pdbx_distant_solvent_atoms.auth_comp_id 
_pdbx_distant_solvent_atoms.auth_seq_id 
_pdbx_distant_solvent_atoms.PDB_ins_code 
_pdbx_distant_solvent_atoms.neighbor_macromolecule_distance 
_pdbx_distant_solvent_atoms.neighbor_ligand_distance 
1 1 O ? A HOH 576 ? 5.90 . 
2 1 O ? A HOH 577 ? 6.70 . 
# 
_pdbx_unobs_or_zero_occ_residues.id               1 
_pdbx_unobs_or_zero_occ_residues.PDB_model_num    1 
_pdbx_unobs_or_zero_occ_residues.polymer_flag     Y 
_pdbx_unobs_or_zero_occ_residues.occupancy_flag   1 
_pdbx_unobs_or_zero_occ_residues.auth_asym_id     A 
_pdbx_unobs_or_zero_occ_residues.auth_comp_id     GLY 
_pdbx_unobs_or_zero_occ_residues.auth_seq_id      40 
_pdbx_unobs_or_zero_occ_residues.PDB_ins_code     ? 
_pdbx_unobs_or_zero_occ_residues.label_asym_id    A 
_pdbx_unobs_or_zero_occ_residues.label_comp_id    GLY 
_pdbx_unobs_or_zero_occ_residues.label_seq_id     1 
# 
loop_
_chem_comp_atom.comp_id 
_chem_comp_atom.atom_id 
_chem_comp_atom.type_symbol 
_chem_comp_atom.pdbx_aromatic_flag 
_chem_comp_atom.pdbx_stereo_config 
_chem_comp_atom.pdbx_ordinal 
ALA N    N N N 1   
ALA CA   C N S 2   
ALA C    C N N 3   
ALA O    O N N 4   
ALA CB   C N N 5   
ALA OXT  O N N 6   
ALA H    H N N 7   
ALA H2   H N N 8   
ALA HA   H N N 9   
ALA HB1  H N N 10  
ALA HB2  H N N 11  
ALA HB3  H N N 12  
ALA HXT  H N N 13  
ARG N    N N N 14  
ARG CA   C N S 15  
ARG C    C N N 16  
ARG O    O N N 17  
ARG CB   C N N 18  
ARG CG   C N N 19  
ARG CD   C N N 20  
ARG NE   N N N 21  
ARG CZ   C N N 22  
ARG NH1  N N N 23  
ARG NH2  N N N 24  
ARG OXT  O N N 25  
ARG H    H N N 26  
ARG H2   H N N 27  
ARG HA   H N N 28  
ARG HB2  H N N 29  
ARG HB3  H N N 30  
ARG HG2  H N N 31  
ARG HG3  H N N 32  
ARG HD2  H N N 33  
ARG HD3  H N N 34  
ARG HE   H N N 35  
ARG HH11 H N N 36  
ARG HH12 H N N 37  
ARG HH21 H N N 38  
ARG HH22 H N N 39  
ARG HXT  H N N 40  
ASN N    N N N 41  
ASN CA   C N S 42  
ASN C    C N N 43  
ASN O    O N N 44  
ASN CB   C N N 45  
ASN CG   C N N 46  
ASN OD1  O N N 47  
ASN ND2  N N N 48  
ASN OXT  O N N 49  
ASN H    H N N 50  
ASN H2   H N N 51  
ASN HA   H N N 52  
ASN HB2  H N N 53  
ASN HB3  H N N 54  
ASN HD21 H N N 55  
ASN HD22 H N N 56  
ASN HXT  H N N 57  
ASP N    N N N 58  
ASP CA   C N S 59  
ASP C    C N N 60  
ASP O    O N N 61  
ASP CB   C N N 62  
ASP CG   C N N 63  
ASP OD1  O N N 64  
ASP OD2  O N N 65  
ASP OXT  O N N 66  
ASP H    H N N 67  
ASP H2   H N N 68  
ASP HA   H N N 69  
ASP HB2  H N N 70  
ASP HB3  H N N 71  
ASP HD2  H N N 72  
ASP HXT  H N N 73  
CYS N    N N N 74  
CYS CA   C N R 75  
CYS C    C N N 76  
CYS O    O N N 77  
CYS CB   C N N 78  
CYS SG   S N N 79  
CYS OXT  O N N 80  
CYS H    H N N 81  
CYS H2   H N N 82  
CYS HA   H N N 83  
CYS HB2  H N N 84  
CYS HB3  H N N 85  
CYS HG   H N N 86  
CYS HXT  H N N 87  
GLN N    N N N 88  
GLN CA   C N S 89  
GLN C    C N N 90  
GLN O    O N N 91  
GLN CB   C N N 92  
GLN CG   C N N 93  
GLN CD   C N N 94  
GLN OE1  O N N 95  
GLN NE2  N N N 96  
GLN OXT  O N N 97  
GLN H    H N N 98  
GLN H2   H N N 99  
GLN HA   H N N 100 
GLN HB2  H N N 101 
GLN HB3  H N N 102 
GLN HG2  H N N 103 
GLN HG3  H N N 104 
GLN HE21 H N N 105 
GLN HE22 H N N 106 
GLN HXT  H N N 107 
GLU N    N N N 108 
GLU CA   C N S 109 
GLU C    C N N 110 
GLU O    O N N 111 
GLU CB   C N N 112 
GLU CG   C N N 113 
GLU CD   C N N 114 
GLU OE1  O N N 115 
GLU OE2  O N N 116 
GLU OXT  O N N 117 
GLU H    H N N 118 
GLU H2   H N N 119 
GLU HA   H N N 120 
GLU HB2  H N N 121 
GLU HB3  H N N 122 
GLU HG2  H N N 123 
GLU HG3  H N N 124 
GLU HE2  H N N 125 
GLU HXT  H N N 126 
GLY N    N N N 127 
GLY CA   C N N 128 
GLY C    C N N 129 
GLY O    O N N 130 
GLY OXT  O N N 131 
GLY H    H N N 132 
GLY H2   H N N 133 
GLY HA2  H N N 134 
GLY HA3  H N N 135 
GLY HXT  H N N 136 
HIS N    N N N 137 
HIS CA   C N S 138 
HIS C    C N N 139 
HIS O    O N N 140 
HIS CB   C N N 141 
HIS CG   C Y N 142 
HIS ND1  N Y N 143 
HIS CD2  C Y N 144 
HIS CE1  C Y N 145 
HIS NE2  N Y N 146 
HIS OXT  O N N 147 
HIS H    H N N 148 
HIS H2   H N N 149 
HIS HA   H N N 150 
HIS HB2  H N N 151 
HIS HB3  H N N 152 
HIS HD1  H N N 153 
HIS HD2  H N N 154 
HIS HE1  H N N 155 
HIS HE2  H N N 156 
HIS HXT  H N N 157 
HOH O    O N N 158 
HOH H1   H N N 159 
HOH H2   H N N 160 
ILE N    N N N 161 
ILE CA   C N S 162 
ILE C    C N N 163 
ILE O    O N N 164 
ILE CB   C N S 165 
ILE CG1  C N N 166 
ILE CG2  C N N 167 
ILE CD1  C N N 168 
ILE OXT  O N N 169 
ILE H    H N N 170 
ILE H2   H N N 171 
ILE HA   H N N 172 
ILE HB   H N N 173 
ILE HG12 H N N 174 
ILE HG13 H N N 175 
ILE HG21 H N N 176 
ILE HG22 H N N 177 
ILE HG23 H N N 178 
ILE HD11 H N N 179 
ILE HD12 H N N 180 
ILE HD13 H N N 181 
ILE HXT  H N N 182 
K0G N1   N N N 183 
K0G C4   C Y N 184 
K0G C5   C Y N 185 
K0G C6   C Y N 186 
K0G C7   C Y N 187 
K0G C8   C Y N 188 
K0G C10  C Y N 189 
K0G N    N N N 190 
K0G C    C N N 191 
K0G O    O N N 192 
K0G C1   C Y N 193 
K0G C11  C Y N 194 
K0G C2   C Y N 195 
K0G C3   C Y N 196 
K0G C9   C Y N 197 
K0G N2   N Y N 198 
K0G H1   H N N 199 
K0G H2   H N N 200 
K0G H3   H N N 201 
K0G H4   H N N 202 
K0G H5   H N N 203 
K0G H6   H N N 204 
K0G H7   H N N 205 
K0G H8   H N N 206 
K0G H9   H N N 207 
K0G H10  H N N 208 
K0G H11  H N N 209 
LEU N    N N N 210 
LEU CA   C N S 211 
LEU C    C N N 212 
LEU O    O N N 213 
LEU CB   C N N 214 
LEU CG   C N N 215 
LEU CD1  C N N 216 
LEU CD2  C N N 217 
LEU OXT  O N N 218 
LEU H    H N N 219 
LEU H2   H N N 220 
LEU HA   H N N 221 
LEU HB2  H N N 222 
LEU HB3  H N N 223 
LEU HG   H N N 224 
LEU HD11 H N N 225 
LEU HD12 H N N 226 
LEU HD13 H N N 227 
LEU HD21 H N N 228 
LEU HD22 H N N 229 
LEU HD23 H N N 230 
LEU HXT  H N N 231 
LYS N    N N N 232 
LYS CA   C N S 233 
LYS C    C N N 234 
LYS O    O N N 235 
LYS CB   C N N 236 
LYS CG   C N N 237 
LYS CD   C N N 238 
LYS CE   C N N 239 
LYS NZ   N N N 240 
LYS OXT  O N N 241 
LYS H    H N N 242 
LYS H2   H N N 243 
LYS HA   H N N 244 
LYS HB2  H N N 245 
LYS HB3  H N N 246 
LYS HG2  H N N 247 
LYS HG3  H N N 248 
LYS HD2  H N N 249 
LYS HD3  H N N 250 
LYS HE2  H N N 251 
LYS HE3  H N N 252 
LYS HZ1  H N N 253 
LYS HZ2  H N N 254 
LYS HZ3  H N N 255 
LYS HXT  H N N 256 
MET N    N N N 257 
MET CA   C N S 258 
MET C    C N N 259 
MET O    O N N 260 
MET CB   C N N 261 
MET CG   C N N 262 
MET SD   S N N 263 
MET CE   C N N 264 
MET OXT  O N N 265 
MET H    H N N 266 
MET H2   H N N 267 
MET HA   H N N 268 
MET HB2  H N N 269 
MET HB3  H N N 270 
MET HG2  H N N 271 
MET HG3  H N N 272 
MET HE1  H N N 273 
MET HE2  H N N 274 
MET HE3  H N N 275 
MET HXT  H N N 276 
PHE N    N N N 277 
PHE CA   C N S 278 
PHE C    C N N 279 
PHE O    O N N 280 
PHE CB   C N N 281 
PHE CG   C Y N 282 
PHE CD1  C Y N 283 
PHE CD2  C Y N 284 
PHE CE1  C Y N 285 
PHE CE2  C Y N 286 
PHE CZ   C Y N 287 
PHE OXT  O N N 288 
PHE H    H N N 289 
PHE H2   H N N 290 
PHE HA   H N N 291 
PHE HB2  H N N 292 
PHE HB3  H N N 293 
PHE HD1  H N N 294 
PHE HD2  H N N 295 
PHE HE1  H N N 296 
PHE HE2  H N N 297 
PHE HZ   H N N 298 
PHE HXT  H N N 299 
PRO N    N N N 300 
PRO CA   C N S 301 
PRO C    C N N 302 
PRO O    O N N 303 
PRO CB   C N N 304 
PRO CG   C N N 305 
PRO CD   C N N 306 
PRO OXT  O N N 307 
PRO H    H N N 308 
PRO HA   H N N 309 
PRO HB2  H N N 310 
PRO HB3  H N N 311 
PRO HG2  H N N 312 
PRO HG3  H N N 313 
PRO HD2  H N N 314 
PRO HD3  H N N 315 
PRO HXT  H N N 316 
SER N    N N N 317 
SER CA   C N S 318 
SER C    C N N 319 
SER O    O N N 320 
SER CB   C N N 321 
SER OG   O N N 322 
SER OXT  O N N 323 
SER H    H N N 324 
SER H2   H N N 325 
SER HA   H N N 326 
SER HB2  H N N 327 
SER HB3  H N N 328 
SER HG   H N N 329 
SER HXT  H N N 330 
THR N    N N N 331 
THR CA   C N S 332 
THR C    C N N 333 
THR O    O N N 334 
THR CB   C N R 335 
THR OG1  O N N 336 
THR CG2  C N N 337 
THR OXT  O N N 338 
THR H    H N N 339 
THR H2   H N N 340 
THR HA   H N N 341 
THR HB   H N N 342 
THR HG1  H N N 343 
THR HG21 H N N 344 
THR HG22 H N N 345 
THR HG23 H N N 346 
THR HXT  H N N 347 
TRP N    N N N 348 
TRP CA   C N S 349 
TRP C    C N N 350 
TRP O    O N N 351 
TRP CB   C N N 352 
TRP CG   C Y N 353 
TRP CD1  C Y N 354 
TRP CD2  C Y N 355 
TRP NE1  N Y N 356 
TRP CE2  C Y N 357 
TRP CE3  C Y N 358 
TRP CZ2  C Y N 359 
TRP CZ3  C Y N 360 
TRP CH2  C Y N 361 
TRP OXT  O N N 362 
TRP H    H N N 363 
TRP H2   H N N 364 
TRP HA   H N N 365 
TRP HB2  H N N 366 
TRP HB3  H N N 367 
TRP HD1  H N N 368 
TRP HE1  H N N 369 
TRP HE3  H N N 370 
TRP HZ2  H N N 371 
TRP HZ3  H N N 372 
TRP HH2  H N N 373 
TRP HXT  H N N 374 
TYR N    N N N 375 
TYR CA   C N S 376 
TYR C    C N N 377 
TYR O    O N N 378 
TYR CB   C N N 379 
TYR CG   C Y N 380 
TYR CD1  C Y N 381 
TYR CD2  C Y N 382 
TYR CE1  C Y N 383 
TYR CE2  C Y N 384 
TYR CZ   C Y N 385 
TYR OH   O N N 386 
TYR OXT  O N N 387 
TYR H    H N N 388 
TYR H2   H N N 389 
TYR HA   H N N 390 
TYR HB2  H N N 391 
TYR HB3  H N N 392 
TYR HD1  H N N 393 
TYR HD2  H N N 394 
TYR HE1  H N N 395 
TYR HE2  H N N 396 
TYR HH   H N N 397 
TYR HXT  H N N 398 
VAL N    N N N 399 
VAL CA   C N S 400 
VAL C    C N N 401 
VAL O    O N N 402 
VAL CB   C N N 403 
VAL CG1  C N N 404 
VAL CG2  C N N 405 
VAL OXT  O N N 406 
VAL H    H N N 407 
VAL H2   H N N 408 
VAL HA   H N N 409 
VAL HB   H N N 410 
VAL HG11 H N N 411 
VAL HG12 H N N 412 
VAL HG13 H N N 413 
VAL HG21 H N N 414 
VAL HG22 H N N 415 
VAL HG23 H N N 416 
VAL HXT  H N N 417 
# 
loop_
_chem_comp_bond.comp_id 
_chem_comp_bond.atom_id_1 
_chem_comp_bond.atom_id_2 
_chem_comp_bond.value_order 
_chem_comp_bond.pdbx_aromatic_flag 
_chem_comp_bond.pdbx_stereo_config 
_chem_comp_bond.pdbx_ordinal 
ALA N   CA   sing N N 1   
ALA N   H    sing N N 2   
ALA N   H2   sing N N 3   
ALA CA  C    sing N N 4   
ALA CA  CB   sing N N 5   
ALA CA  HA   sing N N 6   
ALA C   O    doub N N 7   
ALA C   OXT  sing N N 8   
ALA CB  HB1  sing N N 9   
ALA CB  HB2  sing N N 10  
ALA CB  HB3  sing N N 11  
ALA OXT HXT  sing N N 12  
ARG N   CA   sing N N 13  
ARG N   H    sing N N 14  
ARG N   H2   sing N N 15  
ARG CA  C    sing N N 16  
ARG CA  CB   sing N N 17  
ARG CA  HA   sing N N 18  
ARG C   O    doub N N 19  
ARG C   OXT  sing N N 20  
ARG CB  CG   sing N N 21  
ARG CB  HB2  sing N N 22  
ARG CB  HB3  sing N N 23  
ARG CG  CD   sing N N 24  
ARG CG  HG2  sing N N 25  
ARG CG  HG3  sing N N 26  
ARG CD  NE   sing N N 27  
ARG CD  HD2  sing N N 28  
ARG CD  HD3  sing N N 29  
ARG NE  CZ   sing N N 30  
ARG NE  HE   sing N N 31  
ARG CZ  NH1  sing N N 32  
ARG CZ  NH2  doub N N 33  
ARG NH1 HH11 sing N N 34  
ARG NH1 HH12 sing N N 35  
ARG NH2 HH21 sing N N 36  
ARG NH2 HH22 sing N N 37  
ARG OXT HXT  sing N N 38  
ASN N   CA   sing N N 39  
ASN N   H    sing N N 40  
ASN N   H2   sing N N 41  
ASN CA  C    sing N N 42  
ASN CA  CB   sing N N 43  
ASN CA  HA   sing N N 44  
ASN C   O    doub N N 45  
ASN C   OXT  sing N N 46  
ASN CB  CG   sing N N 47  
ASN CB  HB2  sing N N 48  
ASN CB  HB3  sing N N 49  
ASN CG  OD1  doub N N 50  
ASN CG  ND2  sing N N 51  
ASN ND2 HD21 sing N N 52  
ASN ND2 HD22 sing N N 53  
ASN OXT HXT  sing N N 54  
ASP N   CA   sing N N 55  
ASP N   H    sing N N 56  
ASP N   H2   sing N N 57  
ASP CA  C    sing N N 58  
ASP CA  CB   sing N N 59  
ASP CA  HA   sing N N 60  
ASP C   O    doub N N 61  
ASP C   OXT  sing N N 62  
ASP CB  CG   sing N N 63  
ASP CB  HB2  sing N N 64  
ASP CB  HB3  sing N N 65  
ASP CG  OD1  doub N N 66  
ASP CG  OD2  sing N N 67  
ASP OD2 HD2  sing N N 68  
ASP OXT HXT  sing N N 69  
CYS N   CA   sing N N 70  
CYS N   H    sing N N 71  
CYS N   H2   sing N N 72  
CYS CA  C    sing N N 73  
CYS CA  CB   sing N N 74  
CYS CA  HA   sing N N 75  
CYS C   O    doub N N 76  
CYS C   OXT  sing N N 77  
CYS CB  SG   sing N N 78  
CYS CB  HB2  sing N N 79  
CYS CB  HB3  sing N N 80  
CYS SG  HG   sing N N 81  
CYS OXT HXT  sing N N 82  
GLN N   CA   sing N N 83  
GLN N   H    sing N N 84  
GLN N   H2   sing N N 85  
GLN CA  C    sing N N 86  
GLN CA  CB   sing N N 87  
GLN CA  HA   sing N N 88  
GLN C   O    doub N N 89  
GLN C   OXT  sing N N 90  
GLN CB  CG   sing N N 91  
GLN CB  HB2  sing N N 92  
GLN CB  HB3  sing N N 93  
GLN CG  CD   sing N N 94  
GLN CG  HG2  sing N N 95  
GLN CG  HG3  sing N N 96  
GLN CD  OE1  doub N N 97  
GLN CD  NE2  sing N N 98  
GLN NE2 HE21 sing N N 99  
GLN NE2 HE22 sing N N 100 
GLN OXT HXT  sing N N 101 
GLU N   CA   sing N N 102 
GLU N   H    sing N N 103 
GLU N   H2   sing N N 104 
GLU CA  C    sing N N 105 
GLU CA  CB   sing N N 106 
GLU CA  HA   sing N N 107 
GLU C   O    doub N N 108 
GLU C   OXT  sing N N 109 
GLU CB  CG   sing N N 110 
GLU CB  HB2  sing N N 111 
GLU CB  HB3  sing N N 112 
GLU CG  CD   sing N N 113 
GLU CG  HG2  sing N N 114 
GLU CG  HG3  sing N N 115 
GLU CD  OE1  doub N N 116 
GLU CD  OE2  sing N N 117 
GLU OE2 HE2  sing N N 118 
GLU OXT HXT  sing N N 119 
GLY N   CA   sing N N 120 
GLY N   H    sing N N 121 
GLY N   H2   sing N N 122 
GLY CA  C    sing N N 123 
GLY CA  HA2  sing N N 124 
GLY CA  HA3  sing N N 125 
GLY C   O    doub N N 126 
GLY C   OXT  sing N N 127 
GLY OXT HXT  sing N N 128 
HIS N   CA   sing N N 129 
HIS N   H    sing N N 130 
HIS N   H2   sing N N 131 
HIS CA  C    sing N N 132 
HIS CA  CB   sing N N 133 
HIS CA  HA   sing N N 134 
HIS C   O    doub N N 135 
HIS C   OXT  sing N N 136 
HIS CB  CG   sing N N 137 
HIS CB  HB2  sing N N 138 
HIS CB  HB3  sing N N 139 
HIS CG  ND1  sing Y N 140 
HIS CG  CD2  doub Y N 141 
HIS ND1 CE1  doub Y N 142 
HIS ND1 HD1  sing N N 143 
HIS CD2 NE2  sing Y N 144 
HIS CD2 HD2  sing N N 145 
HIS CE1 NE2  sing Y N 146 
HIS CE1 HE1  sing N N 147 
HIS NE2 HE2  sing N N 148 
HIS OXT HXT  sing N N 149 
HOH O   H1   sing N N 150 
HOH O   H2   sing N N 151 
ILE N   CA   sing N N 152 
ILE N   H    sing N N 153 
ILE N   H2   sing N N 154 
ILE CA  C    sing N N 155 
ILE CA  CB   sing N N 156 
ILE CA  HA   sing N N 157 
ILE C   O    doub N N 158 
ILE C   OXT  sing N N 159 
ILE CB  CG1  sing N N 160 
ILE CB  CG2  sing N N 161 
ILE CB  HB   sing N N 162 
ILE CG1 CD1  sing N N 163 
ILE CG1 HG12 sing N N 164 
ILE CG1 HG13 sing N N 165 
ILE CG2 HG21 sing N N 166 
ILE CG2 HG22 sing N N 167 
ILE CG2 HG23 sing N N 168 
ILE CD1 HD11 sing N N 169 
ILE CD1 HD12 sing N N 170 
ILE CD1 HD13 sing N N 171 
ILE OXT HXT  sing N N 172 
K0G C4  C3   doub Y N 173 
K0G C4  C5   sing Y N 174 
K0G C3  C2   sing Y N 175 
K0G C5  C6   doub Y N 176 
K0G C2  C1   doub Y N 177 
K0G C6  C1   sing Y N 178 
K0G C1  N    sing N N 179 
K0G N   C    sing N N 180 
K0G C   O    doub N N 181 
K0G C   N1   sing N N 182 
K0G N1  C7   sing N N 183 
K0G C7  C8   doub Y N 184 
K0G C7  C11  sing Y N 185 
K0G C8  C9   sing Y N 186 
K0G C11 N2   doub Y N 187 
K0G C9  C10  doub Y N 188 
K0G N2  C10  sing Y N 189 
K0G N1  H1   sing N N 190 
K0G C4  H2   sing N N 191 
K0G C5  H3   sing N N 192 
K0G C6  H4   sing N N 193 
K0G C8  H5   sing N N 194 
K0G C10 H6   sing N N 195 
K0G N   H7   sing N N 196 
K0G C11 H8   sing N N 197 
K0G C2  H9   sing N N 198 
K0G C3  H10  sing N N 199 
K0G C9  H11  sing N N 200 
LEU N   CA   sing N N 201 
LEU N   H    sing N N 202 
LEU N   H2   sing N N 203 
LEU CA  C    sing N N 204 
LEU CA  CB   sing N N 205 
LEU CA  HA   sing N N 206 
LEU C   O    doub N N 207 
LEU C   OXT  sing N N 208 
LEU CB  CG   sing N N 209 
LEU CB  HB2  sing N N 210 
LEU CB  HB3  sing N N 211 
LEU CG  CD1  sing N N 212 
LEU CG  CD2  sing N N 213 
LEU CG  HG   sing N N 214 
LEU CD1 HD11 sing N N 215 
LEU CD1 HD12 sing N N 216 
LEU CD1 HD13 sing N N 217 
LEU CD2 HD21 sing N N 218 
LEU CD2 HD22 sing N N 219 
LEU CD2 HD23 sing N N 220 
LEU OXT HXT  sing N N 221 
LYS N   CA   sing N N 222 
LYS N   H    sing N N 223 
LYS N   H2   sing N N 224 
LYS CA  C    sing N N 225 
LYS CA  CB   sing N N 226 
LYS CA  HA   sing N N 227 
LYS C   O    doub N N 228 
LYS C   OXT  sing N N 229 
LYS CB  CG   sing N N 230 
LYS CB  HB2  sing N N 231 
LYS CB  HB3  sing N N 232 
LYS CG  CD   sing N N 233 
LYS CG  HG2  sing N N 234 
LYS CG  HG3  sing N N 235 
LYS CD  CE   sing N N 236 
LYS CD  HD2  sing N N 237 
LYS CD  HD3  sing N N 238 
LYS CE  NZ   sing N N 239 
LYS CE  HE2  sing N N 240 
LYS CE  HE3  sing N N 241 
LYS NZ  HZ1  sing N N 242 
LYS NZ  HZ2  sing N N 243 
LYS NZ  HZ3  sing N N 244 
LYS OXT HXT  sing N N 245 
MET N   CA   sing N N 246 
MET N   H    sing N N 247 
MET N   H2   sing N N 248 
MET CA  C    sing N N 249 
MET CA  CB   sing N N 250 
MET CA  HA   sing N N 251 
MET C   O    doub N N 252 
MET C   OXT  sing N N 253 
MET CB  CG   sing N N 254 
MET CB  HB2  sing N N 255 
MET CB  HB3  sing N N 256 
MET CG  SD   sing N N 257 
MET CG  HG2  sing N N 258 
MET CG  HG3  sing N N 259 
MET SD  CE   sing N N 260 
MET CE  HE1  sing N N 261 
MET CE  HE2  sing N N 262 
MET CE  HE3  sing N N 263 
MET OXT HXT  sing N N 264 
PHE N   CA   sing N N 265 
PHE N   H    sing N N 266 
PHE N   H2   sing N N 267 
PHE CA  C    sing N N 268 
PHE CA  CB   sing N N 269 
PHE CA  HA   sing N N 270 
PHE C   O    doub N N 271 
PHE C   OXT  sing N N 272 
PHE CB  CG   sing N N 273 
PHE CB  HB2  sing N N 274 
PHE CB  HB3  sing N N 275 
PHE CG  CD1  doub Y N 276 
PHE CG  CD2  sing Y N 277 
PHE CD1 CE1  sing Y N 278 
PHE CD1 HD1  sing N N 279 
PHE CD2 CE2  doub Y N 280 
PHE CD2 HD2  sing N N 281 
PHE CE1 CZ   doub Y N 282 
PHE CE1 HE1  sing N N 283 
PHE CE2 CZ   sing Y N 284 
PHE CE2 HE2  sing N N 285 
PHE CZ  HZ   sing N N 286 
PHE OXT HXT  sing N N 287 
PRO N   CA   sing N N 288 
PRO N   CD   sing N N 289 
PRO N   H    sing N N 290 
PRO CA  C    sing N N 291 
PRO CA  CB   sing N N 292 
PRO CA  HA   sing N N 293 
PRO C   O    doub N N 294 
PRO C   OXT  sing N N 295 
PRO CB  CG   sing N N 296 
PRO CB  HB2  sing N N 297 
PRO CB  HB3  sing N N 298 
PRO CG  CD   sing N N 299 
PRO CG  HG2  sing N N 300 
PRO CG  HG3  sing N N 301 
PRO CD  HD2  sing N N 302 
PRO CD  HD3  sing N N 303 
PRO OXT HXT  sing N N 304 
SER N   CA   sing N N 305 
SER N   H    sing N N 306 
SER N   H2   sing N N 307 
SER CA  C    sing N N 308 
SER CA  CB   sing N N 309 
SER CA  HA   sing N N 310 
SER C   O    doub N N 311 
SER C   OXT  sing N N 312 
SER CB  OG   sing N N 313 
SER CB  HB2  sing N N 314 
SER CB  HB3  sing N N 315 
SER OG  HG   sing N N 316 
SER OXT HXT  sing N N 317 
THR N   CA   sing N N 318 
THR N   H    sing N N 319 
THR N   H2   sing N N 320 
THR CA  C    sing N N 321 
THR CA  CB   sing N N 322 
THR CA  HA   sing N N 323 
THR C   O    doub N N 324 
THR C   OXT  sing N N 325 
THR CB  OG1  sing N N 326 
THR CB  CG2  sing N N 327 
THR CB  HB   sing N N 328 
THR OG1 HG1  sing N N 329 
THR CG2 HG21 sing N N 330 
THR CG2 HG22 sing N N 331 
THR CG2 HG23 sing N N 332 
THR OXT HXT  sing N N 333 
TRP N   CA   sing N N 334 
TRP N   H    sing N N 335 
TRP N   H2   sing N N 336 
TRP CA  C    sing N N 337 
TRP CA  CB   sing N N 338 
TRP CA  HA   sing N N 339 
TRP C   O    doub N N 340 
TRP C   OXT  sing N N 341 
TRP CB  CG   sing N N 342 
TRP CB  HB2  sing N N 343 
TRP CB  HB3  sing N N 344 
TRP CG  CD1  doub Y N 345 
TRP CG  CD2  sing Y N 346 
TRP CD1 NE1  sing Y N 347 
TRP CD1 HD1  sing N N 348 
TRP CD2 CE2  doub Y N 349 
TRP CD2 CE3  sing Y N 350 
TRP NE1 CE2  sing Y N 351 
TRP NE1 HE1  sing N N 352 
TRP CE2 CZ2  sing Y N 353 
TRP CE3 CZ3  doub Y N 354 
TRP CE3 HE3  sing N N 355 
TRP CZ2 CH2  doub Y N 356 
TRP CZ2 HZ2  sing N N 357 
TRP CZ3 CH2  sing Y N 358 
TRP CZ3 HZ3  sing N N 359 
TRP CH2 HH2  sing N N 360 
TRP OXT HXT  sing N N 361 
TYR N   CA   sing N N 362 
TYR N   H    sing N N 363 
TYR N   H2   sing N N 364 
TYR CA  C    sing N N 365 
TYR CA  CB   sing N N 366 
TYR CA  HA   sing N N 367 
TYR C   O    doub N N 368 
TYR C   OXT  sing N N 369 
TYR CB  CG   sing N N 370 
TYR CB  HB2  sing N N 371 
TYR CB  HB3  sing N N 372 
TYR CG  CD1  doub Y N 373 
TYR CG  CD2  sing Y N 374 
TYR CD1 CE1  sing Y N 375 
TYR CD1 HD1  sing N N 376 
TYR CD2 CE2  doub Y N 377 
TYR CD2 HD2  sing N N 378 
TYR CE1 CZ   doub Y N 379 
TYR CE1 HE1  sing N N 380 
TYR CE2 CZ   sing Y N 381 
TYR CE2 HE2  sing N N 382 
TYR CZ  OH   sing N N 383 
TYR OH  HH   sing N N 384 
TYR OXT HXT  sing N N 385 
VAL N   CA   sing N N 386 
VAL N   H    sing N N 387 
VAL N   H2   sing N N 388 
VAL CA  C    sing N N 389 
VAL CA  CB   sing N N 390 
VAL CA  HA   sing N N 391 
VAL C   O    doub N N 392 
VAL C   OXT  sing N N 393 
VAL CB  CG1  sing N N 394 
VAL CB  CG2  sing N N 395 
VAL CB  HB   sing N N 396 
VAL CG1 HG11 sing N N 397 
VAL CG1 HG12 sing N N 398 
VAL CG1 HG13 sing N N 399 
VAL CG2 HG21 sing N N 400 
VAL CG2 HG22 sing N N 401 
VAL CG2 HG23 sing N N 402 
VAL OXT HXT  sing N N 403 
# 
_pdbx_deposit_group.group_id            G_1002081 
_pdbx_deposit_group.group_description   
;Human Brachyury G177D variant screened against the DSI-poised Fragment Library by X-ray Crystallography at the XChem facility of Diamond Light Source beamline I04-1
;
_pdbx_deposit_group.group_title         'PanDDA analysis group deposition' 
_pdbx_deposit_group.group_type          'changed state' 
# 
_pdbx_entity_instance_feature.ordinal        1 
_pdbx_entity_instance_feature.comp_id        K0G 
_pdbx_entity_instance_feature.asym_id        ? 
_pdbx_entity_instance_feature.seq_num        ? 
_pdbx_entity_instance_feature.auth_comp_id   K0G 
_pdbx_entity_instance_feature.auth_asym_id   ? 
_pdbx_entity_instance_feature.auth_seq_num   ? 
_pdbx_entity_instance_feature.feature_type   'SUBJECT OF INVESTIGATION' 
_pdbx_entity_instance_feature.details        ? 
# 
_atom_sites.entry_id                    5QS6 
_atom_sites.fract_transf_matrix[1][1]   0.00448220 
_atom_sites.fract_transf_matrix[1][2]   0.00748236 
_atom_sites.fract_transf_matrix[1][3]   -0.00755077 
_atom_sites.fract_transf_matrix[2][1]   0.00857538 
_atom_sites.fract_transf_matrix[2][2]   -0.00328847 
_atom_sites.fract_transf_matrix[2][3]   -0.00698056 
_atom_sites.fract_transf_matrix[3][1]   -0.00676233 
_atom_sites.fract_transf_matrix[3][2]   -0.00293641 
_atom_sites.fract_transf_matrix[3][3]   -0.00692397 
_atom_sites.fract_transf_vector[1]      -0.176509 
_atom_sites.fract_transf_vector[2]      -0.361917 
_atom_sites.fract_transf_vector[3]      -0.020530 
# 
loop_
_atom_type.symbol 
C 
N 
O 
S 
# 
loop_
_atom_site.group_PDB 
_atom_site.id 
_atom_site.type_symbol 
_atom_site.label_atom_id 
_atom_site.label_alt_id 
_atom_site.label_comp_id 
_atom_site.label_asym_id 
_atom_site.label_entity_id 
_atom_site.label_seq_id 
_atom_site.pdbx_PDB_ins_code 
_atom_site.Cartn_x 
_atom_site.Cartn_y 
_atom_site.Cartn_z 
_atom_site.occupancy 
_atom_site.B_iso_or_equiv 
_atom_site.pdbx_formal_charge 
_atom_site.auth_seq_id 
_atom_site.auth_comp_id 
_atom_site.auth_asym_id 
_atom_site.auth_atom_id 
_atom_site.pdbx_PDB_model_num 
ATOM   1    N N   . GLU A 1 2   ? 16.100  -7.758  -16.899 1.00 48.43 ? 41  GLU A N   1 
ATOM   2    C CA  . GLU A 1 2   ? 14.874  -6.932  -16.916 1.00 43.74 ? 41  GLU A CA  1 
ATOM   3    C C   . GLU A 1 2   ? 14.362  -6.764  -15.481 1.00 35.78 ? 41  GLU A C   1 
ATOM   4    O O   . GLU A 1 2   ? 14.315  -7.765  -14.766 1.00 32.73 ? 41  GLU A O   1 
ATOM   5    C CB  . GLU A 1 2   ? 13.826  -7.606  -17.792 1.00 52.43 ? 41  GLU A CB  1 
ATOM   6    C CG  . GLU A 1 2   ? 12.546  -6.811  -17.945 1.00 57.19 ? 41  GLU A CG  1 
ATOM   7    C CD  . GLU A 1 2   ? 12.038  -6.742  -19.377 1.00 64.02 ? 41  GLU A CD  1 
ATOM   8    O OE1 . GLU A 1 2   ? 11.509  -5.675  -19.752 1.00 54.89 ? 41  GLU A OE1 1 
ATOM   9    O OE2 . GLU A 1 2   ? 12.206  -7.742  -20.125 1.00 65.02 ? 41  GLU A OE2 1 
ATOM   10   N N   . LEU A 1 3   ? 14.024  -5.533  -15.081 1.00 33.63 ? 42  LEU A N   1 
ATOM   11   C CA  . LEU A 1 3   ? 13.474  -5.218  -13.734 1.00 29.74 ? 42  LEU A CA  1 
ATOM   12   C C   . LEU A 1 3   ? 12.146  -5.953  -13.568 1.00 28.88 ? 42  LEU A C   1 
ATOM   13   O O   . LEU A 1 3   ? 11.262  -5.791  -14.428 1.00 30.22 ? 42  LEU A O   1 
ATOM   14   C CB  . LEU A 1 3   ? 13.264  -3.709  -13.575 1.00 26.34 ? 42  LEU A CB  1 
ATOM   15   C CG  . LEU A 1 3   ? 12.572  -3.261  -12.288 1.00 28.68 ? 42  LEU A CG  1 
ATOM   16   C CD1 . LEU A 1 3   ? 13.371  -3.717  -11.066 1.00 29.81 ? 42  LEU A CD1 1 
ATOM   17   C CD2 . LEU A 1 3   ? 12.396  -1.760  -12.264 1.00 29.92 ? 42  LEU A CD2 1 
ATOM   18   N N   . ARG A 1 4   ? 12.006  -6.707  -12.488 1.00 29.51 ? 43  ARG A N   1 
ATOM   19   C CA  . ARG A 1 4   ? 10.776  -7.481  -12.170 1.00 32.89 ? 43  ARG A CA  1 
ATOM   20   C C   . ARG A 1 4   ? 10.481  -7.233  -10.697 1.00 29.39 ? 43  ARG A C   1 
ATOM   21   O O   . ARG A 1 4   ? 11.408  -7.416  -9.867  1.00 27.82 ? 43  ARG A O   1 
ATOM   22   C CB  . ARG A 1 4   ? 10.931  -8.981  -12.466 1.00 36.60 ? 43  ARG A CB  1 
ATOM   23   C CG  . ARG A 1 4   ? 10.879  -9.340  -13.944 1.00 44.27 ? 43  ARG A CG  1 
ATOM   24   C CD  . ARG A 1 4   ? 11.375  -10.754 -14.242 1.00 53.94 ? 43  ARG A CD  1 
ATOM   25   N NE  . ARG A 1 4   ? 10.607  -11.787 -13.545 1.00 57.71 ? 43  ARG A NE  1 
ATOM   26   C CZ  . ARG A 1 4   ? 9.731   -12.627 -14.105 1.00 61.88 ? 43  ARG A CZ  1 
ATOM   27   N NH1 . ARG A 1 4   ? 9.104   -13.519 -13.355 1.00 61.93 ? 43  ARG A NH1 1 
ATOM   28   N NH2 . ARG A 1 4   ? 9.483   -12.586 -15.403 1.00 62.79 ? 43  ARG A NH2 1 
ATOM   29   N N   . VAL A 1 5   ? 9.267   -6.763  -10.398 1.00 27.81 ? 44  VAL A N   1 
ATOM   30   C CA  . VAL A 1 5   ? 8.804   -6.561  -9.003  1.00 26.01 ? 44  VAL A CA  1 
ATOM   31   C C   . VAL A 1 5   ? 7.569   -7.438  -8.808  1.00 27.91 ? 44  VAL A C   1 
ATOM   32   O O   . VAL A 1 5   ? 6.561   -7.216  -9.520  1.00 34.89 ? 44  VAL A O   1 
ATOM   33   C CB  . VAL A 1 5   ? 8.566   -5.075  -8.679  1.00 24.94 ? 44  VAL A CB  1 
ATOM   34   C CG1 . VAL A 1 5   ? 8.231   -4.903  -7.210  1.00 25.65 ? 44  VAL A CG1 1 
ATOM   35   C CG2 . VAL A 1 5   ? 9.778   -4.212  -9.054  1.00 25.83 ? 44  VAL A CG2 1 
ATOM   36   N N   . GLY A 1 6   ? 7.693   -8.442  -7.940  1.00 27.74 ? 45  GLY A N   1 
ATOM   37   C CA  . GLY A 1 6   ? 6.652   -9.457  -7.693  1.00 27.48 ? 45  GLY A CA  1 
ATOM   38   C C   . GLY A 1 6   ? 6.069   -9.333  -6.301  1.00 24.86 ? 45  GLY A C   1 
ATOM   39   O O   . GLY A 1 6   ? 6.803   -9.138  -5.345  1.00 26.25 ? 45  GLY A O   1 
ATOM   40   N N   . LEU A 1 7   ? 4.748   -9.398  -6.200  1.00 27.34 ? 46  LEU A N   1 
ATOM   41   C CA  . LEU A 1 7   ? 4.033   -9.397  -4.908  1.00 24.27 ? 46  LEU A CA  1 
ATOM   42   C C   . LEU A 1 7   ? 4.360   -10.696 -4.171  1.00 25.42 ? 46  LEU A C   1 
ATOM   43   O O   . LEU A 1 7   ? 4.258   -11.757 -4.804  1.00 26.99 ? 46  LEU A O   1 
ATOM   44   C CB  . LEU A 1 7   ? 2.529   -9.332  -5.198  1.00 24.67 ? 46  LEU A CB  1 
ATOM   45   C CG  . LEU A 1 7   ? 1.654   -9.190  -3.969  1.00 23.63 ? 46  LEU A CG  1 
ATOM   46   C CD1 . LEU A 1 7   ? 2.041   -7.958  -3.146  1.00 22.76 ? 46  LEU A CD1 1 
ATOM   47   C CD2 . LEU A 1 7   ? 0.206   -9.158  -4.394  1.00 24.80 ? 46  LEU A CD2 1 
ATOM   48   N N   . GLU A 1 8   ? 4.738   -10.604 -2.901  1.00 29.24 ? 47  GLU A N   1 
ATOM   49   C CA  . GLU A 1 8   ? 4.854   -11.781 -2.003  1.00 30.70 ? 47  GLU A CA  1 
ATOM   50   C C   . GLU A 1 8   ? 3.462   -12.123 -1.477  1.00 30.78 ? 47  GLU A C   1 
ATOM   51   O O   . GLU A 1 8   ? 2.594   -11.229 -1.484  1.00 28.57 ? 47  GLU A O   1 
ATOM   52   C CB  . GLU A 1 8   ? 5.848   -11.480 -0.889  1.00 32.83 ? 47  GLU A CB  1 
ATOM   53   C CG  . GLU A 1 8   ? 7.258   -11.529 -1.392  1.00 32.75 ? 47  GLU A CG  1 
ATOM   54   C CD  . GLU A 1 8   ? 7.811   -12.931 -1.597  1.00 35.60 ? 47  GLU A CD  1 
ATOM   55   O OE1 . GLU A 1 8   ? 8.670   -13.091 -2.492  1.00 36.35 ? 47  GLU A OE1 1 
ATOM   56   O OE2 . GLU A 1 8   ? 7.385   -13.854 -0.855  1.00 34.08 ? 47  GLU A OE2 1 
ATOM   57   N N   . GLU A 1 9   ? 3.223   -13.388 -1.126  1.00 28.16 ? 48  GLU A N   1 
ATOM   58   C CA  . GLU A 1 9   ? 1.976   -13.804 -0.439  1.00 27.23 ? 48  GLU A CA  1 
ATOM   59   C C   . GLU A 1 9   ? 0.780   -13.341 -1.285  1.00 28.02 ? 48  GLU A C   1 
ATOM   60   O O   . GLU A 1 9   ? -0.266  -12.951 -0.702  1.00 24.53 ? 48  GLU A O   1 
ATOM   61   C CB  . GLU A 1 9   ? 1.967   -13.198 0.963   1.00 28.88 ? 48  GLU A CB  1 
ATOM   62   C CG  . GLU A 1 9   ? 3.027   -13.772 1.889   1.00 33.85 ? 48  GLU A CG  1 
ATOM   63   C CD  . GLU A 1 9   ? 3.616   -12.863 2.967   1.00 43.57 ? 48  GLU A CD  1 
ATOM   64   O OE1 . GLU A 1 9   ? 3.095   -11.713 3.191   1.00 50.33 ? 48  GLU A OE1 1 
ATOM   65   O OE2 . GLU A 1 9   ? 4.608   -13.301 3.605   1.00 49.12 ? 48  GLU A OE2 1 
ATOM   66   N N   . SER A 1 10  ? 0.845   -13.477 -2.609  1.00 28.11 ? 49  SER A N   1 
ATOM   67   C CA  . SER A 1 10  ? -0.284  -13.059 -3.482  1.00 28.30 ? 49  SER A CA  1 
ATOM   68   C C   . SER A 1 10  ? -1.560  -13.872 -3.166  1.00 30.34 ? 49  SER A C   1 
ATOM   69   O O   . SER A 1 10  ? -2.653  -13.313 -3.276  1.00 28.31 ? 49  SER A O   1 
ATOM   70   C CB  . SER A 1 10  ? 0.082   -13.131 -4.933  1.00 30.32 ? 49  SER A CB  1 
ATOM   71   O OG  . SER A 1 10  ? 0.490   -14.431 -5.275  1.00 33.87 ? 49  SER A OG  1 
ATOM   72   N N   . GLU A 1 11  ? -1.435  -15.134 -2.762  1.00 28.79 ? 50  GLU A N   1 
ATOM   73   C CA  . GLU A 1 11  ? -2.588  -16.005 -2.401  1.00 29.63 ? 50  GLU A CA  1 
ATOM   74   C C   . GLU A 1 11  ? -3.269  -15.475 -1.131  1.00 23.88 ? 50  GLU A C   1 
ATOM   75   O O   . GLU A 1 11  ? -4.505  -15.478 -1.105  1.00 27.47 ? 50  GLU A O   1 
ATOM   76   C CB  . GLU A 1 11  ? -2.112  -17.445 -2.226  1.00 35.00 ? 50  GLU A CB  1 
ATOM   77   C CG  . GLU A 1 11  ? -3.215  -18.478 -2.306  1.00 44.98 ? 50  GLU A CG  1 
ATOM   78   C CD  . GLU A 1 11  ? -2.748  -19.884 -2.667  1.00 50.98 ? 50  GLU A CD  1 
ATOM   79   O OE1 . GLU A 1 11  ? -3.616  -20.781 -2.720  1.00 58.13 ? 50  GLU A OE1 1 
ATOM   80   O OE2 . GLU A 1 11  ? -1.519  -20.087 -2.899  1.00 53.90 ? 50  GLU A OE2 1 
ATOM   81   N N   . LEU A 1 12  ? -2.512  -15.041 -0.125  1.00 26.71 ? 51  LEU A N   1 
ATOM   82   C CA  . LEU A 1 12  ? -3.019  -14.423 1.140   1.00 24.69 ? 51  LEU A CA  1 
ATOM   83   C C   . LEU A 1 12  ? -3.783  -13.130 0.818   1.00 24.99 ? 51  LEU A C   1 
ATOM   84   O O   . LEU A 1 12  ? -4.919  -12.918 1.322   1.00 24.81 ? 51  LEU A O   1 
ATOM   85   C CB  . LEU A 1 12  ? -1.812  -14.166 2.052   1.00 25.98 ? 51  LEU A CB  1 
ATOM   86   C CG  . LEU A 1 12  ? -2.052  -13.400 3.356   1.00 27.49 ? 51  LEU A CG  1 
ATOM   87   C CD1 . LEU A 1 12  ? -2.904  -14.189 4.335   1.00 32.62 ? 51  LEU A CD1 1 
ATOM   88   C CD2 . LEU A 1 12  ? -0.727  -13.034 4.001   1.00 30.85 ? 51  LEU A CD2 1 
ATOM   89   N N   . TRP A 1 13  ? -3.193  -12.263 -0.001  1.00 24.84 ? 52  TRP A N   1 
ATOM   90   C CA  . TRP A 1 13  ? -3.844  -10.989 -0.393  1.00 23.79 ? 52  TRP A CA  1 
ATOM   91   C C   . TRP A 1 13  ? -5.181  -11.305 -1.037  1.00 24.94 ? 52  TRP A C   1 
ATOM   92   O O   . TRP A 1 13  ? -6.188  -10.650 -0.700  1.00 24.79 ? 52  TRP A O   1 
ATOM   93   C CB  . TRP A 1 13  ? -2.947  -10.185 -1.332  1.00 21.61 ? 52  TRP A CB  1 
ATOM   94   C CG  . TRP A 1 13  ? -1.956  -9.339  -0.608  1.00 21.42 ? 52  TRP A CG  1 
ATOM   95   C CD1 . TRP A 1 13  ? -0.608  -9.559  -0.488  1.00 22.02 ? 52  TRP A CD1 1 
ATOM   96   C CD2 . TRP A 1 13  ? -2.228  -8.110  0.085   1.00 23.03 ? 52  TRP A CD2 1 
ATOM   97   N NE1 . TRP A 1 13  ? -0.030  -8.561  0.252   1.00 23.32 ? 52  TRP A NE1 1 
ATOM   98   C CE2 . TRP A 1 13  ? -0.997  -7.661  0.624   1.00 23.44 ? 52  TRP A CE2 1 
ATOM   99   C CE3 . TRP A 1 13  ? -3.385  -7.359  0.343   1.00 19.84 ? 52  TRP A CE3 1 
ATOM   100  C CZ2 . TRP A 1 13  ? -0.896  -6.490  1.372   1.00 23.78 ? 52  TRP A CZ2 1 
ATOM   101  C CZ3 . TRP A 1 13  ? -3.263  -6.190  1.057   1.00 21.79 ? 52  TRP A CZ3 1 
ATOM   102  C CH2 . TRP A 1 13  ? -2.043  -5.754  1.564   1.00 22.36 ? 52  TRP A CH2 1 
ATOM   103  N N   . LEU A 1 14  ? -5.186  -12.314 -1.900  1.00 29.47 ? 53  LEU A N   1 
ATOM   104  C CA  . LEU A 1 14  ? -6.386  -12.666 -2.689  1.00 31.99 ? 53  LEU A CA  1 
ATOM   105  C C   . LEU A 1 14  ? -7.484  -13.262 -1.796  1.00 29.41 ? 53  LEU A C   1 
ATOM   106  O O   . LEU A 1 14  ? -8.647  -13.199 -2.208  1.00 27.04 ? 53  LEU A O   1 
ATOM   107  C CB  . LEU A 1 14  ? -5.979  -13.603 -3.826  1.00 35.75 ? 53  LEU A CB  1 
ATOM   108  C CG  . LEU A 1 14  ? -5.968  -12.977 -5.222  1.00 45.04 ? 53  LEU A CG  1 
ATOM   109  C CD1 . LEU A 1 14  ? -5.873  -11.449 -5.181  1.00 46.16 ? 53  LEU A CD1 1 
ATOM   110  C CD2 . LEU A 1 14  ? -4.866  -13.587 -6.083  1.00 43.68 ? 53  LEU A CD2 1 
ATOM   111  N N   . ARG A 1 15  ? -7.129  -13.840 -0.650  1.00 32.34 ? 54  ARG A N   1 
ATOM   112  C CA  . ARG A 1 15  ? -8.099  -14.354 0.354   1.00 33.00 ? 54  ARG A CA  1 
ATOM   113  C C   . ARG A 1 15  ? -8.879  -13.158 0.905   1.00 28.87 ? 54  ARG A C   1 
ATOM   114  O O   . ARG A 1 15  ? -10.118 -13.254 1.011   1.00 31.03 ? 54  ARG A O   1 
ATOM   115  C CB  . ARG A 1 15  ? -7.372  -15.135 1.457   1.00 39.90 ? 54  ARG A CB  1 
ATOM   116  C CG  . ARG A 1 15  ? -8.038  -16.460 1.807   1.00 53.68 ? 54  ARG A CG  1 
ATOM   117  C CD  . ARG A 1 15  ? -7.057  -17.575 2.131   1.00 60.43 ? 54  ARG A CD  1 
ATOM   118  N NE  . ARG A 1 15  ? -6.531  -18.261 0.946   1.00 67.61 ? 54  ARG A NE  1 
ATOM   119  C CZ  . ARG A 1 15  ? -6.915  -19.464 0.502   1.00 65.38 ? 54  ARG A CZ  1 
ATOM   120  N NH1 . ARG A 1 15  ? -7.840  -20.161 1.141   1.00 64.62 ? 54  ARG A NH1 1 
ATOM   121  N NH2 . ARG A 1 15  ? -6.359  -19.976 -0.584  1.00 67.23 ? 54  ARG A NH2 1 
ATOM   122  N N   . PHE A 1 16  ? -8.180  -12.043 1.169   1.00 27.82 ? 55  PHE A N   1 
ATOM   123  C CA  . PHE A 1 16  ? -8.780  -10.770 1.627   1.00 23.45 ? 55  PHE A CA  1 
ATOM   124  C C   . PHE A 1 16  ? -9.512  -10.101 0.467   1.00 24.15 ? 55  PHE A C   1 
ATOM   125  O O   . PHE A 1 16  ? -10.661 -9.674  0.720   1.00 23.78 ? 55  PHE A O   1 
ATOM   126  C CB  . PHE A 1 16  ? -7.735  -9.844  2.240   1.00 23.72 ? 55  PHE A CB  1 
ATOM   127  C CG  . PHE A 1 16  ? -7.292  -10.270 3.610   1.00 24.52 ? 55  PHE A CG  1 
ATOM   128  C CD1 . PHE A 1 16  ? -7.890  -9.752  4.747   1.00 26.08 ? 55  PHE A CD1 1 
ATOM   129  C CD2 . PHE A 1 16  ? -6.281  -11.207 3.761   1.00 26.53 ? 55  PHE A CD2 1 
ATOM   130  C CE1 . PHE A 1 16  ? -7.457  -10.130 6.010   1.00 29.63 ? 55  PHE A CE1 1 
ATOM   131  C CE2 . PHE A 1 16  ? -5.880  -11.618 5.024   1.00 27.84 ? 55  PHE A CE2 1 
ATOM   132  C CZ  . PHE A 1 16  ? -6.458  -11.065 6.147   1.00 26.55 ? 55  PHE A CZ  1 
ATOM   133  N N   . LYS A 1 17  ? -8.901  -10.041 -0.729  1.00 23.80 ? 56  LYS A N   1 
ATOM   134  C CA  . LYS A 1 17  ? -9.506  -9.319  -1.873  1.00 24.81 ? 56  LYS A CA  1 
ATOM   135  C C   . LYS A 1 17  ? -10.849 -9.969  -2.203  1.00 25.56 ? 56  LYS A C   1 
ATOM   136  O O   . LYS A 1 17  ? -11.779 -9.228  -2.533  1.00 23.85 ? 56  LYS A O   1 
ATOM   137  C CB  . LYS A 1 17  ? -8.651  -9.304  -3.141  1.00 25.36 ? 56  LYS A CB  1 
ATOM   138  C CG  . LYS A 1 17  ? -9.238  -8.421  -4.230  1.00 27.98 ? 56  LYS A CG  1 
ATOM   139  C CD  . LYS A 1 17  ? -8.276  -8.024  -5.283  1.00 29.74 ? 56  LYS A CD  1 
ATOM   140  C CE  . LYS A 1 17  ? -8.916  -7.135  -6.321  1.00 28.85 ? 56  LYS A CE  1 
ATOM   141  N NZ  . LYS A 1 17  ? -7.941  -6.906  -7.407  1.00 30.45 ? 56  LYS A NZ  1 
ATOM   142  N N   . GLU A 1 18  ? -10.990 -11.295 -2.117  1.00 28.02 ? 57  GLU A N   1 
ATOM   143  C CA  . GLU A 1 18  ? -12.288 -11.881 -2.549  1.00 31.45 ? 57  GLU A CA  1 
ATOM   144  C C   . GLU A 1 18  ? -13.403 -11.486 -1.561  1.00 29.01 ? 57  GLU A C   1 
ATOM   145  O O   . GLU A 1 18  ? -14.543 -11.525 -1.970  1.00 31.99 ? 57  GLU A O   1 
ATOM   146  C CB  . GLU A 1 18  ? -12.189 -13.380 -2.846  1.00 41.13 ? 57  GLU A CB  1 
ATOM   147  C CG  . GLU A 1 18  ? -11.942 -14.254 -1.651  1.00 50.09 ? 57  GLU A CG  1 
ATOM   148  C CD  . GLU A 1 18  ? -12.151 -15.736 -1.945  1.00 58.92 ? 57  GLU A CD  1 
ATOM   149  O OE1 . GLU A 1 18  ? -11.394 -16.297 -2.783  1.00 63.54 ? 57  GLU A OE1 1 
ATOM   150  O OE2 . GLU A 1 18  ? -13.080 -16.327 -1.347  1.00 66.92 ? 57  GLU A OE2 1 
ATOM   151  N N   . LEU A 1 19  ? -13.110 -11.094 -0.317  1.00 27.78 ? 58  LEU A N   1 
ATOM   152  C CA  . LEU A 1 19  ? -14.134 -10.552 0.625   1.00 26.41 ? 58  LEU A CA  1 
ATOM   153  C C   . LEU A 1 19  ? -14.354 -9.043  0.417   1.00 25.77 ? 58  LEU A C   1 
ATOM   154  O O   . LEU A 1 19  ? -15.314 -8.486  1.000   1.00 24.40 ? 58  LEU A O   1 
ATOM   155  C CB  . LEU A 1 19  ? -13.664 -10.771 2.066   1.00 29.70 ? 58  LEU A CB  1 
ATOM   156  C CG  . LEU A 1 19  ? -13.395 -12.215 2.497   1.00 30.60 ? 58  LEU A CG  1 
ATOM   157  C CD1 . LEU A 1 19  ? -12.825 -12.232 3.908   1.00 30.68 ? 58  LEU A CD1 1 
ATOM   158  C CD2 . LEU A 1 19  ? -14.664 -13.035 2.402   1.00 32.85 ? 58  LEU A CD2 1 
ATOM   159  N N   . THR A 1 20  ? -13.496 -8.404  -0.383  1.00 25.63 ? 59  THR A N   1 
ATOM   160  C CA  . THR A 1 20  ? -13.242 -6.946  -0.389  1.00 24.02 ? 59  THR A CA  1 
ATOM   161  C C   . THR A 1 20  ? -12.421 -6.637  0.854   1.00 25.13 ? 59  THR A C   1 
ATOM   162  O O   . THR A 1 20  ? -12.962 -6.746  1.953   1.00 23.36 ? 59  THR A O   1 
ATOM   163  C CB  . THR A 1 20  ? -14.518 -6.095  -0.503  1.00 27.17 ? 59  THR A CB  1 
ATOM   164  O OG1 . THR A 1 20  ? -15.205 -6.516  -1.683  1.00 28.06 ? 59  THR A OG1 1 
ATOM   165  C CG2 . THR A 1 20  ? -14.221 -4.613  -0.576  1.00 24.56 ? 59  THR A CG2 1 
ATOM   166  N N   . ASN A 1 21  ? -11.149 -6.273  0.660   1.00 20.75 ? 60  ASN A N   1 
ATOM   167  C CA  . ASN A 1 21  ? -10.197 -6.040  1.766   1.00 20.57 ? 60  ASN A CA  1 
ATOM   168  C C   . ASN A 1 21  ? -10.523 -4.690  2.405   1.00 20.48 ? 60  ASN A C   1 
ATOM   169  O O   . ASN A 1 21  ? -10.994 -3.753  1.685   1.00 21.49 ? 60  ASN A O   1 
ATOM   170  C CB  . ASN A 1 21  ? -8.772  -6.187  1.232   1.00 20.36 ? 60  ASN A CB  1 
ATOM   171  C CG  . ASN A 1 21  ? -7.740  -6.459  2.306   1.00 20.99 ? 60  ASN A CG  1 
ATOM   172  O OD1 . ASN A 1 21  ? -8.065  -6.498  3.487   1.00 21.05 ? 60  ASN A OD1 1 
ATOM   173  N ND2 . ASN A 1 21  ? -6.485  -6.589  1.890   1.00 22.95 ? 60  ASN A ND2 1 
ATOM   174  N N   . GLU A 1 22  ? -10.301 -4.577  3.715   1.00 20.05 ? 61  GLU A N   1 
ATOM   175  C CA  . GLU A 1 22  ? -10.495 -3.359  4.526   1.00 21.21 ? 61  GLU A CA  1 
ATOM   176  C C   . GLU A 1 22  ? -9.208  -3.122  5.332   1.00 21.94 ? 61  GLU A C   1 
ATOM   177  O O   . GLU A 1 22  ? -8.588  -4.125  5.780   1.00 23.00 ? 61  GLU A O   1 
ATOM   178  C CB  . GLU A 1 22  ? -11.701 -3.524  5.465   1.00 23.31 ? 61  GLU A CB  1 
ATOM   179  C CG  . GLU A 1 22  ? -12.986 -3.943  4.768   1.00 21.34 ? 61  GLU A CG  1 
ATOM   180  C CD  . GLU A 1 22  ? -14.181 -4.057  5.702   1.00 22.30 ? 61  GLU A CD  1 
ATOM   181  O OE1 . GLU A 1 22  ? -15.025 -4.914  5.451   1.00 22.61 ? 61  GLU A OE1 1 
ATOM   182  O OE2 . GLU A 1 22  ? -14.254 -3.293  6.694   1.00 22.34 ? 61  GLU A OE2 1 
ATOM   183  N N   . MET A 1 23  ? -8.794  -1.870  5.501   1.00 22.89 ? 62  MET A N   1 
ATOM   184  C CA  . MET A 1 23  ? -7.699  -1.536  6.436   1.00 22.54 ? 62  MET A CA  1 
ATOM   185  C C   . MET A 1 23  ? -8.227  -0.465  7.379   1.00 24.49 ? 62  MET A C   1 
ATOM   186  O O   . MET A 1 23  ? -8.823  0.497   6.893   1.00 24.59 ? 62  MET A O   1 
ATOM   187  C CB  . MET A 1 23  ? -6.439  -1.031  5.720   1.00 21.73 ? 62  MET A CB  1 
ATOM   188  C CG  . MET A 1 23  ? -5.847  -2.032  4.745   1.00 22.73 ? 62  MET A CG  1 
ATOM   189  S SD  . MET A 1 23  ? -4.899  -3.356  5.591   1.00 22.83 ? 62  MET A SD  1 
ATOM   190  C CE  . MET A 1 23  ? -4.611  -4.440  4.197   1.00 24.56 ? 62  MET A CE  1 
ATOM   191  N N   . ILE A 1 24  ? -7.975  -0.631  8.677   1.00 26.76 ? 63  ILE A N   1 
ATOM   192  C CA  . ILE A 1 24  ? -8.362  0.349   9.728   1.00 28.25 ? 63  ILE A CA  1 
ATOM   193  C C   . ILE A 1 24  ? -7.480  1.587   9.596   1.00 27.69 ? 63  ILE A C   1 
ATOM   194  O O   . ILE A 1 24  ? -6.236  1.423   9.494   1.00 28.17 ? 63  ILE A O   1 
ATOM   195  C CB  . ILE A 1 24  ? -8.247  -0.227  11.148  1.00 31.45 ? 63  ILE A CB  1 
ATOM   196  C CG1 . ILE A 1 24  ? -8.955  -1.567  11.338  1.00 36.02 ? 63  ILE A CG1 1 
ATOM   197  C CG2 . ILE A 1 24  ? -8.743  0.809   12.144  1.00 36.18 ? 63  ILE A CG2 1 
ATOM   198  C CD1 . ILE A 1 24  ? -10.452 -1.455  11.388  1.00 37.31 ? 63  ILE A CD1 1 
ATOM   199  N N   . VAL A 1 25  ? -8.089  2.778   9.625   1.00 27.62 ? 64  VAL A N   1 
ATOM   200  C CA  . VAL A 1 25  ? -7.372  4.077   9.783   1.00 28.06 ? 64  VAL A CA  1 
ATOM   201  C C   . VAL A 1 25  ? -7.710  4.598   11.180  1.00 32.93 ? 64  VAL A C   1 
ATOM   202  O O   . VAL A 1 25  ? -8.850  4.396   11.641  1.00 29.49 ? 64  VAL A O   1 
ATOM   203  C CB  . VAL A 1 25  ? -7.693  5.099   8.682   1.00 29.11 ? 64  VAL A CB  1 
ATOM   204  C CG1 . VAL A 1 25  ? -7.061  4.702   7.355   1.00 28.71 ? 64  VAL A CG1 1 
ATOM   205  C CG2 . VAL A 1 25  ? -9.190  5.320   8.517   1.00 30.39 ? 64  VAL A CG2 1 
ATOM   206  N N   . THR A 1 26  ? -6.733  5.165   11.876  1.00 34.25 ? 65  THR A N   1 
ATOM   207  C CA  . THR A 1 26  ? -6.955  5.761   13.218  1.00 37.85 ? 65  THR A CA  1 
ATOM   208  C C   . THR A 1 26  ? -6.245  7.102   13.285  1.00 40.20 ? 65  THR A C   1 
ATOM   209  O O   . THR A 1 26  ? -5.425  7.420   12.399  1.00 38.65 ? 65  THR A O   1 
ATOM   210  C CB  . THR A 1 26  ? -6.503  4.850   14.369  1.00 39.56 ? 65  THR A CB  1 
ATOM   211  O OG1 . THR A 1 26  ? -5.089  4.633   14.290  1.00 36.43 ? 65  THR A OG1 1 
ATOM   212  C CG2 . THR A 1 26  ? -7.240  3.526   14.391  1.00 37.45 ? 65  THR A CG2 1 
ATOM   213  N N   . LYS A 1 27  ? -6.561  7.833   14.343  1.00 42.86 ? 66  LYS A N   1 
ATOM   214  C CA  . LYS A 1 27  ? -5.924  9.110   14.712  1.00 43.99 ? 66  LYS A CA  1 
ATOM   215  C C   . LYS A 1 27  ? -4.405  8.916   14.724  1.00 38.20 ? 66  LYS A C   1 
ATOM   216  O O   . LYS A 1 27  ? -3.717  9.725   14.064  1.00 37.07 ? 66  LYS A O   1 
ATOM   217  C CB  . LYS A 1 27  ? -6.448  9.545   16.085  1.00 46.53 ? 66  LYS A CB  1 
ATOM   218  C CG  . LYS A 1 27  ? -6.171  10.991  16.468  1.00 56.67 ? 66  LYS A CG  1 
ATOM   219  C CD  . LYS A 1 27  ? -6.698  11.332  17.844  1.00 59.25 ? 66  LYS A CD  1 
ATOM   220  C CE  . LYS A 1 27  ? -6.005  12.517  18.475  1.00 68.91 ? 66  LYS A CE  1 
ATOM   221  N NZ  . LYS A 1 27  ? -6.500  12.751  19.854  1.00 75.26 ? 66  LYS A NZ  1 
ATOM   222  N N   . ASN A 1 28  ? -3.918  7.902   15.447  1.00 34.70 ? 67  ASN A N   1 
ATOM   223  C CA  . ASN A 1 28  ? -2.462  7.713   15.697  1.00 39.08 ? 67  ASN A CA  1 
ATOM   224  C C   . ASN A 1 28  ? -1.846  6.767   14.663  1.00 40.19 ? 67  ASN A C   1 
ATOM   225  O O   . ASN A 1 28  ? -0.621  6.557   14.707  1.00 39.97 ? 67  ASN A O   1 
ATOM   226  C CB  . ASN A 1 28  ? -2.201  7.211   17.114  1.00 41.78 ? 67  ASN A CB  1 
ATOM   227  C CG  . ASN A 1 28  ? -2.566  8.263   18.138  1.00 43.02 ? 67  ASN A CG  1 
ATOM   228  O OD1 . ASN A 1 28  ? -2.523  9.462   17.848  1.00 44.39 ? 67  ASN A OD1 1 
ATOM   229  N ND2 . ASN A 1 28  ? -2.961  7.813   19.312  1.00 46.94 ? 67  ASN A ND2 1 
ATOM   230  N N   . GLY A 1 29  ? -2.654  6.239   13.747  1.00 35.35 ? 68  GLY A N   1 
ATOM   231  C CA  . GLY A 1 29  ? -2.142  5.414   12.649  1.00 34.71 ? 68  GLY A CA  1 
ATOM   232  C C   . GLY A 1 29  ? -2.108  3.953   13.022  1.00 33.17 ? 68  GLY A C   1 
ATOM   233  O O   . GLY A 1 29  ? -1.828  3.627   14.219  1.00 33.48 ? 68  GLY A O   1 
ATOM   234  N N   . ARG A 1 30  ? -2.325  3.104   12.027  1.00 30.02 ? 69  ARG A N   1 
ATOM   235  C CA  . ARG A 1 30  ? -2.472  1.645   12.207  1.00 34.68 ? 69  ARG A CA  1 
ATOM   236  C C   . ARG A 1 30  ? -1.689  0.882   11.129  1.00 34.49 ? 69  ARG A C   1 
ATOM   237  O O   . ARG A 1 30  ? -1.841  1.207   9.923   1.00 30.24 ? 69  ARG A O   1 
ATOM   238  C CB  . ARG A 1 30  ? -3.959  1.295   12.152  1.00 37.42 ? 69  ARG A CB  1 
ATOM   239  C CG  . ARG A 1 30  ? -4.260  -0.150  12.502  1.00 42.47 ? 69  ARG A CG  1 
ATOM   240  C CD  . ARG A 1 30  ? -3.955  -0.477  13.955  1.00 45.95 ? 69  ARG A CD  1 
ATOM   241  N NE  . ARG A 1 30  ? -4.843  0.176   14.907  1.00 45.79 ? 69  ARG A NE  1 
ATOM   242  C CZ  . ARG A 1 30  ? -6.085  -0.230  15.192  1.00 43.02 ? 69  ARG A CZ  1 
ATOM   243  N NH1 . ARG A 1 30  ? -6.798  0.424   16.090  1.00 41.93 ? 69  ARG A NH1 1 
ATOM   244  N NH2 . ARG A 1 30  ? -6.617  -1.269  14.571  1.00 39.73 ? 69  ARG A NH2 1 
ATOM   245  N N   . ARG A 1 31  ? -0.937  -0.142  11.543  1.00 30.85 ? 70  ARG A N   1 
ATOM   246  C CA  . ARG A 1 31  ? -0.204  -1.036  10.610  1.00 30.60 ? 70  ARG A CA  1 
ATOM   247  C C   . ARG A 1 31  ? -1.190  -1.879  9.800   1.00 28.68 ? 70  ARG A C   1 
ATOM   248  O O   . ARG A 1 31  ? -2.321  -2.130  10.262  1.00 29.95 ? 70  ARG A O   1 
ATOM   249  C CB  . ARG A 1 31  ? 0.813   -1.908  11.352  1.00 30.90 ? 70  ARG A CB  1 
ATOM   250  C CG  . ARG A 1 31  ? 2.129   -1.175  11.589  1.00 38.17 ? 70  ARG A CG  1 
ATOM   251  C CD  . ARG A 1 31  ? 3.148   -1.972  12.395  1.00 41.06 ? 70  ARG A CD  1 
ATOM   252  N NE  . ARG A 1 31  ? 2.627   -2.352  13.696  1.00 48.59 ? 70  ARG A NE  1 
ATOM   253  C CZ  . ARG A 1 31  ? 2.606   -1.566  14.775  1.00 55.53 ? 70  ARG A CZ  1 
ATOM   254  N NH1 . ARG A 1 31  ? 3.092   -0.336  14.729  1.00 60.33 ? 70  ARG A NH1 1 
ATOM   255  N NH2 . ARG A 1 31  ? 2.100   -2.020  15.910  1.00 56.89 ? 70  ARG A NH2 1 
ATOM   256  N N   . MET A 1 32  ? -0.749  -2.307  8.622   1.00 27.05 ? 71  MET A N   1 
ATOM   257  C CA  . MET A 1 32  ? -1.565  -3.102  7.678   1.00 27.51 ? 71  MET A CA  1 
ATOM   258  C C   . MET A 1 32  ? -1.379  -4.586  7.968   1.00 28.12 ? 71  MET A C   1 
ATOM   259  O O   . MET A 1 32  ? -0.251  -5.002  8.302   1.00 28.33 ? 71  MET A O   1 
ATOM   260  C CB  . MET A 1 32  ? -1.137  -2.847  6.230   1.00 27.67 ? 71  MET A CB  1 
ATOM   261  C CG  . MET A 1 32  ? -1.143  -1.360  5.836   1.00 30.20 ? 71  MET A CG  1 
ATOM   262  S SD  . MET A 1 32  ? -0.605  -1.071  4.143   1.00 28.98 ? 71  MET A SD  1 
ATOM   263  C CE  . MET A 1 32  ? -1.704  -2.172  3.265   1.00 29.94 ? 71  MET A CE  1 
ATOM   264  N N   . PHE A 1 33  ? -2.437  -5.361  7.771   1.00 24.48 ? 72  PHE A N   1 
ATOM   265  C CA  . PHE A 1 33  ? -2.338  -6.816  7.557   1.00 28.12 ? 72  PHE A CA  1 
ATOM   266  C C   . PHE A 1 33  ? -3.259  -7.185  6.415   1.00 25.55 ? 72  PHE A C   1 
ATOM   267  O O   . PHE A 1 33  ? -4.411  -6.822  6.461   1.00 29.95 ? 72  PHE A O   1 
ATOM   268  C CB  . PHE A 1 33  ? -2.690  -7.671  8.776   1.00 29.34 ? 72  PHE A CB  1 
ATOM   269  C CG  . PHE A 1 33  ? -2.317  -9.116  8.555   1.00 29.80 ? 72  PHE A CG  1 
ATOM   270  C CD1 . PHE A 1 33  ? -1.023  -9.558  8.797   1.00 32.05 ? 72  PHE A CD1 1 
ATOM   271  C CD2 . PHE A 1 33  ? -3.220  -10.006 7.997   1.00 31.89 ? 72  PHE A CD2 1 
ATOM   272  C CE1 . PHE A 1 33  ? -0.669  -10.879 8.569   1.00 33.34 ? 72  PHE A CE1 1 
ATOM   273  C CE2 . PHE A 1 33  ? -2.863  -11.326 7.762   1.00 32.61 ? 72  PHE A CE2 1 
ATOM   274  C CZ  . PHE A 1 33  ? -1.581  -11.755 8.031   1.00 33.31 ? 72  PHE A CZ  1 
ATOM   275  N N   . PRO A 1 34  ? -2.802  -7.933  5.393   1.00 26.70 ? 73  PRO A N   1 
ATOM   276  C CA  . PRO A 1 34  ? -1.403  -8.327  5.273   1.00 27.32 ? 73  PRO A CA  1 
ATOM   277  C C   . PRO A 1 34  ? -0.463  -7.115  5.156   1.00 26.09 ? 73  PRO A C   1 
ATOM   278  O O   . PRO A 1 34  ? -0.890  -6.006  4.839   1.00 26.69 ? 73  PRO A O   1 
ATOM   279  C CB  . PRO A 1 34  ? -1.350  -9.129  3.959   1.00 29.43 ? 73  PRO A CB  1 
ATOM   280  C CG  . PRO A 1 34  ? -2.791  -9.562  3.708   1.00 28.75 ? 73  PRO A CG  1 
ATOM   281  C CD  . PRO A 1 34  ? -3.630  -8.453  4.296   1.00 25.81 ? 73  PRO A CD  1 
ATOM   282  N N   . VAL A 1 35  ? 0.817   -7.375  5.348   1.00 26.76 ? 74  VAL A N   1 
ATOM   283  C CA  . VAL A 1 35  ? 1.921   -6.424  5.059   1.00 26.91 ? 74  VAL A CA  1 
ATOM   284  C C   . VAL A 1 35  ? 2.230   -6.524  3.561   1.00 26.93 ? 74  VAL A C   1 
ATOM   285  O O   . VAL A 1 35  ? 2.297   -7.667  3.028   1.00 25.49 ? 74  VAL A O   1 
ATOM   286  C CB  . VAL A 1 35  ? 3.140   -6.776  5.926   1.00 31.83 ? 74  VAL A CB  1 
ATOM   287  C CG1 . VAL A 1 35  ? 4.392   -6.032  5.474   1.00 32.44 ? 74  VAL A CG1 1 
ATOM   288  C CG2 . VAL A 1 35  ? 2.849   -6.509  7.397   1.00 34.96 ? 74  VAL A CG2 1 
ATOM   289  N N   . LEU A 1 36  ? 2.437   -5.383  2.899   1.00 26.51 ? 75  LEU A N   1 
ATOM   290  C CA  . LEU A 1 36  ? 2.886   -5.370  1.484   1.00 26.48 ? 75  LEU A CA  1 
ATOM   291  C C   . LEU A 1 36  ? 4.361   -5.772  1.425   1.00 27.24 ? 75  LEU A C   1 
ATOM   292  O O   . LEU A 1 36  ? 5.194   -5.026  2.023   1.00 25.71 ? 75  LEU A O   1 
ATOM   293  C CB  . LEU A 1 36  ? 2.698   -3.978  0.884   1.00 27.45 ? 75  LEU A CB  1 
ATOM   294  C CG  . LEU A 1 36  ? 3.140   -3.879  -0.567  1.00 31.26 ? 75  LEU A CG  1 
ATOM   295  C CD1 . LEU A 1 36  ? 2.233   -4.702  -1.460  1.00 36.01 ? 75  LEU A CD1 1 
ATOM   296  C CD2 . LEU A 1 36  ? 3.189   -2.425  -1.031  1.00 36.48 ? 75  LEU A CD2 1 
ATOM   297  N N   . LYS A 1 37  ? 4.661   -6.868  0.712   1.00 25.47 ? 76  LYS A N   1 
ATOM   298  C CA  . LYS A 1 37  ? 6.042   -7.375  0.525   1.00 26.81 ? 76  LYS A CA  1 
ATOM   299  C C   . LYS A 1 37  ? 6.263   -7.704  -0.946  1.00 23.77 ? 76  LYS A C   1 
ATOM   300  O O   . LYS A 1 37  ? 5.366   -8.262  -1.563  1.00 21.54 ? 76  LYS A O   1 
ATOM   301  C CB  . LYS A 1 37  ? 6.291   -8.607  1.398   1.00 30.26 ? 76  LYS A CB  1 
ATOM   302  C CG  . LYS A 1 37  ? 6.083   -8.405  2.885   1.00 32.05 ? 76  LYS A CG  1 
ATOM   303  C CD  . LYS A 1 37  ? 6.599   -9.566  3.690   1.00 38.20 ? 76  LYS A CD  1 
ATOM   304  C CE  . LYS A 1 37  ? 6.032   -9.597  5.086   1.00 45.34 ? 76  LYS A CE  1 
ATOM   305  N NZ  . LYS A 1 37  ? 4.750   -10.339 5.110   1.00 48.97 ? 76  LYS A NZ  1 
ATOM   306  N N   . VAL A 1 38  ? 7.404   -7.286  -1.492  1.00 22.26 ? 77  VAL A N   1 
ATOM   307  C CA  . VAL A 1 38  ? 7.744   -7.494  -2.925  1.00 24.60 ? 77  VAL A CA  1 
ATOM   308  C C   . VAL A 1 38  ? 9.118   -8.154  -3.020  1.00 23.80 ? 77  VAL A C   1 
ATOM   309  O O   . VAL A 1 38  ? 10.025  -7.844  -2.204  1.00 25.02 ? 77  VAL A O   1 
ATOM   310  C CB  . VAL A 1 38  ? 7.639   -6.194  -3.751  1.00 24.95 ? 77  VAL A CB  1 
ATOM   311  C CG1 . VAL A 1 38  ? 6.207   -5.700  -3.819  1.00 27.07 ? 77  VAL A CG1 1 
ATOM   312  C CG2 . VAL A 1 38  ? 8.517   -5.073  -3.237  1.00 24.54 ? 77  VAL A CG2 1 
ATOM   313  N N   . ASN A 1 39  ? 9.251   -9.003  -4.019  1.00 23.95 ? 78  ASN A N   1 
ATOM   314  C CA  . ASN A 1 39  ? 10.557  -9.551  -4.468  1.00 25.65 ? 78  ASN A CA  1 
ATOM   315  C C   . ASN A 1 39  ? 10.977  -8.756  -5.707  1.00 24.39 ? 78  ASN A C   1 
ATOM   316  O O   . ASN A 1 39  ? 10.101  -8.318  -6.517  1.00 24.67 ? 78  ASN A O   1 
ATOM   317  C CB  . ASN A 1 39  ? 10.489  -11.067 -4.619  1.00 28.95 ? 78  ASN A CB  1 
ATOM   318  C CG  . ASN A 1 39  ? 9.426   -11.539 -5.582  1.00 31.12 ? 78  ASN A CG  1 
ATOM   319  O OD1 . ASN A 1 39  ? 9.477   -11.242 -6.783  1.00 32.82 ? 78  ASN A OD1 1 
ATOM   320  N ND2 . ASN A 1 39  ? 8.464   -12.283 -5.064  1.00 34.76 ? 78  ASN A ND2 1 
ATOM   321  N N   . VAL A 1 40  ? 12.256  -8.441  -5.777  1.00 24.84 ? 79  VAL A N   1 
ATOM   322  C CA  . VAL A 1 40  ? 12.825  -7.574  -6.847  1.00 23.99 ? 79  VAL A CA  1 
ATOM   323  C C   . VAL A 1 40  ? 13.949  -8.324  -7.550  1.00 23.22 ? 79  VAL A C   1 
ATOM   324  O O   . VAL A 1 40  ? 14.862  -8.850  -6.864  1.00 24.66 ? 79  VAL A O   1 
ATOM   325  C CB  . VAL A 1 40  ? 13.329  -6.242  -6.273  1.00 23.52 ? 79  VAL A CB  1 
ATOM   326  C CG1 . VAL A 1 40  ? 13.907  -5.374  -7.377  1.00 25.38 ? 79  VAL A CG1 1 
ATOM   327  C CG2 . VAL A 1 40  ? 12.247  -5.528  -5.495  1.00 26.07 ? 79  VAL A CG2 1 
ATOM   328  N N   . SER A 1 41  ? 13.917  -8.323  -8.873  1.00 25.07 ? 80  SER A N   1 
ATOM   329  C CA  . SER A 1 41  ? 15.062  -8.770  -9.700  1.00 27.43 ? 80  SER A CA  1 
ATOM   330  C C   . SER A 1 41  ? 15.333  -7.743  -10.806 1.00 26.89 ? 80  SER A C   1 
ATOM   331  O O   . SER A 1 41  ? 14.422  -6.973  -11.154 1.00 26.51 ? 80  SER A O   1 
ATOM   332  C CB  . SER A 1 41  ? 14.835  -10.173 -10.228 1.00 27.72 ? 80  SER A CB  1 
ATOM   333  O OG  . SER A 1 41  ? 13.796  -10.192 -11.193 1.00 37.59 ? 80  SER A OG  1 
ATOM   334  N N   . GLY A 1 42  ? 16.565  -7.729  -11.327 1.00 27.69 ? 81  GLY A N   1 
ATOM   335  C CA  . GLY A 1 42  ? 16.975  -6.913  -12.481 1.00 24.50 ? 81  GLY A CA  1 
ATOM   336  C C   . GLY A 1 42  ? 17.292  -5.474  -12.133 1.00 25.31 ? 81  GLY A C   1 
ATOM   337  O O   . GLY A 1 42  ? 17.390  -4.630  -13.075 1.00 24.35 ? 81  GLY A O   1 
ATOM   338  N N   . LEU A 1 43  ? 17.508  -5.157  -10.863 1.00 24.20 ? 82  LEU A N   1 
ATOM   339  C CA  . LEU A 1 43  ? 18.230  -3.908  -10.504 1.00 23.14 ? 82  LEU A CA  1 
ATOM   340  C C   . LEU A 1 43  ? 19.725  -4.094  -10.750 1.00 23.86 ? 82  LEU A C   1 
ATOM   341  O O   . LEU A 1 43  ? 20.216  -5.249  -10.811 1.00 22.29 ? 82  LEU A O   1 
ATOM   342  C CB  . LEU A 1 43  ? 17.985  -3.561  -9.033  1.00 25.84 ? 82  LEU A CB  1 
ATOM   343  C CG  . LEU A 1 43  ? 16.585  -3.084  -8.664  1.00 25.90 ? 82  LEU A CG  1 
ATOM   344  C CD1 . LEU A 1 43  ? 16.487  -2.832  -7.171  1.00 27.62 ? 82  LEU A CD1 1 
ATOM   345  C CD2 . LEU A 1 43  ? 16.206  -1.832  -9.436  1.00 27.33 ? 82  LEU A CD2 1 
ATOM   346  N N   . ASP A 1 44  ? 20.453  -2.985  -10.826 1.00 22.98 ? 83  ASP A N   1 
ATOM   347  C CA  . ASP A 1 44  ? 21.930  -3.042  -10.830 1.00 25.42 ? 83  ASP A CA  1 
ATOM   348  C C   . ASP A 1 44  ? 22.386  -3.281  -9.395  1.00 24.10 ? 83  ASP A C   1 
ATOM   349  O O   . ASP A 1 44  ? 22.217  -2.408  -8.550  1.00 23.61 ? 83  ASP A O   1 
ATOM   350  C CB  . ASP A 1 44  ? 22.509  -1.787  -11.476 1.00 27.38 ? 83  ASP A CB  1 
ATOM   351  C CG  . ASP A 1 44  ? 24.017  -1.740  -11.505 1.00 29.88 ? 83  ASP A CG  1 
ATOM   352  O OD1 . ASP A 1 44  ? 24.669  -2.660  -10.948 1.00 29.61 ? 83  ASP A OD1 1 
ATOM   353  O OD2 . ASP A 1 44  ? 24.529  -0.770  -12.086 1.00 34.10 ? 83  ASP A OD2 1 
ATOM   354  N N   . PRO A 1 45  ? 23.002  -4.446  -9.082  1.00 23.69 ? 84  PRO A N   1 
ATOM   355  C CA  . PRO A 1 45  ? 23.328  -4.773  -7.693  1.00 23.53 ? 84  PRO A CA  1 
ATOM   356  C C   . PRO A 1 45  ? 24.267  -3.725  -7.100  1.00 24.40 ? 84  PRO A C   1 
ATOM   357  O O   . PRO A 1 45  ? 24.211  -3.510  -5.908  1.00 22.62 ? 84  PRO A O   1 
ATOM   358  C CB  . PRO A 1 45  ? 23.956  -6.172  -7.736  1.00 25.25 ? 84  PRO A CB  1 
ATOM   359  C CG  . PRO A 1 45  ? 24.296  -6.408  -9.181  1.00 27.07 ? 84  PRO A CG  1 
ATOM   360  C CD  . PRO A 1 45  ? 23.376  -5.522  -10.010 1.00 24.70 ? 84  PRO A CD  1 
ATOM   361  N N   . ASN A 1 46  ? 25.034  -3.050  -7.960  1.00 24.61 ? 85  ASN A N   1 
ATOM   362  C CA  . ASN A 1 46  ? 26.076  -2.075  -7.555  1.00 24.96 ? 85  ASN A CA  1 
ATOM   363  C C   . ASN A 1 46  ? 25.453  -0.688  -7.343  1.00 26.28 ? 85  ASN A C   1 
ATOM   364  O O   . ASN A 1 46  ? 26.039  0.080   -6.599  1.00 29.05 ? 85  ASN A O   1 
ATOM   365  C CB  . ASN A 1 46  ? 27.200  -2.003  -8.593  1.00 25.36 ? 85  ASN A CB  1 
ATOM   366  C CG  . ASN A 1 46  ? 27.791  -3.346  -8.981  1.00 25.97 ? 85  ASN A CG  1 
ATOM   367  O OD1 . ASN A 1 46  ? 28.135  -4.166  -8.144  1.00 31.11 ? 85  ASN A OD1 1 
ATOM   368  N ND2 . ASN A 1 46  ? 27.842  -3.618  -10.270 1.00 34.41 ? 85  ASN A ND2 1 
ATOM   369  N N   . ALA A 1 47  ? 24.284  -0.397  -7.926  1.00 22.63 ? 86  ALA A N   1 
ATOM   370  C CA  . ALA A 1 47  ? 23.666  0.950   -7.875  1.00 22.34 ? 86  ALA A CA  1 
ATOM   371  C C   . ALA A 1 47  ? 22.956  1.131   -6.535  1.00 22.27 ? 86  ALA A C   1 
ATOM   372  O O   . ALA A 1 47  ? 22.731  0.121   -5.853  1.00 23.17 ? 86  ALA A O   1 
ATOM   373  C CB  . ALA A 1 47  ? 22.739  1.147   -9.029  1.00 22.31 ? 86  ALA A CB  1 
ATOM   374  N N   . MET A 1 48  ? 22.649  2.369   -6.158  1.00 21.93 ? 87  MET A N   1 
ATOM   375  C CA  . MET A 1 48  ? 21.867  2.634   -4.924  1.00 20.47 ? 87  MET A CA  1 
ATOM   376  C C   . MET A 1 48  ? 20.497  3.161   -5.350  1.00 21.35 ? 87  MET A C   1 
ATOM   377  O O   . MET A 1 48  ? 20.407  3.907   -6.357  1.00 22.06 ? 87  MET A O   1 
ATOM   378  C CB  . MET A 1 48  ? 22.564  3.600   -3.968  1.00 22.65 ? 87  MET A CB  1 
ATOM   379  C CG  . MET A 1 48  ? 23.775  2.963   -3.316  1.00 24.03 ? 87  MET A CG  1 
ATOM   380  S SD  . MET A 1 48  ? 24.417  4.038   -2.059  1.00 26.00 ? 87  MET A SD  1 
ATOM   381  C CE  . MET A 1 48  ? 23.387  3.606   -0.655  1.00 29.69 ? 87  MET A CE  1 
ATOM   382  N N   . TYR A 1 49  ? 19.473  2.652   -4.678  1.00 22.03 ? 88  TYR A N   1 
ATOM   383  C CA  . TYR A 1 49  ? 18.062  3.007   -4.892  1.00 21.68 ? 88  TYR A CA  1 
ATOM   384  C C   . TYR A 1 49  ? 17.391  3.304   -3.558  1.00 23.43 ? 88  TYR A C   1 
ATOM   385  O O   . TYR A 1 49  ? 17.846  2.786   -2.464  1.00 20.52 ? 88  TYR A O   1 
ATOM   386  C CB  . TYR A 1 49  ? 17.314  1.872   -5.575  1.00 21.43 ? 88  TYR A CB  1 
ATOM   387  C CG  . TYR A 1 49  ? 17.963  1.357   -6.825  1.00 21.06 ? 88  TYR A CG  1 
ATOM   388  C CD1 . TYR A 1 49  ? 17.569  1.833   -8.069  1.00 20.00 ? 88  TYR A CD1 1 
ATOM   389  C CD2 . TYR A 1 49  ? 18.964  0.397   -6.772  1.00 21.05 ? 88  TYR A CD2 1 
ATOM   390  C CE1 . TYR A 1 49  ? 18.155  1.346   -9.223  1.00 21.20 ? 88  TYR A CE1 1 
ATOM   391  C CE2 . TYR A 1 49  ? 19.540  -0.115  -7.920  1.00 21.49 ? 88  TYR A CE2 1 
ATOM   392  C CZ  . TYR A 1 49  ? 19.133  0.366   -9.150  1.00 20.83 ? 88  TYR A CZ  1 
ATOM   393  O OH  . TYR A 1 49  ? 19.731  -0.159  -10.256 1.00 23.42 ? 88  TYR A OH  1 
ATOM   394  N N   . SER A 1 50  ? 16.345  4.128   -3.645  1.00 22.47 ? 89  SER A N   1 
ATOM   395  C CA  . SER A 1 50  ? 15.327  4.305   -2.580  1.00 23.34 ? 89  SER A CA  1 
ATOM   396  C C   . SER A 1 50  ? 14.020  3.652   -3.034  1.00 22.15 ? 89  SER A C   1 
ATOM   397  O O   . SER A 1 50  ? 13.729  3.710   -4.218  1.00 22.51 ? 89  SER A O   1 
ATOM   398  C CB  . SER A 1 50  ? 15.148  5.749   -2.242  1.00 25.63 ? 89  SER A CB  1 
ATOM   399  O OG  . SER A 1 50  ? 16.356  6.266   -1.692  1.00 29.26 ? 89  SER A OG  1 
ATOM   400  N N   . PHE A 1 51  ? 13.281  3.070   -2.098  1.00 20.77 ? 90  PHE A N   1 
ATOM   401  C CA  . PHE A 1 51  ? 11.940  2.469   -2.292  1.00 21.47 ? 90  PHE A CA  1 
ATOM   402  C C   . PHE A 1 51  ? 10.940  3.367   -1.566  1.00 22.52 ? 90  PHE A C   1 
ATOM   403  O O   . PHE A 1 51  ? 11.105  3.649   -0.359  1.00 23.70 ? 90  PHE A O   1 
ATOM   404  C CB  . PHE A 1 51  ? 11.911  1.028   -1.770  1.00 20.48 ? 90  PHE A CB  1 
ATOM   405  C CG  . PHE A 1 51  ? 12.366  -0.003  -2.762  1.00 21.47 ? 90  PHE A CG  1 
ATOM   406  C CD1 . PHE A 1 51  ? 11.493  -0.986  -3.203  1.00 21.47 ? 90  PHE A CD1 1 
ATOM   407  C CD2 . PHE A 1 51  ? 13.677  -0.019  -3.230  1.00 20.06 ? 90  PHE A CD2 1 
ATOM   408  C CE1 . PHE A 1 51  ? 11.905  -1.945  -4.124  1.00 23.02 ? 90  PHE A CE1 1 
ATOM   409  C CE2 . PHE A 1 51  ? 14.080  -0.957  -4.161  1.00 20.97 ? 90  PHE A CE2 1 
ATOM   410  C CZ  . PHE A 1 51  ? 13.206  -1.938  -4.585  1.00 22.17 ? 90  PHE A CZ  1 
ATOM   411  N N   . LEU A 1 52  ? 9.918   3.791   -2.297  1.00 23.23 ? 91  LEU A N   1 
ATOM   412  C CA  . LEU A 1 52  ? 8.835   4.687   -1.841  1.00 24.99 ? 91  LEU A CA  1 
ATOM   413  C C   . LEU A 1 52  ? 7.491   3.978   -2.020  1.00 23.89 ? 91  LEU A C   1 
ATOM   414  O O   . LEU A 1 52  ? 7.365   3.134   -2.935  1.00 22.52 ? 91  LEU A O   1 
ATOM   415  C CB  . LEU A 1 52  ? 8.865   5.952   -2.706  1.00 28.70 ? 91  LEU A CB  1 
ATOM   416  C CG  . LEU A 1 52  ? 9.823   7.082   -2.310  1.00 34.89 ? 91  LEU A CG  1 
ATOM   417  C CD1 . LEU A 1 52  ? 11.230  6.596   -2.044  1.00 35.41 ? 91  LEU A CD1 1 
ATOM   418  C CD2 . LEU A 1 52  ? 9.812   8.170   -3.388  1.00 36.41 ? 91  LEU A CD2 1 
ATOM   419  N N   . LEU A 1 53  ? 6.544   4.247   -1.125  1.00 24.25 ? 92  LEU A N   1 
ATOM   420  C CA  . LEU A 1 53  ? 5.187   3.651   -1.196  1.00 25.18 ? 92  LEU A CA  1 
ATOM   421  C C   . LEU A 1 53  ? 4.145   4.769   -1.112  1.00 25.16 ? 92  LEU A C   1 
ATOM   422  O O   . LEU A 1 53  ? 4.181   5.551   -0.155  1.00 26.70 ? 92  LEU A O   1 
ATOM   423  C CB  . LEU A 1 53  ? 5.013   2.659   -0.048  1.00 24.76 ? 92  LEU A CB  1 
ATOM   424  C CG  . LEU A 1 53  ? 3.592   2.182   0.244   1.00 25.07 ? 92  LEU A CG  1 
ATOM   425  C CD1 . LEU A 1 53  ? 3.072   1.323   -0.898  1.00 25.12 ? 92  LEU A CD1 1 
ATOM   426  C CD2 . LEU A 1 53  ? 3.573   1.425   1.576   1.00 23.73 ? 92  LEU A CD2 1 
ATOM   427  N N   . ASP A 1 54  ? 3.211   4.787   -2.042  1.00 23.51 ? 93  ASP A N   1 
ATOM   428  C CA  . ASP A 1 54  ? 2.011   5.649   -1.901  1.00 24.57 ? 93  ASP A CA  1 
ATOM   429  C C   . ASP A 1 54  ? 0.771   4.818   -2.208  1.00 23.56 ? 93  ASP A C   1 
ATOM   430  O O   . ASP A 1 54  ? 0.894   3.645   -2.581  1.00 21.92 ? 93  ASP A O   1 
ATOM   431  C CB  . ASP A 1 54  ? 2.125   6.963   -2.684  1.00 23.40 ? 93  ASP A CB  1 
ATOM   432  C CG  . ASP A 1 54  ? 2.050   6.882   -4.193  1.00 28.34 ? 93  ASP A CG  1 
ATOM   433  O OD1 . ASP A 1 54  ? 2.220   5.795   -4.749  1.00 26.99 ? 93  ASP A OD1 1 
ATOM   434  O OD2 . ASP A 1 54  ? 1.814   7.926   -4.812  1.00 35.23 ? 93  ASP A OD2 1 
ATOM   435  N N   . PHE A 1 55  ? -0.394  5.439   -2.031  1.00 25.61 ? 94  PHE A N   1 
ATOM   436  C CA  . PHE A 1 55  ? -1.727  4.800   -2.160  1.00 24.65 ? 94  PHE A CA  1 
ATOM   437  C C   . PHE A 1 55  ? -2.561  5.623   -3.151  1.00 25.42 ? 94  PHE A C   1 
ATOM   438  O O   . PHE A 1 55  ? -2.786  6.816   -2.912  1.00 27.99 ? 94  PHE A O   1 
ATOM   439  C CB  . PHE A 1 55  ? -2.332  4.706   -0.762  1.00 24.78 ? 94  PHE A CB  1 
ATOM   440  C CG  . PHE A 1 55  ? -1.586  3.782   0.170   1.00 23.66 ? 94  PHE A CG  1 
ATOM   441  C CD1 . PHE A 1 55  ? -2.048  2.489   0.419   1.00 25.27 ? 94  PHE A CD1 1 
ATOM   442  C CD2 . PHE A 1 55  ? -0.386  4.167   0.754   1.00 24.06 ? 94  PHE A CD2 1 
ATOM   443  C CE1 . PHE A 1 55  ? -1.339  1.624   1.246   1.00 24.77 ? 94  PHE A CE1 1 
ATOM   444  C CE2 . PHE A 1 55  ? 0.298   3.309   1.600   1.00 23.37 ? 94  PHE A CE2 1 
ATOM   445  C CZ  . PHE A 1 55  ? -0.198  2.052   1.876   1.00 23.22 ? 94  PHE A CZ  1 
ATOM   446  N N   . VAL A 1 56  ? -2.951  5.023   -4.257  1.00 25.56 ? 95  VAL A N   1 
ATOM   447  C CA  . VAL A 1 56  ? -3.712  5.708   -5.338  1.00 26.17 ? 95  VAL A CA  1 
ATOM   448  C C   . VAL A 1 56  ? -5.204  5.451   -5.108  1.00 26.64 ? 95  VAL A C   1 
ATOM   449  O O   . VAL A 1 56  ? -5.566  4.283   -4.884  1.00 23.19 ? 95  VAL A O   1 
ATOM   450  C CB  . VAL A 1 56  ? -3.251  5.190   -6.708  1.00 28.42 ? 95  VAL A CB  1 
ATOM   451  C CG1 . VAL A 1 56  ? -3.976  5.866   -7.846  1.00 31.05 ? 95  VAL A CG1 1 
ATOM   452  C CG2 . VAL A 1 56  ? -1.742  5.350   -6.871  1.00 29.39 ? 95  VAL A CG2 1 
ATOM   453  N N   . ALA A 1 57  ? -6.008  6.510   -5.144  1.00 26.39 ? 96  ALA A N   1 
ATOM   454  C CA  . ALA A 1 57  ? -7.485  6.461   -5.071  1.00 29.62 ? 96  ALA A CA  1 
ATOM   455  C C   . ALA A 1 57  ? -7.971  5.713   -6.301  1.00 28.64 ? 96  ALA A C   1 
ATOM   456  O O   . ALA A 1 57  ? -7.533  6.084   -7.382  1.00 29.53 ? 96  ALA A O   1 
ATOM   457  C CB  . ALA A 1 57  ? -8.058  7.858   -4.994  1.00 27.23 ? 96  ALA A CB  1 
ATOM   458  N N   . ALA A 1 58  ? -8.766  4.646   -6.132  1.00 28.81 ? 97  ALA A N   1 
ATOM   459  C CA  . ALA A 1 58  ? -9.223  3.779   -7.243  1.00 28.79 ? 97  ALA A CA  1 
ATOM   460  C C   . ALA A 1 58  ? -10.477 4.346   -7.930  1.00 32.47 ? 97  ALA A C   1 
ATOM   461  O O   . ALA A 1 58  ? -10.658 4.024   -9.119  1.00 37.04 ? 97  ALA A O   1 
ATOM   462  C CB  . ALA A 1 58  ? -9.459  2.375   -6.770  1.00 31.99 ? 97  ALA A CB  1 
ATOM   463  N N   . ASP A 1 59  ? -11.280 5.189   -7.275  1.00 30.96 ? 98  ASP A N   1 
ATOM   464  C CA  . ASP A 1 59  ? -12.631 5.545   -7.803  1.00 31.49 ? 98  ASP A CA  1 
ATOM   465  C C   . ASP A 1 59  ? -12.929 7.030   -7.668  1.00 33.19 ? 98  ASP A C   1 
ATOM   466  O O   . ASP A 1 59  ? -12.316 7.678   -6.808  1.00 32.31 ? 98  ASP A O   1 
ATOM   467  C CB  . ASP A 1 59  ? -13.720 4.794   -7.041  1.00 33.66 ? 98  ASP A CB  1 
ATOM   468  C CG  . ASP A 1 59  ? -13.347 3.349   -6.828  1.00 32.79 ? 98  ASP A CG  1 
ATOM   469  O OD1 . ASP A 1 59  ? -13.156 2.973   -5.655  1.00 32.83 ? 98  ASP A OD1 1 
ATOM   470  O OD2 . ASP A 1 59  ? -13.203 2.637   -7.839  1.00 32.07 ? 98  ASP A OD2 1 
ATOM   471  N N   . ASN A 1 60  ? -13.910 7.534   -8.434  1.00 32.45 ? 99  ASN A N   1 
ATOM   472  C CA  . ASN A 1 60  ? -14.421 8.927   -8.300  1.00 37.09 ? 99  ASN A CA  1 
ATOM   473  C C   . ASN A 1 60  ? -15.661 8.911   -7.391  1.00 38.08 ? 99  ASN A C   1 
ATOM   474  O O   . ASN A 1 60  ? -16.578 9.763   -7.568  1.00 36.25 ? 99  ASN A O   1 
ATOM   475  C CB  . ASN A 1 60  ? -14.689 9.569   -9.670  1.00 44.48 ? 99  ASN A CB  1 
ATOM   476  C CG  . ASN A 1 60  ? -15.845 8.935   -10.416 1.00 48.09 ? 99  ASN A CG  1 
ATOM   477  O OD1 . ASN A 1 60  ? -16.359 7.903   -9.997  1.00 53.21 ? 99  ASN A OD1 1 
ATOM   478  N ND2 . ASN A 1 60  ? -16.272 9.540   -11.518 1.00 51.14 ? 99  ASN A ND2 1 
ATOM   479  N N   . HIS A 1 61  ? -15.703 7.981   -6.434  1.00 30.66 ? 100 HIS A N   1 
ATOM   480  C CA  . HIS A 1 61  ? -16.881 7.795   -5.558  1.00 30.26 ? 100 HIS A CA  1 
ATOM   481  C C   . HIS A 1 61  ? -16.435 7.040   -4.314  1.00 29.21 ? 100 HIS A C   1 
ATOM   482  O O   . HIS A 1 61  ? -15.360 6.380   -4.375  1.00 32.94 ? 100 HIS A O   1 
ATOM   483  C CB  . HIS A 1 61  ? -17.996 7.086   -6.328  1.00 28.86 ? 100 HIS A CB  1 
ATOM   484  C CG  . HIS A 1 61  ? -17.759 5.634   -6.518  1.00 29.02 ? 100 HIS A CG  1 
ATOM   485  N ND1 . HIS A 1 61  ? -17.414 5.078   -7.745  1.00 30.76 ? 100 HIS A ND1 1 
ATOM   486  C CD2 . HIS A 1 61  ? -17.840 4.609   -5.641  1.00 26.06 ? 100 HIS A CD2 1 
ATOM   487  C CE1 . HIS A 1 61  ? -17.321 3.782   -7.603  1.00 27.61 ? 100 HIS A CE1 1 
ATOM   488  N NE2 . HIS A 1 61  ? -17.554 3.467   -6.318  1.00 29.79 ? 100 HIS A NE2 1 
ATOM   489  N N   . ARG A 1 62  ? -17.206 7.153   -3.242  1.00 28.32 ? 101 ARG A N   1 
ATOM   490  C CA  . ARG A 1 62  ? -16.934 6.415   -1.989  1.00 27.69 ? 101 ARG A CA  1 
ATOM   491  C C   . ARG A 1 62  ? -17.807 5.154   -1.984  1.00 24.15 ? 101 ARG A C   1 
ATOM   492  O O   . ARG A 1 62  ? -18.600 4.930   -2.928  1.00 23.67 ? 101 ARG A O   1 
ATOM   493  C CB  . ARG A 1 62  ? -17.094 7.346   -0.785  1.00 31.77 ? 101 ARG A CB  1 
ATOM   494  C CG  . ARG A 1 62  ? -18.528 7.584   -0.337  1.00 37.55 ? 101 ARG A CG  1 
ATOM   495  C CD  . ARG A 1 62  ? -18.633 8.449   0.911   1.00 41.84 ? 101 ARG A CD  1 
ATOM   496  N NE  . ARG A 1 62  ? -19.145 9.763   0.559   1.00 51.03 ? 101 ARG A NE  1 
ATOM   497  C CZ  . ARG A 1 62  ? -19.064 10.851  1.315   1.00 58.38 ? 101 ARG A CZ  1 
ATOM   498  N NH1 . ARG A 1 62  ? -19.566 11.995  0.867   1.00 60.50 ? 101 ARG A NH1 1 
ATOM   499  N NH2 . ARG A 1 62  ? -18.507 10.792  2.515   1.00 61.34 ? 101 ARG A NH2 1 
ATOM   500  N N   . TRP A 1 63  ? -17.586 4.317   -0.986  1.00 21.95 ? 102 TRP A N   1 
ATOM   501  C CA  . TRP A 1 63  ? -18.253 3.001   -0.865  1.00 23.85 ? 102 TRP A CA  1 
ATOM   502  C C   . TRP A 1 63  ? -19.021 3.013   0.449   1.00 21.53 ? 102 TRP A C   1 
ATOM   503  O O   . TRP A 1 63  ? -18.731 3.848   1.352   1.00 24.14 ? 102 TRP A O   1 
ATOM   504  C CB  . TRP A 1 63  ? -17.250 1.845   -0.910  1.00 23.92 ? 102 TRP A CB  1 
ATOM   505  C CG  . TRP A 1 63  ? -16.575 1.688   -2.225  1.00 23.17 ? 102 TRP A CG  1 
ATOM   506  C CD1 . TRP A 1 63  ? -15.437 2.310   -2.645  1.00 23.59 ? 102 TRP A CD1 1 
ATOM   507  C CD2 . TRP A 1 63  ? -17.041 0.897   -3.321  1.00 23.80 ? 102 TRP A CD2 1 
ATOM   508  N NE1 . TRP A 1 63  ? -15.148 1.933   -3.922  1.00 24.43 ? 102 TRP A NE1 1 
ATOM   509  C CE2 . TRP A 1 63  ? -16.115 1.075   -4.371  1.00 25.52 ? 102 TRP A CE2 1 
ATOM   510  C CE3 . TRP A 1 63  ? -18.152 0.078   -3.533  1.00 25.10 ? 102 TRP A CE3 1 
ATOM   511  C CZ2 . TRP A 1 63  ? -16.266 0.457   -5.607  1.00 25.43 ? 102 TRP A CZ2 1 
ATOM   512  C CZ3 . TRP A 1 63  ? -18.301 -0.538  -4.757  1.00 25.82 ? 102 TRP A CZ3 1 
ATOM   513  C CH2 . TRP A 1 63  ? -17.372 -0.346  -5.780  1.00 25.12 ? 102 TRP A CH2 1 
ATOM   514  N N   A LYS A 1 64  ? -19.967 2.084   0.538   0.50 22.41 ? 103 LYS A N   1 
ATOM   515  N N   B LYS A 1 64  ? -19.998 2.135   0.570   0.50 22.67 ? 103 LYS A N   1 
ATOM   516  C CA  A LYS A 1 64  ? -20.848 1.841   1.703   0.50 23.70 ? 103 LYS A CA  1 
ATOM   517  C CA  B LYS A 1 64  ? -20.606 1.821   1.878   0.50 23.96 ? 103 LYS A CA  1 
ATOM   518  C C   A LYS A 1 64  ? -21.095 0.337   1.765   0.50 22.80 ? 103 LYS A C   1 
ATOM   519  C C   B LYS A 1 64  ? -21.069 0.376   1.801   0.50 23.08 ? 103 LYS A C   1 
ATOM   520  O O   A LYS A 1 64  ? -21.177 -0.272  0.683   0.50 23.15 ? 103 LYS A O   1 
ATOM   521  O O   B LYS A 1 64  ? -21.239 -0.140  0.686   0.50 23.41 ? 103 LYS A O   1 
ATOM   522  C CB  A LYS A 1 64  ? -22.161 2.628   1.591   0.50 25.07 ? 103 LYS A CB  1 
ATOM   523  C CB  B LYS A 1 64  ? -21.702 2.813   2.289   0.50 26.37 ? 103 LYS A CB  1 
ATOM   524  C CG  A LYS A 1 64  ? -22.996 2.398   0.336   0.50 28.98 ? 103 LYS A CG  1 
ATOM   525  C CG  B LYS A 1 64  ? -22.921 2.897   1.388   0.50 26.57 ? 103 LYS A CG  1 
ATOM   526  C CD  A LYS A 1 64  ? -24.450 2.914   0.474   0.50 29.82 ? 103 LYS A CD  1 
ATOM   527  C CD  B LYS A 1 64  ? -23.937 3.959   1.804   0.50 27.14 ? 103 LYS A CD  1 
ATOM   528  C CE  A LYS A 1 64  ? -24.949 3.922   -0.552  0.50 31.76 ? 103 LYS A CE  1 
ATOM   529  C CE  B LYS A 1 64  ? -25.217 3.892   0.988   0.50 28.42 ? 103 LYS A CE  1 
ATOM   530  N NZ  A LYS A 1 64  ? -25.560 3.314   -1.763  0.50 31.83 ? 103 LYS A NZ  1 
ATOM   531  N NZ  B LYS A 1 64  ? -26.011 5.148   1.031   0.50 26.99 ? 103 LYS A NZ  1 
ATOM   532  N N   . TYR A 1 65  ? -21.156 -0.246  2.968   1.00 22.65 ? 104 TYR A N   1 
ATOM   533  C CA  . TYR A 1 65  ? -21.424 -1.698  3.134   1.00 23.36 ? 104 TYR A CA  1 
ATOM   534  C C   . TYR A 1 65  ? -22.902 -1.820  3.491   1.00 22.60 ? 104 TYR A C   1 
ATOM   535  O O   . TYR A 1 65  ? -23.253 -1.360  4.562   1.00 25.35 ? 104 TYR A O   1 
ATOM   536  C CB  . TYR A 1 65  ? -20.479 -2.306  4.175   1.00 22.36 ? 104 TYR A CB  1 
ATOM   537  C CG  . TYR A 1 65  ? -20.441 -3.813  4.193   1.00 23.37 ? 104 TYR A CG  1 
ATOM   538  C CD1 . TYR A 1 65  ? -19.831 -4.531  3.175   1.00 25.02 ? 104 TYR A CD1 1 
ATOM   539  C CD2 . TYR A 1 65  ? -20.959 -4.545  5.261   1.00 25.37 ? 104 TYR A CD2 1 
ATOM   540  C CE1 . TYR A 1 65  ? -19.779 -5.918  3.186   1.00 27.09 ? 104 TYR A CE1 1 
ATOM   541  C CE2 . TYR A 1 65  ? -20.886 -5.938  5.297   1.00 24.34 ? 104 TYR A CE2 1 
ATOM   542  C CZ  . TYR A 1 65  ? -20.266 -6.628  4.272   1.00 26.36 ? 104 TYR A CZ  1 
ATOM   543  O OH  . TYR A 1 65  ? -20.195 -8.001  4.241   1.00 28.10 ? 104 TYR A OH  1 
ATOM   544  N N   . VAL A 1 66  ? -23.731 -2.300  2.579   1.00 22.10 ? 105 VAL A N   1 
ATOM   545  C CA  . VAL A 1 66  ? -25.210 -2.305  2.767   1.00 23.30 ? 105 VAL A CA  1 
ATOM   546  C C   . VAL A 1 66  ? -25.700 -3.734  2.514   1.00 22.31 ? 105 VAL A C   1 
ATOM   547  O O   . VAL A 1 66  ? -25.428 -4.282  1.439   1.00 21.92 ? 105 VAL A O   1 
ATOM   548  C CB  . VAL A 1 66  ? -25.894 -1.288  1.833   1.00 25.40 ? 105 VAL A CB  1 
ATOM   549  C CG1 . VAL A 1 66  ? -27.409 -1.377  1.927   1.00 26.82 ? 105 VAL A CG1 1 
ATOM   550  C CG2 . VAL A 1 66  ? -25.431 0.124   2.111   1.00 27.13 ? 105 VAL A CG2 1 
ATOM   551  N N   . ASN A 1 67  ? -26.374 -4.337  3.494   1.00 24.46 ? 106 ASN A N   1 
ATOM   552  C CA  . ASN A 1 67  ? -26.935 -5.703  3.307   1.00 24.13 ? 106 ASN A CA  1 
ATOM   553  C C   . ASN A 1 67  ? -25.829 -6.677  2.888   1.00 24.78 ? 106 ASN A C   1 
ATOM   554  O O   . ASN A 1 67  ? -26.090 -7.499  2.003   1.00 27.47 ? 106 ASN A O   1 
ATOM   555  C CB  . ASN A 1 67  ? -28.057 -5.648  2.257   1.00 24.42 ? 106 ASN A CB  1 
ATOM   556  C CG  . ASN A 1 67  ? -29.216 -4.772  2.699   1.00 24.13 ? 106 ASN A CG  1 
ATOM   557  O OD1 . ASN A 1 67  ? -29.381 -4.507  3.893   1.00 26.48 ? 106 ASN A OD1 1 
ATOM   558  N ND2 . ASN A 1 67  ? -30.018 -4.294  1.755   1.00 25.20 ? 106 ASN A ND2 1 
ATOM   559  N N   . GLY A 1 68  ? -24.623 -6.576  3.459   1.00 28.75 ? 107 GLY A N   1 
ATOM   560  C CA  . GLY A 1 68  ? -23.534 -7.557  3.258   1.00 30.38 ? 107 GLY A CA  1 
ATOM   561  C C   . GLY A 1 68  ? -22.859 -7.424  1.908   1.00 32.14 ? 107 GLY A C   1 
ATOM   562  O O   . GLY A 1 68  ? -22.220 -8.420  1.434   1.00 31.58 ? 107 GLY A O   1 
ATOM   563  N N   . GLU A 1 69  ? -22.985 -6.241  1.307   1.00 29.73 ? 108 GLU A N   1 
ATOM   564  C CA  . GLU A 1 69  ? -22.544 -5.913  -0.074  1.00 33.86 ? 108 GLU A CA  1 
ATOM   565  C C   . GLU A 1 69  ? -21.853 -4.537  -0.014  1.00 31.88 ? 108 GLU A C   1 
ATOM   566  O O   . GLU A 1 69  ? -22.449 -3.587  0.548   1.00 26.53 ? 108 GLU A O   1 
ATOM   567  C CB  . GLU A 1 69  ? -23.823 -5.921  -0.930  1.00 37.51 ? 108 GLU A CB  1 
ATOM   568  C CG  . GLU A 1 69  ? -23.678 -6.270  -2.398  1.00 45.39 ? 108 GLU A CG  1 
ATOM   569  C CD  . GLU A 1 69  ? -24.987 -6.082  -3.163  1.00 50.55 ? 108 GLU A CD  1 
ATOM   570  O OE1 . GLU A 1 69  ? -25.270 -6.886  -4.082  1.00 60.63 ? 108 GLU A OE1 1 
ATOM   571  O OE2 . GLU A 1 69  ? -25.740 -5.121  -2.834  1.00 43.90 ? 108 GLU A OE2 1 
ATOM   572  N N   . TRP A 1 70  ? -20.647 -4.397  -0.561  1.00 29.18 ? 109 TRP A N   1 
ATOM   573  C CA  . TRP A 1 70  ? -20.073 -3.053  -0.807  1.00 27.78 ? 109 TRP A CA  1 
ATOM   574  C C   . TRP A 1 70  ? -20.712 -2.471  -2.069  1.00 25.47 ? 109 TRP A C   1 
ATOM   575  O O   . TRP A 1 70  ? -20.686 -3.124  -3.132  1.00 25.64 ? 109 TRP A O   1 
ATOM   576  C CB  . TRP A 1 70  ? -18.557 -3.080  -0.962  1.00 26.59 ? 109 TRP A CB  1 
ATOM   577  C CG  . TRP A 1 70  ? -17.818 -3.269  0.318   1.00 23.20 ? 109 TRP A CG  1 
ATOM   578  C CD1 . TRP A 1 70  ? -17.309 -4.443  0.779   1.00 24.52 ? 109 TRP A CD1 1 
ATOM   579  C CD2 . TRP A 1 70  ? -17.516 -2.277  1.307   1.00 23.66 ? 109 TRP A CD2 1 
ATOM   580  N NE1 . TRP A 1 70  ? -16.692 -4.243  1.983   1.00 22.71 ? 109 TRP A NE1 1 
ATOM   581  C CE2 . TRP A 1 70  ? -16.784 -2.930  2.323   1.00 21.89 ? 109 TRP A CE2 1 
ATOM   582  C CE3 . TRP A 1 70  ? -17.731 -0.902  1.414   1.00 23.12 ? 109 TRP A CE3 1 
ATOM   583  C CZ2 . TRP A 1 70  ? -16.275 -2.243  3.411   1.00 24.37 ? 109 TRP A CZ2 1 
ATOM   584  C CZ3 . TRP A 1 70  ? -17.243 -0.232  2.501   1.00 25.11 ? 109 TRP A CZ3 1 
ATOM   585  C CH2 . TRP A 1 70  ? -16.534 -0.902  3.496   1.00 24.58 ? 109 TRP A CH2 1 
ATOM   586  N N   . VAL A 1 71  ? -21.245 -1.273  -1.961  1.00 22.36 ? 110 VAL A N   1 
ATOM   587  C CA  . VAL A 1 71  ? -21.949 -0.606  -3.095  1.00 23.83 ? 110 VAL A CA  1 
ATOM   588  C C   . VAL A 1 71  ? -21.450 0.827   -3.135  1.00 20.88 ? 110 VAL A C   1 
ATOM   589  O O   . VAL A 1 71  ? -20.983 1.372   -2.133  1.00 22.14 ? 110 VAL A O   1 
ATOM   590  C CB  . VAL A 1 71  ? -23.481 -0.669  -2.948  1.00 23.61 ? 110 VAL A CB  1 
ATOM   591  C CG1 . VAL A 1 71  ? -24.017 -2.079  -3.010  1.00 25.04 ? 110 VAL A CG1 1 
ATOM   592  C CG2 . VAL A 1 71  ? -23.946 0.005   -1.680  1.00 24.23 ? 110 VAL A CG2 1 
ATOM   593  N N   . PRO A 1 72  ? -21.546 1.507   -4.290  1.00 24.49 ? 111 PRO A N   1 
ATOM   594  C CA  . PRO A 1 72  ? -21.226 2.927   -4.346  1.00 24.77 ? 111 PRO A CA  1 
ATOM   595  C C   . PRO A 1 72  ? -22.042 3.697   -3.308  1.00 24.91 ? 111 PRO A C   1 
ATOM   596  O O   . PRO A 1 72  ? -23.228 3.462   -3.205  1.00 26.02 ? 111 PRO A O   1 
ATOM   597  C CB  . PRO A 1 72  ? -21.561 3.292   -5.803  1.00 26.52 ? 111 PRO A CB  1 
ATOM   598  C CG  . PRO A 1 72  ? -21.329 1.995   -6.568  1.00 24.41 ? 111 PRO A CG  1 
ATOM   599  C CD  . PRO A 1 72  ? -21.812 0.922   -5.613  1.00 24.69 ? 111 PRO A CD  1 
ATOM   600  N N   . GLY A 1 73  ? -21.379 4.572   -2.552  1.00 24.60 ? 112 GLY A N   1 
ATOM   601  C CA  . GLY A 1 73  ? -21.907 5.193   -1.324  1.00 27.20 ? 112 GLY A CA  1 
ATOM   602  C C   . GLY A 1 73  ? -21.925 6.709   -1.351  1.00 29.11 ? 112 GLY A C   1 
ATOM   603  O O   . GLY A 1 73  ? -22.191 7.332   -0.322  1.00 33.89 ? 112 GLY A O   1 
ATOM   604  N N   . GLY A 1 74  ? -21.642 7.319   -2.483  1.00 28.70 ? 113 GLY A N   1 
ATOM   605  C CA  . GLY A 1 74  ? -21.667 8.784   -2.551  1.00 30.36 ? 113 GLY A CA  1 
ATOM   606  C C   . GLY A 1 74  ? -20.503 9.346   -3.324  1.00 32.80 ? 113 GLY A C   1 
ATOM   607  O O   . GLY A 1 74  ? -19.618 8.578   -3.808  1.00 29.41 ? 113 GLY A O   1 
ATOM   608  N N   . LYS A 1 75  ? -20.522 10.668  -3.464  1.00 32.86 ? 114 LYS A N   1 
ATOM   609  C CA  . LYS A 1 75  ? -19.429 11.422  -4.096  1.00 36.22 ? 114 LYS A CA  1 
ATOM   610  C C   . LYS A 1 75  ? -18.212 11.280  -3.192  1.00 35.13 ? 114 LYS A C   1 
ATOM   611  O O   . LYS A 1 75  ? -18.322 11.056  -1.986  1.00 38.11 ? 114 LYS A O   1 
ATOM   612  C CB  . LYS A 1 75  ? -19.879 12.864  -4.364  1.00 39.85 ? 114 LYS A CB  1 
ATOM   613  C CG  . LYS A 1 75  ? -20.936 13.008  -5.464  1.00 41.31 ? 114 LYS A CG  1 
ATOM   614  C CD  . LYS A 1 75  ? -20.843 14.276  -6.312  1.00 41.29 ? 114 LYS A CD  1 
ATOM   615  C CE  . LYS A 1 75  ? -21.070 13.995  -7.786  1.00 42.12 ? 114 LYS A CE  1 
ATOM   616  N NZ  . LYS A 1 75  ? -20.324 14.907  -8.688  1.00 50.04 ? 114 LYS A NZ  1 
ATOM   617  N N   . PRO A 1 76  ? -17.003 11.415  -3.750  1.00 37.37 ? 115 PRO A N   1 
ATOM   618  C CA  . PRO A 1 76  ? -15.786 11.303  -2.953  1.00 36.48 ? 115 PRO A CA  1 
ATOM   619  C C   . PRO A 1 76  ? -15.495 12.556  -2.114  1.00 39.58 ? 115 PRO A C   1 
ATOM   620  O O   . PRO A 1 76  ? -15.948 13.667  -2.409  1.00 34.67 ? 115 PRO A O   1 
ATOM   621  C CB  . PRO A 1 76  ? -14.711 11.093  -4.017  1.00 38.74 ? 115 PRO A CB  1 
ATOM   622  C CG  . PRO A 1 76  ? -15.233 11.861  -5.214  1.00 39.08 ? 115 PRO A CG  1 
ATOM   623  C CD  . PRO A 1 76  ? -16.735 11.694  -5.167  1.00 40.05 ? 115 PRO A CD  1 
ATOM   624  N N   . GLU A 1 77  ? -14.751 12.348  -1.040  1.00 34.61 ? 116 GLU A N   1 
ATOM   625  C CA  . GLU A 1 77  ? -14.092 13.448  -0.325  1.00 40.00 ? 116 GLU A CA  1 
ATOM   626  C C   . GLU A 1 77  ? -13.015 13.960  -1.278  1.00 40.01 ? 116 GLU A C   1 
ATOM   627  O O   . GLU A 1 77  ? -12.549 13.237  -2.170  1.00 35.53 ? 116 GLU A O   1 
ATOM   628  C CB  . GLU A 1 77  ? -13.616 12.967  1.048   1.00 43.91 ? 116 GLU A CB  1 
ATOM   629  C CG  . GLU A 1 77  ? -14.683 13.129  2.116   1.00 50.23 ? 116 GLU A CG  1 
ATOM   630  C CD  . GLU A 1 77  ? -14.942 11.923  2.999   1.00 56.02 ? 116 GLU A CD  1 
ATOM   631  O OE1 . GLU A 1 77  ? -14.071 11.584  3.830   1.00 58.88 ? 116 GLU A OE1 1 
ATOM   632  O OE2 . GLU A 1 77  ? -16.020 11.320  2.845   1.00 61.96 ? 116 GLU A OE2 1 
ATOM   633  N N   . PRO A 1 78  ? -12.637 15.249  -1.166  1.00 38.40 ? 117 PRO A N   1 
ATOM   634  C CA  . PRO A 1 78  ? -11.443 15.743  -1.847  1.00 38.36 ? 117 PRO A CA  1 
ATOM   635  C C   . PRO A 1 78  ? -10.259 14.813  -1.539  1.00 38.46 ? 117 PRO A C   1 
ATOM   636  O O   . PRO A 1 78  ? -10.180 14.308  -0.432  1.00 33.85 ? 117 PRO A O   1 
ATOM   637  C CB  . PRO A 1 78  ? -11.272 17.148  -1.253  1.00 39.50 ? 117 PRO A CB  1 
ATOM   638  C CG  . PRO A 1 78  ? -12.705 17.571  -0.940  1.00 40.63 ? 117 PRO A CG  1 
ATOM   639  C CD  . PRO A 1 78  ? -13.352 16.301  -0.422  1.00 41.17 ? 117 PRO A CD  1 
ATOM   640  N N   . GLN A 1 79  ? -9.407  14.586  -2.540  1.00 43.27 ? 118 GLN A N   1 
ATOM   641  C CA  . GLN A 1 79  ? -8.233  13.676  -2.463  1.00 48.30 ? 118 GLN A CA  1 
ATOM   642  C C   . GLN A 1 79  ? -7.459  13.954  -1.173  1.00 44.97 ? 118 GLN A C   1 
ATOM   643  O O   . GLN A 1 79  ? -7.126  15.131  -0.909  1.00 37.83 ? 118 GLN A O   1 
ATOM   644  C CB  . GLN A 1 79  ? -7.324  13.868  -3.679  1.00 54.20 ? 118 GLN A CB  1 
ATOM   645  C CG  . GLN A 1 79  ? -7.920  13.349  -4.984  1.00 65.38 ? 118 GLN A CG  1 
ATOM   646  C CD  . GLN A 1 79  ? -7.669  11.877  -5.228  1.00 72.95 ? 118 GLN A CD  1 
ATOM   647  O OE1 . GLN A 1 79  ? -6.768  11.267  -4.652  1.00 80.79 ? 118 GLN A OE1 1 
ATOM   648  N NE2 . GLN A 1 79  ? -8.467  11.289  -6.106  1.00 68.02 ? 118 GLN A NE2 1 
ATOM   649  N N   . ALA A 1 80  ? -7.161  12.904  -0.405  1.00 45.53 ? 119 ALA A N   1 
ATOM   650  C CA  . ALA A 1 80  ? -6.172  12.956  0.693   1.00 46.30 ? 119 ALA A CA  1 
ATOM   651  C C   . ALA A 1 80  ? -4.913  13.640  0.145   1.00 48.82 ? 119 ALA A C   1 
ATOM   652  O O   . ALA A 1 80  ? -4.645  13.576  -1.060  1.00 41.35 ? 119 ALA A O   1 
ATOM   653  C CB  . ALA A 1 80  ? -5.916  11.558  1.221   1.00 44.09 ? 119 ALA A CB  1 
ATOM   654  N N   . PRO A 1 81  ? -4.131  14.385  0.962   1.00 54.65 ? 120 PRO A N   1 
ATOM   655  C CA  . PRO A 1 81  ? -2.905  15.012  0.454   1.00 56.43 ? 120 PRO A CA  1 
ATOM   656  C C   . PRO A 1 81  ? -1.905  13.955  -0.056  1.00 59.13 ? 120 PRO A C   1 
ATOM   657  O O   . PRO A 1 81  ? -2.060  12.787  0.278   1.00 57.80 ? 120 PRO A O   1 
ATOM   658  C CB  . PRO A 1 81  ? -2.368  15.803  1.657   1.00 56.10 ? 120 PRO A CB  1 
ATOM   659  C CG  . PRO A 1 81  ? -3.028  15.165  2.869   1.00 55.93 ? 120 PRO A CG  1 
ATOM   660  C CD  . PRO A 1 81  ? -4.378  14.672  2.385   1.00 54.68 ? 120 PRO A CD  1 
ATOM   661  N N   . SER A 1 82  ? -0.937  14.361  -0.886  1.00 62.56 ? 121 SER A N   1 
ATOM   662  C CA  . SER A 1 82  ? 0.160   13.484  -1.390  1.00 63.98 ? 121 SER A CA  1 
ATOM   663  C C   . SER A 1 82  ? 1.016   13.017  -0.208  1.00 54.38 ? 121 SER A C   1 
ATOM   664  O O   . SER A 1 82  ? 1.790   13.836  0.316   1.00 54.62 ? 121 SER A O   1 
ATOM   665  C CB  . SER A 1 82  ? 1.008   14.186  -2.425  1.00 64.90 ? 121 SER A CB  1 
ATOM   666  O OG  . SER A 1 82  ? 0.257   14.429  -3.602  1.00 72.34 ? 121 SER A OG  1 
ATOM   667  N N   . CYS A 1 83  ? 0.817   11.783  0.251   1.00 44.31 ? 122 CYS A N   1 
ATOM   668  C CA  . CYS A 1 83  ? 1.642   11.159  1.321   1.00 41.94 ? 122 CYS A CA  1 
ATOM   669  C C   . CYS A 1 83  ? 2.512   10.086  0.668   1.00 38.89 ? 122 CYS A C   1 
ATOM   670  O O   . CYS A 1 83  ? 1.967   9.226   -0.042  1.00 32.22 ? 122 CYS A O   1 
ATOM   671  C CB  . CYS A 1 83  ? 0.800   10.545  2.436   1.00 43.65 ? 122 CYS A CB  1 
ATOM   672  S SG  . CYS A 1 83  ? -0.182  11.752  3.369   1.00 44.09 ? 122 CYS A SG  1 
ATOM   673  N N   . VAL A 1 84  ? 3.824   10.158  0.875   1.00 36.45 ? 123 VAL A N   1 
ATOM   674  C CA  . VAL A 1 84  ? 4.754   9.101   0.396   1.00 35.40 ? 123 VAL A CA  1 
ATOM   675  C C   . VAL A 1 84  ? 5.496   8.564   1.614   1.00 32.82 ? 123 VAL A C   1 
ATOM   676  O O   . VAL A 1 84  ? 5.845   9.343   2.528   1.00 38.89 ? 123 VAL A O   1 
ATOM   677  C CB  . VAL A 1 84  ? 5.684   9.604   -0.723  1.00 36.27 ? 123 VAL A CB  1 
ATOM   678  C CG1 . VAL A 1 84  ? 6.644   8.528   -1.190  1.00 37.09 ? 123 VAL A CG1 1 
ATOM   679  C CG2 . VAL A 1 84  ? 4.887   10.129  -1.901  1.00 37.47 ? 123 VAL A CG2 1 
ATOM   680  N N   . TYR A 1 85  ? 5.592   7.240   1.685   1.00 29.32 ? 124 TYR A N   1 
ATOM   681  C CA  . TYR A 1 85  ? 6.343   6.526   2.728   1.00 27.65 ? 124 TYR A CA  1 
ATOM   682  C C   . TYR A 1 85  ? 7.668   6.097   2.106   1.00 28.28 ? 124 TYR A C   1 
ATOM   683  O O   . TYR A 1 85  ? 7.667   5.463   1.048   1.00 32.12 ? 124 TYR A O   1 
ATOM   684  C CB  . TYR A 1 85  ? 5.525   5.343   3.226   1.00 27.47 ? 124 TYR A CB  1 
ATOM   685  C CG  . TYR A 1 85  ? 6.236   4.526   4.260   1.00 25.96 ? 124 TYR A CG  1 
ATOM   686  C CD1 . TYR A 1 85  ? 6.291   4.939   5.585   1.00 28.86 ? 124 TYR A CD1 1 
ATOM   687  C CD2 . TYR A 1 85  ? 6.848   3.331   3.923   1.00 24.24 ? 124 TYR A CD2 1 
ATOM   688  C CE1 . TYR A 1 85  ? 6.937   4.184   6.544   1.00 26.92 ? 124 TYR A CE1 1 
ATOM   689  C CE2 . TYR A 1 85  ? 7.496   2.561   4.879   1.00 24.96 ? 124 TYR A CE2 1 
ATOM   690  C CZ  . TYR A 1 85  ? 7.563   3.002   6.186   1.00 25.77 ? 124 TYR A CZ  1 
ATOM   691  O OH  . TYR A 1 85  ? 8.198   2.220   7.102   1.00 27.38 ? 124 TYR A OH  1 
ATOM   692  N N   . ILE A 1 86  ? 8.765   6.495   2.737   1.00 28.36 ? 125 ILE A N   1 
ATOM   693  C CA  . ILE A 1 86  ? 10.121  6.089   2.307   1.00 27.20 ? 125 ILE A CA  1 
ATOM   694  C C   . ILE A 1 86  ? 10.470  4.816   3.073   1.00 23.84 ? 125 ILE A C   1 
ATOM   695  O O   . ILE A 1 86  ? 10.419  4.825   4.302   1.00 25.87 ? 125 ILE A O   1 
ATOM   696  C CB  . ILE A 1 86  ? 11.115  7.230   2.574   1.00 30.33 ? 125 ILE A CB  1 
ATOM   697  C CG1 . ILE A 1 86  ? 10.664  8.517   1.880   1.00 32.63 ? 125 ILE A CG1 1 
ATOM   698  C CG2 . ILE A 1 86  ? 12.517  6.807   2.153   1.00 31.55 ? 125 ILE A CG2 1 
ATOM   699  C CD1 . ILE A 1 86  ? 11.305  9.751   2.449   1.00 36.78 ? 125 ILE A CD1 1 
ATOM   700  N N   . HIS A 1 87  ? 10.801  3.742   2.374   1.00 24.29 ? 126 HIS A N   1 
ATOM   701  C CA  . HIS A 1 87  ? 11.174  2.473   3.033   1.00 24.28 ? 126 HIS A CA  1 
ATOM   702  C C   . HIS A 1 87  ? 12.375  2.786   3.918   1.00 23.83 ? 126 HIS A C   1 
ATOM   703  O O   . HIS A 1 87  ? 13.292  3.474   3.486   1.00 25.58 ? 126 HIS A O   1 
ATOM   704  C CB  . HIS A 1 87  ? 11.421  1.360   2.008   1.00 24.63 ? 126 HIS A CB  1 
ATOM   705  C CG  . HIS A 1 87  ? 11.619  0.068   2.690   1.00 23.22 ? 126 HIS A CG  1 
ATOM   706  N ND1 . HIS A 1 87  ? 12.788  -0.219  3.369   1.00 24.62 ? 126 HIS A ND1 1 
ATOM   707  C CD2 . HIS A 1 87  ? 10.782  -0.970  2.888   1.00 23.48 ? 126 HIS A CD2 1 
ATOM   708  C CE1 . HIS A 1 87  ? 12.669  -1.412  3.915   1.00 24.21 ? 126 HIS A CE1 1 
ATOM   709  N NE2 . HIS A 1 87  ? 11.450  -1.887  3.652   1.00 24.87 ? 126 HIS A NE2 1 
ATOM   710  N N   . PRO A 1 88  ? 12.373  2.389   5.207   1.00 24.62 ? 127 PRO A N   1 
ATOM   711  C CA  . PRO A 1 88  ? 13.460  2.780   6.110   1.00 29.35 ? 127 PRO A CA  1 
ATOM   712  C C   . PRO A 1 88  ? 14.855  2.238   5.741   1.00 25.18 ? 127 PRO A C   1 
ATOM   713  O O   . PRO A 1 88  ? 15.810  2.794   6.210   1.00 28.53 ? 127 PRO A O   1 
ATOM   714  C CB  . PRO A 1 88  ? 13.027  2.250   7.492   1.00 29.25 ? 127 PRO A CB  1 
ATOM   715  C CG  . PRO A 1 88  ? 11.957  1.214   7.212   1.00 30.86 ? 127 PRO A CG  1 
ATOM   716  C CD  . PRO A 1 88  ? 11.344  1.569   5.862   1.00 28.18 ? 127 PRO A CD  1 
ATOM   717  N N   . ASP A 1 89  ? 14.975  1.271   4.837   1.00 24.99 ? 128 ASP A N   1 
ATOM   718  C CA  . ASP A 1 89  ? 16.303  0.762   4.376   1.00 24.51 ? 128 ASP A CA  1 
ATOM   719  C C   . ASP A 1 89  ? 16.936  1.742   3.374   1.00 26.15 ? 128 ASP A C   1 
ATOM   720  O O   . ASP A 1 89  ? 18.152  1.566   3.072   1.00 25.08 ? 128 ASP A O   1 
ATOM   721  C CB  . ASP A 1 89  ? 16.206  -0.639  3.776   1.00 26.30 ? 128 ASP A CB  1 
ATOM   722  C CG  . ASP A 1 89  ? 15.827  -1.733  4.764   1.00 25.88 ? 128 ASP A CG  1 
ATOM   723  O OD1 . ASP A 1 89  ? 15.626  -1.400  5.959   1.00 29.39 ? 128 ASP A OD1 1 
ATOM   724  O OD2 . ASP A 1 89  ? 15.782  -2.904  4.326   1.00 27.61 ? 128 ASP A OD2 1 
ATOM   725  N N   . SER A 1 90  ? 16.174  2.714   2.846   1.00 23.81 ? 129 SER A N   1 
ATOM   726  C CA  . SER A 1 90  ? 16.611  3.682   1.800   1.00 21.73 ? 129 SER A CA  1 
ATOM   727  C C   . SER A 1 90  ? 17.665  4.653   2.334   1.00 24.17 ? 129 SER A C   1 
ATOM   728  O O   . SER A 1 90  ? 17.569  5.087   3.471   1.00 26.33 ? 129 SER A O   1 
ATOM   729  C CB  . SER A 1 90  ? 15.413  4.458   1.264   1.00 23.83 ? 129 SER A CB  1 
ATOM   730  O OG  . SER A 1 90  ? 14.417  3.570   0.766   1.00 21.43 ? 129 SER A OG  1 
ATOM   731  N N   . PRO A 1 91  ? 18.669  5.092   1.536   1.00 23.07 ? 130 PRO A N   1 
ATOM   732  C CA  . PRO A 1 91  ? 18.984  4.523   0.227   1.00 25.41 ? 130 PRO A CA  1 
ATOM   733  C C   . PRO A 1 91  ? 19.810  3.239   0.423   1.00 24.59 ? 130 PRO A C   1 
ATOM   734  O O   . PRO A 1 91  ? 20.467  3.121   1.447   1.00 24.29 ? 130 PRO A O   1 
ATOM   735  C CB  . PRO A 1 91  ? 19.827  5.625   -0.443  1.00 24.35 ? 130 PRO A CB  1 
ATOM   736  C CG  . PRO A 1 91  ? 20.561  6.238   0.716   1.00 24.53 ? 130 PRO A CG  1 
ATOM   737  C CD  . PRO A 1 91  ? 19.547  6.238   1.848   1.00 24.67 ? 130 PRO A CD  1 
ATOM   738  N N   . ASN A 1 92  ? 19.784  2.306   -0.522  1.00 23.41 ? 131 ASN A N   1 
ATOM   739  C CA  . ASN A 1 92  ? 20.554  1.037   -0.372  1.00 22.77 ? 131 ASN A CA  1 
ATOM   740  C C   . ASN A 1 92  ? 20.904  0.427   -1.726  1.00 22.23 ? 131 ASN A C   1 
ATOM   741  O O   . ASN A 1 92  ? 20.310  0.765   -2.757  1.00 21.06 ? 131 ASN A O   1 
ATOM   742  C CB  . ASN A 1 92  ? 19.807  0.027   0.504   1.00 23.82 ? 131 ASN A CB  1 
ATOM   743  C CG  . ASN A 1 92  ? 20.708  -0.603  1.539   1.00 25.66 ? 131 ASN A CG  1 
ATOM   744  O OD1 . ASN A 1 92  ? 21.823  -1.050  1.218   1.00 26.95 ? 131 ASN A OD1 1 
ATOM   745  N ND2 . ASN A 1 92  ? 20.231  -0.628  2.771   1.00 25.70 ? 131 ASN A ND2 1 
ATOM   746  N N   . PHE A 1 93  ? 21.876  -0.464  -1.717  1.00 22.23 ? 132 PHE A N   1 
ATOM   747  C CA  . PHE A 1 93  ? 22.351  -1.138  -2.937  1.00 22.89 ? 132 PHE A CA  1 
ATOM   748  C C   . PHE A 1 93  ? 21.253  -1.989  -3.541  1.00 22.58 ? 132 PHE A C   1 
ATOM   749  O O   . PHE A 1 93  ? 20.455  -2.562  -2.783  1.00 21.10 ? 132 PHE A O   1 
ATOM   750  C CB  . PHE A 1 93  ? 23.502  -2.077  -2.614  1.00 23.27 ? 132 PHE A CB  1 
ATOM   751  C CG  . PHE A 1 93  ? 24.731  -1.351  -2.161  1.00 22.06 ? 132 PHE A CG  1 
ATOM   752  C CD1 . PHE A 1 93  ? 25.524  -0.675  -3.065  1.00 25.99 ? 132 PHE A CD1 1 
ATOM   753  C CD2 . PHE A 1 93  ? 25.062  -1.315  -0.823  1.00 25.20 ? 132 PHE A CD2 1 
ATOM   754  C CE1 . PHE A 1 93  ? 26.652  0.005   -2.629  1.00 27.72 ? 132 PHE A CE1 1 
ATOM   755  C CE2 . PHE A 1 93  ? 26.189  -0.640  -0.394  1.00 24.73 ? 132 PHE A CE2 1 
ATOM   756  C CZ  . PHE A 1 93  ? 26.985  0.000   -1.296  1.00 25.22 ? 132 PHE A CZ  1 
ATOM   757  N N   . GLY A 1 94  ? 21.258  -2.091  -4.873  1.00 22.08 ? 133 GLY A N   1 
ATOM   758  C CA  . GLY A 1 94  ? 20.435  -3.056  -5.596  1.00 22.98 ? 133 GLY A CA  1 
ATOM   759  C C   . GLY A 1 94  ? 20.555  -4.401  -4.919  1.00 22.93 ? 133 GLY A C   1 
ATOM   760  O O   . GLY A 1 94  ? 19.543  -5.105  -4.728  1.00 23.13 ? 133 GLY A O   1 
ATOM   761  N N   . ALA A 1 95  ? 21.770  -4.779  -4.526  1.00 22.26 ? 134 ALA A N   1 
ATOM   762  C CA  . ALA A 1 95  ? 22.000  -6.125  -3.953  1.00 23.93 ? 134 ALA A CA  1 
ATOM   763  C C   . ALA A 1 95  ? 21.170  -6.291  -2.672  1.00 22.60 ? 134 ALA A C   1 
ATOM   764  O O   . ALA A 1 95  ? 20.613  -7.407  -2.457  1.00 23.58 ? 134 ALA A O   1 
ATOM   765  C CB  . ALA A 1 95  ? 23.482  -6.377  -3.681  1.00 22.57 ? 134 ALA A CB  1 
ATOM   766  N N   . HIS A 1 96  ? 21.117  -5.263  -1.833  1.00 23.01 ? 135 HIS A N   1 
ATOM   767  C CA  . HIS A 1 96  ? 20.319  -5.248  -0.581  1.00 23.20 ? 135 HIS A CA  1 
ATOM   768  C C   . HIS A 1 96  ? 18.836  -5.472  -0.911  1.00 23.94 ? 135 HIS A C   1 
ATOM   769  O O   . HIS A 1 96  ? 18.199  -6.332  -0.296  1.00 22.82 ? 135 HIS A O   1 
ATOM   770  C CB  . HIS A 1 96  ? 20.527  -3.962  0.199   1.00 24.13 ? 135 HIS A CB  1 
ATOM   771  C CG  . HIS A 1 96  ? 19.610  -3.831  1.371   1.00 26.91 ? 135 HIS A CG  1 
ATOM   772  N ND1 . HIS A 1 96  ? 19.992  -4.213  2.641   1.00 26.90 ? 135 HIS A ND1 1 
ATOM   773  C CD2 . HIS A 1 96  ? 18.320  -3.410  1.464   1.00 24.62 ? 135 HIS A CD2 1 
ATOM   774  C CE1 . HIS A 1 96  ? 18.977  -4.014  3.471   1.00 28.35 ? 135 HIS A CE1 1 
ATOM   775  N NE2 . HIS A 1 96  ? 17.934  -3.526  2.772   1.00 25.23 ? 135 HIS A NE2 1 
ATOM   776  N N   . TRP A 1 97  ? 18.293  -4.718  -1.865  1.00 23.93 ? 136 TRP A N   1 
ATOM   777  C CA  . TRP A 1 97  ? 16.858  -4.835  -2.211  1.00 22.41 ? 136 TRP A CA  1 
ATOM   778  C C   . TRP A 1 97  ? 16.548  -6.212  -2.779  1.00 23.04 ? 136 TRP A C   1 
ATOM   779  O O   . TRP A 1 97  ? 15.402  -6.653  -2.599  1.00 22.38 ? 136 TRP A O   1 
ATOM   780  C CB  . TRP A 1 97  ? 16.426  -3.726  -3.166  1.00 21.06 ? 136 TRP A CB  1 
ATOM   781  C CG  . TRP A 1 97  ? 16.630  -2.350  -2.629  1.00 20.33 ? 136 TRP A CG  1 
ATOM   782  C CD1 . TRP A 1 97  ? 17.508  -1.427  -3.114  1.00 23.25 ? 136 TRP A CD1 1 
ATOM   783  C CD2 . TRP A 1 97  ? 15.984  -1.735  -1.506  1.00 21.22 ? 136 TRP A CD2 1 
ATOM   784  N NE1 . TRP A 1 97  ? 17.443  -0.273  -2.383  1.00 22.48 ? 136 TRP A NE1 1 
ATOM   785  C CE2 . TRP A 1 97  ? 16.507  -0.422  -1.395  1.00 21.18 ? 136 TRP A CE2 1 
ATOM   786  C CE3 . TRP A 1 97  ? 14.981  -2.137  -0.613  1.00 21.43 ? 136 TRP A CE3 1 
ATOM   787  C CZ2 . TRP A 1 97  ? 16.085  0.476   -0.422  1.00 20.04 ? 136 TRP A CZ2 1 
ATOM   788  C CZ3 . TRP A 1 97  ? 14.570  -1.249  0.358   1.00 22.86 ? 136 TRP A CZ3 1 
ATOM   789  C CH2 . TRP A 1 97  ? 15.099  0.045   0.440   1.00 22.85 ? 136 TRP A CH2 1 
ATOM   790  N N   . MET A 1 98  ? 17.482  -6.848  -3.502  1.00 24.06 ? 137 MET A N   1 
ATOM   791  C CA  . MET A 1 98  ? 17.189  -8.103  -4.240  1.00 24.11 ? 137 MET A CA  1 
ATOM   792  C C   . MET A 1 98  ? 17.460  -9.354  -3.379  1.00 24.61 ? 137 MET A C   1 
ATOM   793  O O   . MET A 1 98  ? 17.063  -10.433 -3.778  1.00 27.07 ? 137 MET A O   1 
ATOM   794  C CB  . MET A 1 98  ? 18.000  -8.161  -5.540  1.00 24.84 ? 137 MET A CB  1 
ATOM   795  C CG  . MET A 1 98  ? 17.612  -7.059  -6.527  1.00 26.02 ? 137 MET A CG  1 
ATOM   796  S SD  . MET A 1 98  ? 18.401  -7.236  -8.126  1.00 24.66 ? 137 MET A SD  1 
ATOM   797  C CE  . MET A 1 98  ? 20.057  -6.738  -7.671  1.00 25.27 ? 137 MET A CE  1 
ATOM   798  N N   . LYS A 1 99  ? 18.110  -9.242  -2.232  1.00 25.12 ? 138 LYS A N   1 
ATOM   799  C CA  . LYS A 1 99  ? 18.578  -10.463 -1.534  1.00 27.85 ? 138 LYS A CA  1 
ATOM   800  C C   . LYS A 1 99  ? 17.468  -11.075 -0.676  1.00 30.42 ? 138 LYS A C   1 
ATOM   801  O O   . LYS A 1 99  ? 17.635  -12.227 -0.219  1.00 30.14 ? 138 LYS A O   1 
ATOM   802  C CB  . LYS A 1 99  ? 19.797  -10.137 -0.688  1.00 28.62 ? 138 LYS A CB  1 
ATOM   803  C CG  . LYS A 1 99  ? 19.514  -9.309  0.545   1.00 27.62 ? 138 LYS A CG  1 
ATOM   804  C CD  . LYS A 1 99  ? 20.789  -8.797  1.111   1.00 30.78 ? 138 LYS A CD  1 
ATOM   805  C CE  . LYS A 1 99  ? 20.628  -7.981  2.365   1.00 32.04 ? 138 LYS A CE  1 
ATOM   806  N NZ  . LYS A 1 99  ? 21.944  -7.415  2.750   1.00 32.10 ? 138 LYS A NZ  1 
ATOM   807  N N   . ALA A 1 100 ? 16.416  -10.314 -0.407  1.00 27.84 ? 139 ALA A N   1 
ATOM   808  C CA  . ALA A 1 100 ? 15.300  -10.716 0.474   1.00 28.49 ? 139 ALA A CA  1 
ATOM   809  C C   . ALA A 1 100 ? 14.106  -9.824  0.172   1.00 29.96 ? 139 ALA A C   1 
ATOM   810  O O   . ALA A 1 100 ? 14.289  -8.661  -0.220  1.00 27.30 ? 139 ALA A O   1 
ATOM   811  C CB  . ALA A 1 100 ? 15.714  -10.594 1.907   1.00 28.39 ? 139 ALA A CB  1 
ATOM   812  N N   . PRO A 1 101 ? 12.867  -10.343 0.349   1.00 29.90 ? 140 PRO A N   1 
ATOM   813  C CA  . PRO A 1 101 ? 11.669  -9.546  0.082   1.00 28.12 ? 140 PRO A CA  1 
ATOM   814  C C   . PRO A 1 101 ? 11.734  -8.178  0.764   1.00 25.48 ? 140 PRO A C   1 
ATOM   815  O O   . PRO A 1 101 ? 12.210  -8.072  1.863   1.00 26.08 ? 140 PRO A O   1 
ATOM   816  C CB  . PRO A 1 101 ? 10.524  -10.409 0.629   1.00 30.99 ? 140 PRO A CB  1 
ATOM   817  C CG  . PRO A 1 101 ? 11.045  -11.828 0.528   1.00 31.72 ? 140 PRO A CG  1 
ATOM   818  C CD  . PRO A 1 101 ? 12.544  -11.728 0.749   1.00 30.94 ? 140 PRO A CD  1 
ATOM   819  N N   . VAL A 1 102 ? 11.281  -7.147  0.063   1.00 24.59 ? 141 VAL A N   1 
ATOM   820  C CA  . VAL A 1 102 ? 11.207  -5.752  0.593   1.00 25.46 ? 141 VAL A CA  1 
ATOM   821  C C   . VAL A 1 102 ? 9.843   -5.627  1.277   1.00 26.70 ? 141 VAL A C   1 
ATOM   822  O O   . VAL A 1 102 ? 8.819   -5.755  0.588   1.00 26.38 ? 141 VAL A O   1 
ATOM   823  C CB  . VAL A 1 102 ? 11.373  -4.706  -0.524  1.00 24.83 ? 141 VAL A CB  1 
ATOM   824  C CG1 . VAL A 1 102 ? 11.375  -3.277  0.013   1.00 25.82 ? 141 VAL A CG1 1 
ATOM   825  C CG2 . VAL A 1 102 ? 12.615  -4.992  -1.369  1.00 23.21 ? 141 VAL A CG2 1 
ATOM   826  N N   A SER A 1 103 ? 9.878   -5.334  2.580   0.50 25.76 ? 142 SER A N   1 
ATOM   827  N N   B SER A 1 103 ? 9.816   -5.396  2.580   0.50 26.99 ? 142 SER A N   1 
ATOM   828  C CA  A SER A 1 103 ? 8.743   -5.398  3.543   0.50 26.39 ? 142 SER A CA  1 
ATOM   829  C CA  B SER A 1 103 ? 8.559   -5.462  3.365   0.50 27.93 ? 142 SER A CA  1 
ATOM   830  C C   A SER A 1 103 ? 8.342   -3.984  3.961   0.50 24.13 ? 142 SER A C   1 
ATOM   831  C C   B SER A 1 103 ? 8.284   -4.106  4.004   0.50 25.37 ? 142 SER A C   1 
ATOM   832  O O   A SER A 1 103 ? 9.215   -3.245  4.471   0.50 24.33 ? 142 SER A O   1 
ATOM   833  O O   B SER A 1 103 ? 9.169   -3.556  4.679   0.50 27.40 ? 142 SER A O   1 
ATOM   834  C CB  A SER A 1 103 ? 9.123   -6.231  4.768   0.50 25.81 ? 142 SER A CB  1 
ATOM   835  C CB  B SER A 1 103 ? 8.614   -6.581  4.371   0.50 29.41 ? 142 SER A CB  1 
ATOM   836  O OG  A SER A 1 103 ? 8.110   -6.169  5.773   0.50 25.36 ? 142 SER A OG  1 
ATOM   837  O OG  B SER A 1 103 ? 8.879   -7.800  3.705   0.50 31.02 ? 142 SER A OG  1 
ATOM   838  N N   . PHE A 1 104 ? 7.074   -3.608  3.778   1.00 24.21 ? 143 PHE A N   1 
ATOM   839  C CA  . PHE A 1 104 ? 6.583   -2.303  4.263   1.00 25.75 ? 143 PHE A CA  1 
ATOM   840  C C   . PHE A 1 104 ? 5.827   -2.517  5.577   1.00 28.28 ? 143 PHE A C   1 
ATOM   841  O O   . PHE A 1 104 ? 4.711   -1.992  5.731   1.00 25.96 ? 143 PHE A O   1 
ATOM   842  C CB  . PHE A 1 104 ? 5.759   -1.670  3.142   1.00 25.38 ? 143 PHE A CB  1 
ATOM   843  C CG  . PHE A 1 104 ? 6.605   -1.225  1.987   1.00 24.29 ? 143 PHE A CG  1 
ATOM   844  C CD1 . PHE A 1 104 ? 7.150   0.051   1.970   1.00 25.14 ? 143 PHE A CD1 1 
ATOM   845  C CD2 . PHE A 1 104 ? 6.909   -2.107  0.955   1.00 24.03 ? 143 PHE A CD2 1 
ATOM   846  C CE1 . PHE A 1 104 ? 7.920   0.460   0.892   1.00 25.87 ? 143 PHE A CE1 1 
ATOM   847  C CE2 . PHE A 1 104 ? 7.680   -1.689  -0.121  1.00 25.54 ? 143 PHE A CE2 1 
ATOM   848  C CZ  . PHE A 1 104 ? 8.190   -0.414  -0.143  1.00 24.07 ? 143 PHE A CZ  1 
ATOM   849  N N   . SER A 1 105 ? 6.435   -3.238  6.525   1.00 27.26 ? 144 SER A N   1 
ATOM   850  C CA  . SER A 1 105 ? 5.775   -3.670  7.781   1.00 28.64 ? 144 SER A CA  1 
ATOM   851  C C   . SER A 1 105 ? 5.474   -2.481  8.708   1.00 28.58 ? 144 SER A C   1 
ATOM   852  O O   . SER A 1 105 ? 4.549   -2.624  9.497   1.00 30.57 ? 144 SER A O   1 
ATOM   853  C CB  . SER A 1 105 ? 6.588   -4.732  8.490   1.00 30.64 ? 144 SER A CB  1 
ATOM   854  O OG  . SER A 1 105 ? 7.830   -4.203  8.887   1.00 33.51 ? 144 SER A OG  1 
ATOM   855  N N   . LYS A 1 106 ? 6.187   -1.354  8.622   1.00 28.70 ? 145 LYS A N   1 
ATOM   856  C CA  . LYS A 1 106 ? 6.085   -0.249  9.623   1.00 32.11 ? 145 LYS A CA  1 
ATOM   857  C C   . LYS A 1 106 ? 5.146   0.881   9.164   1.00 33.84 ? 145 LYS A C   1 
ATOM   858  O O   . LYS A 1 106 ? 4.860   1.772   9.993   1.00 30.79 ? 145 LYS A O   1 
ATOM   859  C CB  . LYS A 1 106 ? 7.459   0.359   9.915   1.00 34.55 ? 145 LYS A CB  1 
ATOM   860  C CG  . LYS A 1 106 ? 8.483   -0.617  10.487  1.00 39.81 ? 145 LYS A CG  1 
ATOM   861  C CD  . LYS A 1 106 ? 7.977   -1.359  11.694  1.00 47.33 ? 145 LYS A CD  1 
ATOM   862  C CE  . LYS A 1 106 ? 9.034   -2.200  12.387  1.00 54.76 ? 145 LYS A CE  1 
ATOM   863  N NZ  . LYS A 1 106 ? 8.432   -3.035  13.457  1.00 51.96 ? 145 LYS A NZ  1 
ATOM   864  N N   . VAL A 1 107 ? 4.710   0.902   7.900   1.00 27.15 ? 146 VAL A N   1 
ATOM   865  C CA  . VAL A 1 107 ? 3.812   1.984   7.423   1.00 26.85 ? 146 VAL A CA  1 
ATOM   866  C C   . VAL A 1 107 ? 2.511   1.926   8.254   1.00 27.00 ? 146 VAL A C   1 
ATOM   867  O O   . VAL A 1 107 ? 1.963   0.796   8.521   1.00 28.16 ? 146 VAL A O   1 
ATOM   868  C CB  . VAL A 1 107 ? 3.584   1.919   5.897   1.00 29.27 ? 146 VAL A CB  1 
ATOM   869  C CG1 . VAL A 1 107 ? 2.771   0.697   5.478   1.00 30.46 ? 146 VAL A CG1 1 
ATOM   870  C CG2 . VAL A 1 107 ? 2.946   3.201   5.360   1.00 30.34 ? 146 VAL A CG2 1 
ATOM   871  N N   . LYS A 1 108 ? 2.049   3.106   8.677   1.00 29.75 ? 147 LYS A N   1 
ATOM   872  C CA  . LYS A 1 108 ? 0.784   3.311   9.429   1.00 28.27 ? 147 LYS A CA  1 
ATOM   873  C C   . LYS A 1 108 ? -0.197  4.117   8.572   1.00 26.47 ? 147 LYS A C   1 
ATOM   874  O O   . LYS A 1 108 ? 0.193   5.135   7.989   1.00 26.04 ? 147 LYS A O   1 
ATOM   875  C CB  . LYS A 1 108 ? 1.098   4.021   10.743  1.00 30.30 ? 147 LYS A CB  1 
ATOM   876  C CG  . LYS A 1 108 ? 1.655   3.099   11.809  1.00 33.82 ? 147 LYS A CG  1 
ATOM   877  C CD  . LYS A 1 108 ? 1.965   3.835   13.090  1.00 39.37 ? 147 LYS A CD  1 
ATOM   878  C CE  . LYS A 1 108 ? 2.248   2.881   14.230  1.00 44.24 ? 147 LYS A CE  1 
ATOM   879  N NZ  . LYS A 1 108 ? 2.394   3.600   15.517  1.00 45.56 ? 147 LYS A NZ  1 
ATOM   880  N N   . LEU A 1 109 ? -1.447  3.666   8.502   1.00 26.98 ? 148 LEU A N   1 
ATOM   881  C CA  . LEU A 1 109 ? -2.522  4.403   7.805   1.00 25.82 ? 148 LEU A CA  1 
ATOM   882  C C   . LEU A 1 109 ? -3.318  5.168   8.865   1.00 27.33 ? 148 LEU A C   1 
ATOM   883  O O   . LEU A 1 109 ? -3.612  4.588   9.939   1.00 28.21 ? 148 LEU A O   1 
ATOM   884  C CB  . LEU A 1 109 ? -3.412  3.413   7.061   1.00 24.91 ? 148 LEU A CB  1 
ATOM   885  C CG  . LEU A 1 109 ? -2.685  2.421   6.154   1.00 26.05 ? 148 LEU A CG  1 
ATOM   886  C CD1 . LEU A 1 109 ? -3.695  1.487   5.491   1.00 24.34 ? 148 LEU A CD1 1 
ATOM   887  C CD2 . LEU A 1 109 ? -1.808  3.110   5.122   1.00 25.30 ? 148 LEU A CD2 1 
ATOM   888  N N   . THR A 1 110 ? -3.639  6.420   8.566   1.00 28.47 ? 149 THR A N   1 
ATOM   889  C CA  . THR A 1 110 ? -4.314  7.355   9.497   1.00 30.19 ? 149 THR A CA  1 
ATOM   890  C C   . THR A 1 110 ? -5.437  8.081   8.753   1.00 29.86 ? 149 THR A C   1 
ATOM   891  O O   . THR A 1 110 ? -5.434  8.124   7.523   1.00 25.39 ? 149 THR A O   1 
ATOM   892  C CB  . THR A 1 110 ? -3.315  8.360   10.091  1.00 30.64 ? 149 THR A CB  1 
ATOM   893  O OG1 . THR A 1 110 ? -3.965  9.162   11.079  1.00 32.08 ? 149 THR A OG1 1 
ATOM   894  C CG2 . THR A 1 110 ? -2.702  9.279   9.054   1.00 31.69 ? 149 THR A CG2 1 
ATOM   895  N N   . ASN A 1 111 ? -6.327  8.696   9.521   1.00 33.48 ? 150 ASN A N   1 
ATOM   896  C CA  . ASN A 1 111 ? -7.391  9.598   9.006   1.00 38.43 ? 150 ASN A CA  1 
ATOM   897  C C   . ASN A 1 111 ? -7.283  10.971  9.697   1.00 44.17 ? 150 ASN A C   1 
ATOM   898  O O   . ASN A 1 111 ? -8.195  11.792  9.517   1.00 45.29 ? 150 ASN A O   1 
ATOM   899  C CB  . ASN A 1 111 ? -8.764  8.940   9.143   1.00 37.49 ? 150 ASN A CB  1 
ATOM   900  C CG  . ASN A 1 111 ? -9.237  8.756   10.573  1.00 37.88 ? 150 ASN A CG  1 
ATOM   901  O OD1 . ASN A 1 111 ? -10.433 8.605   10.801  1.00 41.92 ? 150 ASN A OD1 1 
ATOM   902  N ND2 . ASN A 1 111 ? -8.337  8.753   11.538  1.00 32.43 ? 150 ASN A ND2 1 
ATOM   903  N N   . LYS A 1 112 ? -6.194  11.224  10.422  1.00 49.71 ? 151 LYS A N   1 
ATOM   904  C CA  . LYS A 1 112 ? -5.824  12.577  10.911  1.00 60.95 ? 151 LYS A CA  1 
ATOM   905  C C   . LYS A 1 112 ? -4.371  12.850  10.522  1.00 62.59 ? 151 LYS A C   1 
ATOM   906  O O   . LYS A 1 112 ? -3.516  11.978  10.765  1.00 61.24 ? 151 LYS A O   1 
ATOM   907  C CB  . LYS A 1 112 ? -6.035  12.714  12.423  1.00 67.92 ? 151 LYS A CB  1 
ATOM   908  C CG  . LYS A 1 112 ? -7.437  13.146  12.858  1.00 76.60 ? 151 LYS A CG  1 
ATOM   909  C CD  . LYS A 1 112 ? -7.837  14.553  12.423  1.00 79.20 ? 151 LYS A CD  1 
ATOM   910  C CE  . LYS A 1 112 ? -8.574  15.352  13.486  1.00 79.99 ? 151 LYS A CE  1 
ATOM   911  N NZ  . LYS A 1 112 ? -9.909  14.785  13.798  1.00 80.27 ? 151 LYS A NZ  1 
ATOM   912  N N   . LEU A 1 113 ? -4.132  14.030  9.951   1.00 71.36 ? 152 LEU A N   1 
ATOM   913  C CA  . LEU A 1 113 ? -2.802  14.549  9.532   1.00 80.86 ? 152 LEU A CA  1 
ATOM   914  C C   . LEU A 1 113 ? -1.977  14.932  10.774  1.00 79.46 ? 152 LEU A C   1 
ATOM   915  O O   . LEU A 1 113 ? -1.424  16.040  10.804  1.00 87.20 ? 152 LEU A O   1 
ATOM   916  C CB  . LEU A 1 113 ? -2.992  15.726  8.558   1.00 87.87 ? 152 LEU A CB  1 
ATOM   917  C CG  . LEU A 1 113 ? -4.026  16.819  8.890   1.00 94.19 ? 152 LEU A CG  1 
ATOM   918  C CD1 . LEU A 1 113 ? -5.412  16.486  8.336   1.00 92.76 ? 152 LEU A CD1 1 
ATOM   919  C CD2 . LEU A 1 113 ? -4.111  17.156  10.379  1.00 94.05 ? 152 LEU A CD2 1 
ATOM   920  N N   . ASN A 1 114 ? -1.849  14.022  11.744  1.00 78.18 ? 153 ASN A N   1 
ATOM   921  C CA  . ASN A 1 114 ? -1.087  14.242  13.002  1.00 80.11 ? 153 ASN A CA  1 
ATOM   922  C C   . ASN A 1 114 ? 0.325   13.651  12.858  1.00 85.76 ? 153 ASN A C   1 
ATOM   923  O O   . ASN A 1 114 ? 0.838   13.099  13.861  1.00 86.36 ? 153 ASN A O   1 
ATOM   924  C CB  . ASN A 1 114 ? -1.839  13.695  14.219  1.00 80.66 ? 153 ASN A CB  1 
ATOM   925  C CG  . ASN A 1 114 ? -2.029  12.191  14.198  1.00 83.86 ? 153 ASN A CG  1 
ATOM   926  O OD1 . ASN A 1 114 ? -1.896  11.546  13.157  1.00 88.63 ? 153 ASN A OD1 1 
ATOM   927  N ND2 . ASN A 1 114 ? -2.346  11.623  15.349  1.00 83.27 ? 153 ASN A ND2 1 
ATOM   928  N N   . GLY A 1 115 ? 0.910   13.746  11.651  1.00 88.47 ? 154 GLY A N   1 
ATOM   929  C CA  . GLY A 1 115 ? 2.348   13.544  11.362  1.00 85.78 ? 154 GLY A CA  1 
ATOM   930  C C   . GLY A 1 115 ? 2.834   12.127  11.634  1.00 84.90 ? 154 GLY A C   1 
ATOM   931  O O   . GLY A 1 115 ? 1.993   11.201  11.680  1.00 85.29 ? 154 GLY A O   1 
ATOM   932  N N   . GLY A 1 116 ? 4.156   11.969  11.784  1.00 79.22 ? 155 GLY A N   1 
ATOM   933  C CA  . GLY A 1 116 ? 4.836   10.700  12.112  1.00 70.90 ? 155 GLY A CA  1 
ATOM   934  C C   . GLY A 1 116 ? 5.028   9.795   10.901  1.00 67.29 ? 155 GLY A C   1 
ATOM   935  O O   . GLY A 1 116 ? 5.035   8.558   11.098  1.00 61.14 ? 155 GLY A O   1 
ATOM   936  N N   . GLY A 1 117 ? 5.195   10.378  9.703   1.00 63.31 ? 156 GLY A N   1 
ATOM   937  C CA  . GLY A 1 117 ? 5.425   9.663   8.427   1.00 56.43 ? 156 GLY A CA  1 
ATOM   938  C C   . GLY A 1 117 ? 4.260   8.753   8.042   1.00 53.74 ? 156 GLY A C   1 
ATOM   939  O O   . GLY A 1 117 ? 4.491   7.740   7.359   1.00 50.06 ? 156 GLY A O   1 
ATOM   940  N N   . GLN A 1 118 ? 3.041   9.109   8.446   1.00 47.39 ? 157 GLN A N   1 
ATOM   941  C CA  . GLN A 1 118 ? 1.830   8.272   8.285   1.00 42.43 ? 157 GLN A CA  1 
ATOM   942  C C   . GLN A 1 118 ? 1.209   8.530   6.910   1.00 41.38 ? 157 GLN A C   1 
ATOM   943  O O   . GLN A 1 118 ? 1.526   9.559   6.286   1.00 42.74 ? 157 GLN A O   1 
ATOM   944  C CB  . GLN A 1 118 ? 0.871   8.579   9.430   1.00 44.67 ? 157 GLN A CB  1 
ATOM   945  C CG  . GLN A 1 118 ? 1.407   8.084   10.761  1.00 44.73 ? 157 GLN A CG  1 
ATOM   946  C CD  . GLN A 1 118 ? 0.517   8.420   11.928  1.00 48.84 ? 157 GLN A CD  1 
ATOM   947  O OE1 . GLN A 1 118 ? -0.396  9.239   11.838  1.00 54.59 ? 157 GLN A OE1 1 
ATOM   948  N NE2 . GLN A 1 118 ? 0.818   7.798   13.055  1.00 56.51 ? 157 GLN A NE2 1 
ATOM   949  N N   . ILE A 1 119 ? 0.364   7.618   6.437   1.00 32.23 ? 158 ILE A N   1 
ATOM   950  C CA  . ILE A 1 119 ? -0.362  7.801   5.153   1.00 29.57 ? 158 ILE A CA  1 
ATOM   951  C C   . ILE A 1 119 ? -1.794  8.187   5.512   1.00 28.50 ? 158 ILE A C   1 
ATOM   952  O O   . ILE A 1 119 ? -2.468  7.380   6.169   1.00 29.38 ? 158 ILE A O   1 
ATOM   953  C CB  . ILE A 1 119 ? -0.318  6.552   4.263   1.00 29.48 ? 158 ILE A CB  1 
ATOM   954  C CG1 . ILE A 1 119 ? 1.119   6.089   4.010   1.00 31.68 ? 158 ILE A CG1 1 
ATOM   955  C CG2 . ILE A 1 119 ? -1.081  6.798   2.968   1.00 28.06 ? 158 ILE A CG2 1 
ATOM   956  C CD1 . ILE A 1 119 ? 1.875   6.910   3.002   1.00 33.12 ? 158 ILE A CD1 1 
ATOM   957  N N   . MET A 1 120 ? -2.198  9.385   5.103   1.00 29.14 ? 159 MET A N   1 
ATOM   958  C CA  . MET A 1 120 ? -3.565  9.927   5.297   1.00 32.42 ? 159 MET A CA  1 
ATOM   959  C C   . MET A 1 120 ? -4.468  9.334   4.211   1.00 28.31 ? 159 MET A C   1 
ATOM   960  O O   . MET A 1 120 ? -4.134  9.494   3.044   1.00 28.91 ? 159 MET A O   1 
ATOM   961  C CB  . MET A 1 120 ? -3.561  11.454  5.184   1.00 36.87 ? 159 MET A CB  1 
ATOM   962  C CG  . MET A 1 120 ? -4.939  12.071  5.365   1.00 42.26 ? 159 MET A CG  1 
ATOM   963  S SD  . MET A 1 120 ? -5.389  12.059  7.102   1.00 54.69 ? 159 MET A SD  1 
ATOM   964  C CE  . MET A 1 120 ? -6.471  13.491  7.125   1.00 54.42 ? 159 MET A CE  1 
ATOM   965  N N   . LEU A 1 121 ? -5.535  8.631   4.596   1.00 28.22 ? 160 LEU A N   1 
ATOM   966  C CA  . LEU A 1 121 ? -6.541  8.092   3.654   1.00 26.68 ? 160 LEU A CA  1 
ATOM   967  C C   . LEU A 1 121 ? -7.925  8.565   4.102   1.00 28.79 ? 160 LEU A C   1 
ATOM   968  O O   . LEU A 1 121 ? -8.087  8.902   5.275   1.00 29.45 ? 160 LEU A O   1 
ATOM   969  C CB  . LEU A 1 121 ? -6.470  6.564   3.632   1.00 25.53 ? 160 LEU A CB  1 
ATOM   970  C CG  . LEU A 1 121 ? -5.120  5.936   3.271   1.00 22.87 ? 160 LEU A CG  1 
ATOM   971  C CD1 . LEU A 1 121 ? -5.206  4.419   3.344   1.00 23.91 ? 160 LEU A CD1 1 
ATOM   972  C CD2 . LEU A 1 121 ? -4.651  6.362   1.899   1.00 23.56 ? 160 LEU A CD2 1 
ATOM   973  N N   . ASN A 1 122 ? -8.881  8.595   3.184   1.00 28.44 ? 161 ASN A N   1 
ATOM   974  C CA  . ASN A 1 122 ? -10.289 8.941   3.500   1.00 28.54 ? 161 ASN A CA  1 
ATOM   975  C C   . ASN A 1 122 ? -11.056 7.648   3.759   1.00 27.41 ? 161 ASN A C   1 
ATOM   976  O O   . ASN A 1 122 ? -11.041 6.767   2.902   1.00 25.02 ? 161 ASN A O   1 
ATOM   977  C CB  . ASN A 1 122 ? -10.901 9.807   2.410   1.00 27.38 ? 161 ASN A CB  1 
ATOM   978  C CG  . ASN A 1 122 ? -10.147 11.110  2.251   1.00 30.03 ? 161 ASN A CG  1 
ATOM   979  O OD1 . ASN A 1 122 ? -9.648  11.685  3.226   1.00 33.82 ? 161 ASN A OD1 1 
ATOM   980  N ND2 . ASN A 1 122 ? -10.061 11.569  1.026   1.00 30.50 ? 161 ASN A ND2 1 
ATOM   981  N N   . SER A 1 123 ? -11.691 7.562   4.921   1.00 27.26 ? 162 SER A N   1 
ATOM   982  C CA  . SER A 1 123 ? -12.585 6.442   5.299   1.00 29.73 ? 162 SER A CA  1 
ATOM   983  C C   . SER A 1 123 ? -13.614 6.206   4.182   1.00 26.47 ? 162 SER A C   1 
ATOM   984  O O   . SER A 1 123 ? -14.109 7.188   3.637   1.00 25.99 ? 162 SER A O   1 
ATOM   985  C CB  . SER A 1 123 ? -13.258 6.730   6.619   1.00 34.63 ? 162 SER A CB  1 
ATOM   986  O OG  . SER A 1 123 ? -13.959 5.570   7.058   1.00 38.33 ? 162 SER A OG  1 
ATOM   987  N N   . LEU A 1 124 ? -13.871 4.943   3.839   1.00 25.34 ? 163 LEU A N   1 
ATOM   988  C CA  . LEU A 1 124 ? -14.888 4.471   2.860   1.00 26.26 ? 163 LEU A CA  1 
ATOM   989  C C   . LEU A 1 124 ? -14.463 4.791   1.430   1.00 25.95 ? 163 LEU A C   1 
ATOM   990  O O   . LEU A 1 124 ? -15.308 4.672   0.525   1.00 25.34 ? 163 LEU A O   1 
ATOM   991  C CB  . LEU A 1 124 ? -16.281 5.025   3.225   1.00 27.63 ? 163 LEU A CB  1 
ATOM   992  C CG  . LEU A 1 124 ? -16.778 4.533   4.590   1.00 31.47 ? 163 LEU A CG  1 
ATOM   993  C CD1 . LEU A 1 124 ? -18.195 5.019   4.918   1.00 32.42 ? 163 LEU A CD1 1 
ATOM   994  C CD2 . LEU A 1 124 ? -16.725 3.014   4.668   1.00 28.61 ? 163 LEU A CD2 1 
ATOM   995  N N   . HIS A 1 125 ? -13.163 5.048   1.212   1.00 25.56 ? 164 HIS A N   1 
ATOM   996  C CA  . HIS A 1 125 ? -12.548 5.161   -0.132  1.00 23.37 ? 164 HIS A CA  1 
ATOM   997  C C   . HIS A 1 125 ? -11.609 3.977   -0.368  1.00 21.81 ? 164 HIS A C   1 
ATOM   998  O O   . HIS A 1 125 ? -10.973 3.483   0.615   1.00 22.59 ? 164 HIS A O   1 
ATOM   999  C CB  . HIS A 1 125 ? -11.848 6.522   -0.298  1.00 23.67 ? 164 HIS A CB  1 
ATOM   1000 C CG  . HIS A 1 125 ? -12.777 7.681   -0.228  1.00 24.72 ? 164 HIS A CG  1 
ATOM   1001 N ND1 . HIS A 1 125 ? -13.469 7.975   0.911   1.00 24.65 ? 164 HIS A ND1 1 
ATOM   1002 C CD2 . HIS A 1 125 ? -13.107 8.629   -1.138  1.00 27.53 ? 164 HIS A CD2 1 
ATOM   1003 C CE1 . HIS A 1 125 ? -14.211 9.058   0.697   1.00 27.04 ? 164 HIS A CE1 1 
ATOM   1004 N NE2 . HIS A 1 125 ? -14.010 9.461   -0.549  1.00 25.14 ? 164 HIS A NE2 1 
ATOM   1005 N N   . LYS A 1 126 ? -11.585 3.500   -1.606  1.00 22.47 ? 165 LYS A N   1 
ATOM   1006 C CA  . LYS A 1 126 ? -10.746 2.369   -2.069  1.00 21.83 ? 165 LYS A CA  1 
ATOM   1007 C C   . LYS A 1 126 ? -9.409  2.921   -2.588  1.00 22.69 ? 165 LYS A C   1 
ATOM   1008 O O   . LYS A 1 126 ? -9.397  3.978   -3.271  1.00 20.25 ? 165 LYS A O   1 
ATOM   1009 C CB  . LYS A 1 126 ? -11.455 1.560   -3.150  1.00 24.02 ? 165 LYS A CB  1 
ATOM   1010 C CG  . LYS A 1 126 ? -10.748 0.299   -3.602  1.00 26.77 ? 165 LYS A CG  1 
ATOM   1011 C CD  . LYS A 1 126 ? -11.503 -0.505  -4.681  1.00 29.77 ? 165 LYS A CD  1 
ATOM   1012 C CE  . LYS A 1 126 ? -12.777 -1.108  -4.113  1.00 34.71 ? 165 LYS A CE  1 
ATOM   1013 N NZ  . LYS A 1 126 ? -13.289 -2.243  -4.921  1.00 41.08 ? 165 LYS A NZ  1 
ATOM   1014 N N   . TYR A 1 127 ? -8.319  2.256   -2.190  1.00 21.92 ? 166 TYR A N   1 
ATOM   1015 C CA  . TYR A 1 127 ? -6.922  2.628   -2.489  1.00 22.23 ? 166 TYR A CA  1 
ATOM   1016 C C   . TYR A 1 127 ? -6.177  1.399   -2.985  1.00 24.79 ? 166 TYR A C   1 
ATOM   1017 O O   . TYR A 1 127 ? -6.529  0.271   -2.579  1.00 22.15 ? 166 TYR A O   1 
ATOM   1018 C CB  . TYR A 1 127 ? -6.248  3.212   -1.252  1.00 23.84 ? 166 TYR A CB  1 
ATOM   1019 C CG  . TYR A 1 127 ? -6.812  4.533   -0.816  1.00 22.31 ? 166 TYR A CG  1 
ATOM   1020 C CD1 . TYR A 1 127 ? -6.443  5.709   -1.456  1.00 22.37 ? 166 TYR A CD1 1 
ATOM   1021 C CD2 . TYR A 1 127 ? -7.786  4.604   0.165   1.00 23.08 ? 166 TYR A CD2 1 
ATOM   1022 C CE1 . TYR A 1 127 ? -6.938  6.935   -1.041  1.00 23.38 ? 166 TYR A CE1 1 
ATOM   1023 C CE2 . TYR A 1 127 ? -8.312  5.818   0.569   1.00 24.65 ? 166 TYR A CE2 1 
ATOM   1024 C CZ  . TYR A 1 127 ? -7.883  6.993   -0.032  1.00 24.86 ? 166 TYR A CZ  1 
ATOM   1025 O OH  . TYR A 1 127 ? -8.413  8.197   0.361   1.00 26.55 ? 166 TYR A OH  1 
ATOM   1026 N N   . GLU A 1 128 ? -5.198  1.634   -3.860  1.00 24.19 ? 167 GLU A N   1 
ATOM   1027 C CA  . GLU A 1 128 ? -4.313  0.598   -4.432  1.00 25.80 ? 167 GLU A CA  1 
ATOM   1028 C C   . GLU A 1 128 ? -2.881  1.020   -4.129  1.00 27.42 ? 167 GLU A C   1 
ATOM   1029 O O   . GLU A 1 128 ? -2.436  2.076   -4.585  1.00 25.59 ? 167 GLU A O   1 
ATOM   1030 C CB  . GLU A 1 128 ? -4.553  0.478   -5.927  1.00 32.33 ? 167 GLU A CB  1 
ATOM   1031 C CG  . GLU A 1 128 ? -3.845  -0.710  -6.562  1.00 36.44 ? 167 GLU A CG  1 
ATOM   1032 C CD  . GLU A 1 128 ? -4.219  -0.789  -8.022  1.00 41.13 ? 167 GLU A CD  1 
ATOM   1033 O OE1 . GLU A 1 128 ? -3.679  0.020   -8.804  1.00 41.93 ? 167 GLU A OE1 1 
ATOM   1034 O OE2 . GLU A 1 128 ? -5.135  -1.555  -8.345  1.00 45.25 ? 167 GLU A OE2 1 
ATOM   1035 N N   . PRO A 1 129 ? -2.152  0.234   -3.307  1.00 25.92 ? 168 PRO A N   1 
ATOM   1036 C CA  . PRO A 1 129 ? -0.731  0.465   -3.069  1.00 23.98 ? 168 PRO A CA  1 
ATOM   1037 C C   . PRO A 1 129 ? 0.089   0.539   -4.363  1.00 23.66 ? 168 PRO A C   1 
ATOM   1038 O O   . PRO A 1 129 ? -0.181  -0.177  -5.311  1.00 21.21 ? 168 PRO A O   1 
ATOM   1039 C CB  . PRO A 1 129 ? -0.315  -0.758  -2.233  1.00 26.31 ? 168 PRO A CB  1 
ATOM   1040 C CG  . PRO A 1 129 ? -1.577  -1.166  -1.516  1.00 26.05 ? 168 PRO A CG  1 
ATOM   1041 C CD  . PRO A 1 129 ? -2.682  -0.870  -2.489  1.00 26.58 ? 168 PRO A CD  1 
ATOM   1042 N N   . ARG A 1 130 ? 1.092   1.412   -4.332  1.00 23.12 ? 169 ARG A N   1 
ATOM   1043 C CA  . ARG A 1 130 ? 1.999   1.709   -5.455  1.00 24.66 ? 169 ARG A CA  1 
ATOM   1044 C C   . ARG A 1 130 ? 3.410   1.857   -4.897  1.00 22.58 ? 169 ARG A C   1 
ATOM   1045 O O   . ARG A 1 130 ? 3.621   2.707   -4.001  1.00 22.86 ? 169 ARG A O   1 
ATOM   1046 C CB  . ARG A 1 130 ? 1.586   2.991   -6.180  1.00 25.84 ? 169 ARG A CB  1 
ATOM   1047 C CG  . ARG A 1 130 ? 2.457   3.268   -7.393  1.00 26.56 ? 169 ARG A CG  1 
ATOM   1048 C CD  . ARG A 1 130 ? 1.881   4.332   -8.308  1.00 27.97 ? 169 ARG A CD  1 
ATOM   1049 N NE  . ARG A 1 130 ? 1.711   5.588   -7.593  1.00 25.93 ? 169 ARG A NE  1 
ATOM   1050 C CZ  . ARG A 1 130 ? 1.259   6.701   -8.173  1.00 27.51 ? 169 ARG A CZ  1 
ATOM   1051 N NH1 . ARG A 1 130 ? 0.973   6.704   -9.462  1.00 26.71 ? 169 ARG A NH1 1 
ATOM   1052 N NH2 . ARG A 1 130 ? 1.113   7.801   -7.472  1.00 27.33 ? 169 ARG A NH2 1 
ATOM   1053 N N   . ILE A 1 131 ? 4.343   1.088   -5.451  1.00 23.85 ? 170 ILE A N   1 
ATOM   1054 C CA  . ILE A 1 131 ? 5.775   1.188   -5.071  1.00 23.80 ? 170 ILE A CA  1 
ATOM   1055 C C   . ILE A 1 131 ? 6.534   1.882   -6.194  1.00 22.19 ? 170 ILE A C   1 
ATOM   1056 O O   . ILE A 1 131 ? 6.301   1.567   -7.353  1.00 23.63 ? 170 ILE A O   1 
ATOM   1057 C CB  . ILE A 1 131 ? 6.314   -0.210  -4.726  1.00 25.67 ? 170 ILE A CB  1 
ATOM   1058 C CG1 . ILE A 1 131 ? 5.662   -0.709  -3.426  1.00 24.38 ? 170 ILE A CG1 1 
ATOM   1059 C CG2 . ILE A 1 131 ? 7.835   -0.198  -4.651  1.00 25.06 ? 170 ILE A CG2 1 
ATOM   1060 C CD1 . ILE A 1 131 ? 5.923   -2.182  -3.155  1.00 27.27 ? 170 ILE A CD1 1 
ATOM   1061 N N   . HIS A 1 132 ? 7.449   2.757   -5.811  1.00 23.94 ? 171 HIS A N   1 
ATOM   1062 C CA  . HIS A 1 132 ? 8.356   3.539   -6.692  1.00 23.11 ? 171 HIS A CA  1 
ATOM   1063 C C   . HIS A 1 132 ? 9.796   3.170   -6.328  1.00 23.41 ? 171 HIS A C   1 
ATOM   1064 O O   . HIS A 1 132 ? 10.105  3.131   -5.129  1.00 23.06 ? 171 HIS A O   1 
ATOM   1065 C CB  . HIS A 1 132 ? 8.177   5.033   -6.480  1.00 25.10 ? 171 HIS A CB  1 
ATOM   1066 C CG  . HIS A 1 132 ? 6.756   5.471   -6.564  1.00 27.39 ? 171 HIS A CG  1 
ATOM   1067 N ND1 . HIS A 1 132 ? 6.168   5.814   -7.765  1.00 29.52 ? 171 HIS A ND1 1 
ATOM   1068 C CD2 . HIS A 1 132 ? 5.798   5.559   -5.618  1.00 33.49 ? 171 HIS A CD2 1 
ATOM   1069 C CE1 . HIS A 1 132 ? 4.906   6.130   -7.543  1.00 30.67 ? 171 HIS A CE1 1 
ATOM   1070 N NE2 . HIS A 1 132 ? 4.657   6.004   -6.236  1.00 30.57 ? 171 HIS A NE2 1 
ATOM   1071 N N   . ILE A 1 133 ? 10.610  2.911   -7.339  1.00 21.94 ? 172 ILE A N   1 
ATOM   1072 C CA  . ILE A 1 133 ? 12.073  2.701   -7.190  1.00 21.29 ? 172 ILE A CA  1 
ATOM   1073 C C   . ILE A 1 133 ? 12.746  3.910   -7.818  1.00 22.89 ? 172 ILE A C   1 
ATOM   1074 O O   . ILE A 1 133 ? 12.490  4.182   -8.985  1.00 23.50 ? 172 ILE A O   1 
ATOM   1075 C CB  . ILE A 1 133 ? 12.544  1.369   -7.776  1.00 21.17 ? 172 ILE A CB  1 
ATOM   1076 C CG1 . ILE A 1 133 ? 11.838  0.189   -7.115  1.00 21.92 ? 172 ILE A CG1 1 
ATOM   1077 C CG2 . ILE A 1 133 ? 14.039  1.242   -7.605  1.00 21.19 ? 172 ILE A CG2 1 
ATOM   1078 C CD1 . ILE A 1 133 ? 11.968  -1.117  -7.837  1.00 21.87 ? 172 ILE A CD1 1 
ATOM   1079 N N   . VAL A 1 134 ? 13.530  4.592   -6.991  1.00 23.83 ? 173 VAL A N   1 
ATOM   1080 C CA  . VAL A 1 134 ? 14.273  5.848   -7.258  1.00 26.74 ? 173 VAL A CA  1 
ATOM   1081 C C   . VAL A 1 134 ? 15.766  5.492   -7.287  1.00 25.45 ? 173 VAL A C   1 
ATOM   1082 O O   . VAL A 1 134 ? 16.250  4.969   -6.277  1.00 25.38 ? 173 VAL A O   1 
ATOM   1083 C CB  . VAL A 1 134 ? 13.950  6.849   -6.127  1.00 32.33 ? 173 VAL A CB  1 
ATOM   1084 C CG1 . VAL A 1 134 ? 14.626  8.197   -6.324  1.00 36.65 ? 173 VAL A CG1 1 
ATOM   1085 C CG2 . VAL A 1 134 ? 12.444  7.020   -5.950  1.00 34.21 ? 173 VAL A CG2 1 
ATOM   1086 N N   . ARG A 1 135 ? 16.468  5.776   -8.381  1.00 23.70 ? 174 ARG A N   1 
ATOM   1087 C CA  . ARG A 1 135 ? 17.934  5.590   -8.438  1.00 26.05 ? 174 ARG A CA  1 
ATOM   1088 C C   . ARG A 1 135 ? 18.641  6.805   -7.816  1.00 26.83 ? 174 ARG A C   1 
ATOM   1089 O O   . ARG A 1 135 ? 18.343  7.963   -8.196  1.00 28.55 ? 174 ARG A O   1 
ATOM   1090 C CB  . ARG A 1 135 ? 18.373  5.347   -9.878  1.00 29.31 ? 174 ARG A CB  1 
ATOM   1091 C CG  . ARG A 1 135 ? 19.826  4.921   -9.953  1.00 30.70 ? 174 ARG A CG  1 
ATOM   1092 C CD  . ARG A 1 135 ? 20.231  4.484   -11.335 1.00 39.44 ? 174 ARG A CD  1 
ATOM   1093 N NE  . ARG A 1 135 ? 21.678  4.294   -11.364 1.00 41.55 ? 174 ARG A NE  1 
ATOM   1094 C CZ  . ARG A 1 135 ? 22.316  3.316   -12.006 1.00 46.88 ? 174 ARG A CZ  1 
ATOM   1095 N NH1 . ARG A 1 135 ? 23.639  3.250   -11.937 1.00 47.43 ? 174 ARG A NH1 1 
ATOM   1096 N NH2 . ARG A 1 135 ? 21.639  2.414   -12.706 1.00 47.67 ? 174 ARG A NH2 1 
ATOM   1097 N N   . VAL A 1 136 ? 19.561  6.560   -6.893  1.00 27.05 ? 175 VAL A N   1 
ATOM   1098 C CA  . VAL A 1 136 ? 20.359  7.619   -6.215  1.00 25.80 ? 175 VAL A CA  1 
ATOM   1099 C C   . VAL A 1 136 ? 21.435  8.148   -7.171  1.00 25.38 ? 175 VAL A C   1 
ATOM   1100 O O   . VAL A 1 136 ? 22.084  7.331   -7.856  1.00 24.03 ? 175 VAL A O   1 
ATOM   1101 C CB  . VAL A 1 136 ? 20.986  7.062   -4.933  1.00 28.48 ? 175 VAL A CB  1 
ATOM   1102 C CG1 . VAL A 1 136 ? 21.970  8.021   -4.314  1.00 29.33 ? 175 VAL A CG1 1 
ATOM   1103 C CG2 . VAL A 1 136 ? 19.933  6.651   -3.929  1.00 31.05 ? 175 VAL A CG2 1 
ATOM   1104 N N   . GLY A 1 137 ? 21.658  9.467   -7.158  1.00 25.52 ? 176 GLY A N   1 
ATOM   1105 C CA  . GLY A 1 137 ? 22.740  10.128  -7.904  1.00 27.67 ? 176 GLY A CA  1 
ATOM   1106 C C   . GLY A 1 137 ? 22.430  10.200  -9.387  1.00 29.89 ? 176 GLY A C   1 
ATOM   1107 O O   . GLY A 1 137 ? 23.367  10.278  -10.181 1.00 31.31 ? 176 GLY A O   1 
ATOM   1108 N N   . ASP A 1 138 ? 21.153  10.094  -9.774  1.00 27.74 ? 177 ASP A N   1 
ATOM   1109 C CA  . ASP A 1 138 ? 20.778  9.970   -11.207 1.00 25.72 ? 177 ASP A CA  1 
ATOM   1110 C C   . ASP A 1 138 ? 20.379  11.352  -11.722 1.00 26.49 ? 177 ASP A C   1 
ATOM   1111 O O   . ASP A 1 138 ? 19.370  11.884  -11.257 1.00 25.53 ? 177 ASP A O   1 
ATOM   1112 C CB  . ASP A 1 138 ? 19.651  8.958   -11.374 1.00 26.19 ? 177 ASP A CB  1 
ATOM   1113 C CG  . ASP A 1 138 ? 19.204  8.786   -12.806 1.00 26.24 ? 177 ASP A CG  1 
ATOM   1114 O OD1 . ASP A 1 138 ? 19.800  9.419   -13.692 1.00 32.77 ? 177 ASP A OD1 1 
ATOM   1115 O OD2 . ASP A 1 138 ? 18.274  8.030   -13.010 1.00 30.12 ? 177 ASP A OD2 1 
ATOM   1116 N N   . PRO A 1 139 ? 21.134  11.979  -12.671 1.00 28.14 ? 178 PRO A N   1 
ATOM   1117 C CA  . PRO A 1 139 ? 20.767  13.309  -13.180 1.00 28.36 ? 178 PRO A CA  1 
ATOM   1118 C C   . PRO A 1 139 ? 19.409  13.267  -13.903 1.00 26.68 ? 178 PRO A C   1 
ATOM   1119 O O   . PRO A 1 139 ? 18.771  14.289  -13.997 1.00 27.07 ? 178 PRO A O   1 
ATOM   1120 C CB  . PRO A 1 139 ? 21.930  13.729  -14.098 1.00 30.60 ? 178 PRO A CB  1 
ATOM   1121 C CG  . PRO A 1 139 ? 22.674  12.456  -14.422 1.00 30.02 ? 178 PRO A CG  1 
ATOM   1122 C CD  . PRO A 1 139 ? 22.353  11.461  -13.314 1.00 31.09 ? 178 PRO A CD  1 
ATOM   1123 N N   . GLN A 1 140 ? 18.940  12.082  -14.330 1.00 25.81 ? 179 GLN A N   1 
ATOM   1124 C CA  . GLN A 1 140 ? 17.631  11.958  -15.018 1.00 25.78 ? 179 GLN A CA  1 
ATOM   1125 C C   . GLN A 1 140 ? 16.506  11.693  -14.024 1.00 24.34 ? 179 GLN A C   1 
ATOM   1126 O O   . GLN A 1 140 ? 15.318  11.685  -14.474 1.00 24.23 ? 179 GLN A O   1 
ATOM   1127 C CB  . GLN A 1 140 ? 17.671  10.870  -16.075 1.00 27.58 ? 179 GLN A CB  1 
ATOM   1128 C CG  . GLN A 1 140 ? 18.586  11.235  -17.226 1.00 34.17 ? 179 GLN A CG  1 
ATOM   1129 C CD  . GLN A 1 140 ? 18.255  10.387  -18.421 1.00 37.06 ? 179 GLN A CD  1 
ATOM   1130 O OE1 . GLN A 1 140 ? 17.764  10.878  -19.431 1.00 46.24 ? 179 GLN A OE1 1 
ATOM   1131 N NE2 . GLN A 1 140 ? 18.464  9.097   -18.267 1.00 39.16 ? 179 GLN A NE2 1 
ATOM   1132 N N   . ARG A 1 141 ? 16.848  11.471  -12.749 1.00 23.37 ? 180 ARG A N   1 
ATOM   1133 C CA  . ARG A 1 141 ? 15.857  11.243  -11.656 1.00 26.90 ? 180 ARG A CA  1 
ATOM   1134 C C   . ARG A 1 141 ? 14.873  10.168  -12.131 1.00 23.43 ? 180 ARG A C   1 
ATOM   1135 O O   . ARG A 1 141 ? 13.635  10.345  -12.017 1.00 25.35 ? 180 ARG A O   1 
ATOM   1136 C CB  . ARG A 1 141 ? 15.217  12.577  -11.282 1.00 28.17 ? 180 ARG A CB  1 
ATOM   1137 C CG  . ARG A 1 141 ? 16.249  13.634  -10.928 1.00 30.90 ? 180 ARG A CG  1 
ATOM   1138 C CD  . ARG A 1 141 ? 15.664  14.770  -10.121 1.00 35.25 ? 180 ARG A CD  1 
ATOM   1139 N NE  . ARG A 1 141 ? 14.623  15.479  -10.843 1.00 37.00 ? 180 ARG A NE  1 
ATOM   1140 C CZ  . ARG A 1 141 ? 14.815  16.367  -11.800 1.00 41.68 ? 180 ARG A CZ  1 
ATOM   1141 N NH1 . ARG A 1 141 ? 16.035  16.676  -12.205 1.00 50.36 ? 180 ARG A NH1 1 
ATOM   1142 N NH2 . ARG A 1 141 ? 13.774  16.955  -12.358 1.00 47.29 ? 180 ARG A NH2 1 
ATOM   1143 N N   A MET A 1 142 ? 15.408  9.119   -12.754 0.50 24.39 ? 181 MET A N   1 
ATOM   1144 N N   B MET A 1 142 ? 15.440  9.084   -12.664 0.50 26.88 ? 181 MET A N   1 
ATOM   1145 C CA  A MET A 1 142 ? 14.581  8.010   -13.289 0.50 23.48 ? 181 MET A CA  1 
ATOM   1146 C CA  B MET A 1 142 ? 14.685  7.912   -13.168 0.50 27.43 ? 181 MET A CA  1 
ATOM   1147 C C   A MET A 1 142 ? 13.788  7.421   -12.124 0.50 21.69 ? 181 MET A C   1 
ATOM   1148 C C   B MET A 1 142 ? 14.029  7.205   -11.978 0.50 25.35 ? 181 MET A C   1 
ATOM   1149 O O   A MET A 1 142 ? 14.352  7.233   -11.034 0.50 21.66 ? 181 MET A O   1 
ATOM   1150 O O   B MET A 1 142 ? 14.752  6.789   -11.035 0.50 24.71 ? 181 MET A O   1 
ATOM   1151 C CB  A MET A 1 142 ? 15.420  6.913   -13.941 0.50 23.14 ? 181 MET A CB  1 
ATOM   1152 C CB  B MET A 1 142 ? 15.586  6.943   -13.932 0.50 29.31 ? 181 MET A CB  1 
ATOM   1153 C CG  A MET A 1 142 ? 14.567  5.818   -14.532 0.50 23.67 ? 181 MET A CG  1 
ATOM   1154 C CG  B MET A 1 142 ? 14.808  5.881   -14.667 0.50 31.14 ? 181 MET A CG  1 
ATOM   1155 S SD  A MET A 1 142 ? 15.517  4.541   -15.373 0.50 24.10 ? 181 MET A SD  1 
ATOM   1156 S SD  B MET A 1 142 ? 14.569  4.443   -13.613 0.50 36.50 ? 181 MET A SD  1 
ATOM   1157 C CE  A MET A 1 142 ? 14.346  3.186   -15.322 0.50 23.34 ? 181 MET A CE  1 
ATOM   1158 C CE  B MET A 1 142 ? 16.204  3.733   -13.811 0.50 35.50 ? 181 MET A CE  1 
ATOM   1159 N N   A ILE A 1 143 ? 12.508  7.176   -12.349 0.50 22.09 ? 182 ILE A N   1 
ATOM   1160 N N   B ILE A 1 143 ? 12.705  7.110   -12.054 0.50 25.62 ? 182 ILE A N   1 
ATOM   1161 C CA  A ILE A 1 143 ? 11.676  6.471   -11.344 0.50 21.93 ? 182 ILE A CA  1 
ATOM   1162 C CA  B ILE A 1 143 ? 11.808  6.454   -11.063 0.50 25.15 ? 182 ILE A CA  1 
ATOM   1163 C C   A ILE A 1 143 ? 10.949  5.346   -12.069 0.50 20.01 ? 182 ILE A C   1 
ATOM   1164 C C   B ILE A 1 143 ? 10.902  5.492   -11.835 0.50 23.32 ? 182 ILE A C   1 
ATOM   1165 O O   A ILE A 1 143 ? 10.687  5.459   -13.288 0.50 20.21 ? 182 ILE A O   1 
ATOM   1166 O O   B ILE A 1 143 ? 10.336  5.917   -12.857 0.50 23.48 ? 182 ILE A O   1 
ATOM   1167 C CB  A ILE A 1 143 ? 10.772  7.466   -10.597 0.50 23.10 ? 182 ILE A CB  1 
ATOM   1168 C CB  B ILE A 1 143 ? 11.013  7.516   -10.278 0.50 25.80 ? 182 ILE A CB  1 
ATOM   1169 C CG1 A ILE A 1 143 ? 11.633  8.460   -9.810  0.50 23.72 ? 182 ILE A CG1 1 
ATOM   1170 C CG1 B ILE A 1 143 ? 10.166  6.900   -9.165  0.50 25.71 ? 182 ILE A CG1 1 
ATOM   1171 C CG2 A ILE A 1 143 ? 9.764   6.744   -9.712  0.50 21.90 ? 182 ILE A CG2 1 
ATOM   1172 C CG2 B ILE A 1 143 ? 10.154  8.354   -11.217 0.50 26.60 ? 182 ILE A CG2 1 
ATOM   1173 C CD1 A ILE A 1 143 ? 10.879  9.605   -9.198  0.50 25.34 ? 182 ILE A CD1 1 
ATOM   1174 C CD1 B ILE A 1 143 ? 9.457   7.929   -8.304  0.50 26.14 ? 182 ILE A CD1 1 
ATOM   1175 N N   A THR A 1 144 ? 10.744  4.250   -11.353 0.50 19.63 ? 183 THR A N   1 
ATOM   1176 N N   B THR A 1 144 ? 10.797  4.245   -11.368 0.50 23.40 ? 183 THR A N   1 
ATOM   1177 C CA  A THR A 1 144 ? 9.866   3.137   -11.783 0.50 19.67 ? 183 THR A CA  1 
ATOM   1178 C CA  B THR A 1 144 ? 9.928   3.169   -11.930 0.50 23.51 ? 183 THR A CA  1 
ATOM   1179 C C   A THR A 1 144 ? 8.713   3.097   -10.783 0.50 20.90 ? 183 THR A C   1 
ATOM   1180 C C   B THR A 1 144 ? 8.816   2.843   -10.930 0.50 23.91 ? 183 THR A C   1 
ATOM   1181 O O   A THR A 1 144 ? 8.938   3.406   -9.578  0.50 19.95 ? 183 THR A O   1 
ATOM   1182 O O   B THR A 1 144 ? 9.143   2.441   -9.812  0.50 23.53 ? 183 THR A O   1 
ATOM   1183 C CB  A THR A 1 144 ? 10.623  1.812   -11.945 0.50 19.43 ? 183 THR A CB  1 
ATOM   1184 C CB  B THR A 1 144 ? 10.704  1.880   -12.236 0.50 24.07 ? 183 THR A CB  1 
ATOM   1185 O OG1 A THR A 1 144 ? 10.937  1.280   -10.662 0.50 19.47 ? 183 THR A OG1 1 
ATOM   1186 O OG1 B THR A 1 144 ? 11.730  2.130   -13.197 0.50 25.27 ? 183 THR A OG1 1 
ATOM   1187 C CG2 A THR A 1 144 ? 11.894  1.936   -12.754 0.50 20.04 ? 183 THR A CG2 1 
ATOM   1188 C CG2 B THR A 1 144 ? 9.814   0.788   -12.789 0.50 24.98 ? 183 THR A CG2 1 
ATOM   1189 N N   A SER A 1 145 ? 7.523   2.807   -11.293 0.50 20.55 ? 184 SER A N   1 
ATOM   1190 N N   B SER A 1 145 ? 7.552   2.996   -11.314 0.50 22.34 ? 184 SER A N   1 
ATOM   1191 C CA  A SER A 1 145 ? 6.279   2.741   -10.503 0.50 23.02 ? 184 SER A CA  1 
ATOM   1192 C CA  B SER A 1 145 ? 6.399   2.732   -10.418 0.50 23.81 ? 184 SER A CA  1 
ATOM   1193 C C   A SER A 1 145 ? 5.591   1.420   -10.816 0.50 21.70 ? 184 SER A C   1 
ATOM   1194 C C   B SER A 1 145 ? 5.762   1.380   -10.767 0.50 21.93 ? 184 SER A C   1 
ATOM   1195 O O   A SER A 1 145 ? 5.461   1.090   -11.995 0.50 21.34 ? 184 SER A O   1 
ATOM   1196 O O   B SER A 1 145 ? 5.869   0.965   -11.915 0.50 20.91 ? 184 SER A O   1 
ATOM   1197 C CB  A SER A 1 145 ? 5.389   3.919   -10.787 0.50 23.16 ? 184 SER A CB  1 
ATOM   1198 C CB  B SER A 1 145 ? 5.396   3.863   -10.465 0.50 23.61 ? 184 SER A CB  1 
ATOM   1199 O OG  A SER A 1 145 ? 6.117   5.117   -10.607 0.50 24.62 ? 184 SER A OG  1 
ATOM   1200 O OG  B SER A 1 145 ? 4.979   4.114   -11.797 0.50 24.20 ? 184 SER A OG  1 
ATOM   1201 N N   . HIS A 1 146 ? 5.163   0.713   -9.772  1.00 23.09 ? 185 HIS A N   1 
ATOM   1202 C CA  . HIS A 1 146 ? 4.500   -0.605  -9.904  1.00 23.82 ? 185 HIS A CA  1 
ATOM   1203 C C   . HIS A 1 146 ? 3.256   -0.591  -9.020  1.00 22.09 ? 185 HIS A C   1 
ATOM   1204 O O   . HIS A 1 146 ? 3.370   -0.238  -7.843  1.00 21.96 ? 185 HIS A O   1 
ATOM   1205 C CB  . HIS A 1 146 ? 5.442   -1.748  -9.491  1.00 27.52 ? 185 HIS A CB  1 
ATOM   1206 C CG  . HIS A 1 146 ? 6.483   -2.114  -10.501 1.00 30.84 ? 185 HIS A CG  1 
ATOM   1207 N ND1 . HIS A 1 146 ? 7.710   -1.521  -10.500 1.00 30.31 ? 185 HIS A ND1 1 
ATOM   1208 C CD2 . HIS A 1 146 ? 6.497   -3.056  -11.482 1.00 36.15 ? 185 HIS A CD2 1 
ATOM   1209 C CE1 . HIS A 1 146 ? 8.461   -2.046  -11.437 1.00 34.93 ? 185 HIS A CE1 1 
ATOM   1210 N NE2 . HIS A 1 146 ? 7.736   -2.991  -12.074 1.00 40.68 ? 185 HIS A NE2 1 
ATOM   1211 N N   . CYS A 1 147 ? 2.126   -0.994  -9.587  1.00 23.27 ? 186 CYS A N   1 
ATOM   1212 C CA  . CYS A 1 147 ? 0.827   -1.094  -8.888  1.00 24.61 ? 186 CYS A CA  1 
ATOM   1213 C C   . CYS A 1 147 ? 0.558   -2.563  -8.566  1.00 22.52 ? 186 CYS A C   1 
ATOM   1214 O O   . CYS A 1 147 ? 1.078   -3.426  -9.282  1.00 25.82 ? 186 CYS A O   1 
ATOM   1215 C CB  . CYS A 1 147 ? -0.285  -0.512  -9.745  1.00 25.03 ? 186 CYS A CB  1 
ATOM   1216 S SG  . CYS A 1 147 ? 0.007   1.240   -10.078 1.00 30.37 ? 186 CYS A SG  1 
ATOM   1217 N N   . PHE A 1 148 ? -0.227  -2.812  -7.523  1.00 22.76 ? 187 PHE A N   1 
ATOM   1218 C CA  . PHE A 1 148 ? -0.479  -4.166  -6.971  1.00 25.45 ? 187 PHE A CA  1 
ATOM   1219 C C   . PHE A 1 148 ? -1.980  -4.310  -6.814  1.00 25.07 ? 187 PHE A C   1 
ATOM   1220 O O   . PHE A 1 148 ? -2.503  -3.991  -5.755  1.00 23.46 ? 187 PHE A O   1 
ATOM   1221 C CB  . PHE A 1 148 ? 0.300   -4.365  -5.672  1.00 25.10 ? 187 PHE A CB  1 
ATOM   1222 C CG  . PHE A 1 148 ? 1.782   -4.249  -5.895  1.00 26.44 ? 187 PHE A CG  1 
ATOM   1223 C CD1 . PHE A 1 148 ? 2.495   -5.275  -6.505  1.00 28.65 ? 187 PHE A CD1 1 
ATOM   1224 C CD2 . PHE A 1 148 ? 2.435   -3.059  -5.631  1.00 29.63 ? 187 PHE A CD2 1 
ATOM   1225 C CE1 . PHE A 1 148 ? 3.851   -5.134  -6.767  1.00 29.43 ? 187 PHE A CE1 1 
ATOM   1226 C CE2 . PHE A 1 148 ? 3.787   -2.921  -5.904  1.00 27.29 ? 187 PHE A CE2 1 
ATOM   1227 C CZ  . PHE A 1 148 ? 4.487   -3.953  -6.469  1.00 28.43 ? 187 PHE A CZ  1 
ATOM   1228 N N   . PRO A 1 149 ? -2.676  -4.687  -7.909  1.00 29.17 ? 188 PRO A N   1 
ATOM   1229 C CA  . PRO A 1 149 ? -4.135  -4.835  -7.917  1.00 30.21 ? 188 PRO A CA  1 
ATOM   1230 C C   . PRO A 1 149 ? -4.675  -5.796  -6.845  1.00 27.28 ? 188 PRO A C   1 
ATOM   1231 O O   . PRO A 1 149 ? -5.823  -5.583  -6.371  1.00 23.57 ? 188 PRO A O   1 
ATOM   1232 C CB  . PRO A 1 149 ? -4.462  -5.407  -9.308  1.00 31.11 ? 188 PRO A CB  1 
ATOM   1233 C CG  . PRO A 1 149 ? -3.138  -5.845  -9.889  1.00 32.52 ? 188 PRO A CG  1 
ATOM   1234 C CD  . PRO A 1 149 ? -2.097  -4.954  -9.236  1.00 34.01 ? 188 PRO A CD  1 
ATOM   1235 N N   . GLU A 1 150 ? -3.883  -6.808  -6.499  1.00 27.71 ? 189 GLU A N   1 
ATOM   1236 C CA  . GLU A 1 150 ? -4.252  -7.842  -5.490  1.00 24.87 ? 189 GLU A CA  1 
ATOM   1237 C C   . GLU A 1 150 ? -4.406  -7.192  -4.115  1.00 23.05 ? 189 GLU A C   1 
ATOM   1238 O O   . GLU A 1 150 ? -5.004  -7.820  -3.228  1.00 22.69 ? 189 GLU A O   1 
ATOM   1239 C CB  . GLU A 1 150 ? -3.163  -8.908  -5.405  1.00 28.07 ? 189 GLU A CB  1 
ATOM   1240 C CG  . GLU A 1 150 ? -3.030  -9.734  -6.674  1.00 28.90 ? 189 GLU A CG  1 
ATOM   1241 C CD  . GLU A 1 150 ? -1.842  -9.364  -7.551  1.00 32.48 ? 189 GLU A CD  1 
ATOM   1242 O OE1 . GLU A 1 150 ? -1.283  -10.326 -8.175  1.00 35.77 ? 189 GLU A OE1 1 
ATOM   1243 O OE2 . GLU A 1 150 ? -1.465  -8.141  -7.610  1.00 31.03 ? 189 GLU A OE2 1 
ATOM   1244 N N   . THR A 1 151 ? -3.823  -6.008  -3.922  1.00 20.76 ? 190 THR A N   1 
ATOM   1245 C CA  . THR A 1 151 ? -3.652  -5.390  -2.593  1.00 21.95 ? 190 THR A CA  1 
ATOM   1246 C C   . THR A 1 151 ? -4.670  -4.264  -2.393  1.00 20.60 ? 190 THR A C   1 
ATOM   1247 O O   . THR A 1 151 ? -4.588  -3.614  -1.352  1.00 20.50 ? 190 THR A O   1 
ATOM   1248 C CB  . THR A 1 151 ? -2.210  -4.906  -2.391  1.00 23.20 ? 190 THR A CB  1 
ATOM   1249 O OG1 . THR A 1 151 ? -1.930  -3.814  -3.261  1.00 22.88 ? 190 THR A OG1 1 
ATOM   1250 C CG2 . THR A 1 151 ? -1.190  -6.004  -2.634  1.00 23.60 ? 190 THR A CG2 1 
ATOM   1251 N N   . GLN A 1 152 ? -5.623  -4.079  -3.317  1.00 22.95 ? 191 GLN A N   1 
ATOM   1252 C CA  . GLN A 1 152 ? -6.633  -2.996  -3.192  1.00 23.40 ? 191 GLN A CA  1 
ATOM   1253 C C   . GLN A 1 152 ? -7.416  -3.213  -1.907  1.00 21.38 ? 191 GLN A C   1 
ATOM   1254 O O   . GLN A 1 152 ? -7.682  -4.385  -1.529  1.00 21.30 ? 191 GLN A O   1 
ATOM   1255 C CB  . GLN A 1 152 ? -7.666  -3.017  -4.317  1.00 24.22 ? 191 GLN A CB  1 
ATOM   1256 C CG  . GLN A 1 152 ? -7.104  -2.496  -5.616  1.00 29.78 ? 191 GLN A CG  1 
ATOM   1257 C CD  . GLN A 1 152 ? -7.992  -2.866  -6.777  1.00 34.94 ? 191 GLN A CD  1 
ATOM   1258 O OE1 . GLN A 1 152 ? -9.040  -3.513  -6.621  1.00 37.72 ? 191 GLN A OE1 1 
ATOM   1259 N NE2 . GLN A 1 152 ? -7.540  -2.482  -7.958  1.00 37.64 ? 191 GLN A NE2 1 
ATOM   1260 N N   . PHE A 1 153 ? -7.797  -2.138  -1.262  1.00 22.24 ? 192 PHE A N   1 
ATOM   1261 C CA  . PHE A 1 153 ? -8.586  -2.233  -0.014  1.00 21.85 ? 192 PHE A CA  1 
ATOM   1262 C C   . PHE A 1 153 ? -9.382  -0.951  0.172   1.00 23.18 ? 192 PHE A C   1 
ATOM   1263 O O   . PHE A 1 153 ? -9.022  0.107   -0.423  1.00 21.19 ? 192 PHE A O   1 
ATOM   1264 C CB  . PHE A 1 153 ? -7.666  -2.446  1.191   1.00 21.35 ? 192 PHE A CB  1 
ATOM   1265 C CG  . PHE A 1 153 ? -6.738  -1.291  1.448   1.00 21.60 ? 192 PHE A CG  1 
ATOM   1266 C CD1 . PHE A 1 153 ? -7.140  -0.237  2.238   1.00 19.93 ? 192 PHE A CD1 1 
ATOM   1267 C CD2 . PHE A 1 153 ? -5.452  -1.274  0.928   1.00 21.06 ? 192 PHE A CD2 1 
ATOM   1268 C CE1 . PHE A 1 153 ? -6.298  0.830   2.493   1.00 19.99 ? 192 PHE A CE1 1 
ATOM   1269 C CE2 . PHE A 1 153 ? -4.614  -0.192  1.163   1.00 20.23 ? 192 PHE A CE2 1 
ATOM   1270 C CZ  . PHE A 1 153 ? -5.043  0.862   1.935   1.00 21.76 ? 192 PHE A CZ  1 
ATOM   1271 N N   . ILE A 1 154 ? -10.430 -1.035  0.996   1.00 22.19 ? 193 ILE A N   1 
ATOM   1272 C CA  . ILE A 1 154 ? -11.193 0.153   1.447   1.00 21.22 ? 193 ILE A CA  1 
ATOM   1273 C C   . ILE A 1 154 ? -10.694 0.577   2.832   1.00 22.39 ? 193 ILE A C   1 
ATOM   1274 O O   . ILE A 1 154 ? -10.655 -0.278  3.731   1.00 22.22 ? 193 ILE A O   1 
ATOM   1275 C CB  . ILE A 1 154 ? -12.699 -0.149  1.406   1.00 25.25 ? 193 ILE A CB  1 
ATOM   1276 C CG1 . ILE A 1 154 ? -13.092 -0.638  0.013   1.00 24.71 ? 193 ILE A CG1 1 
ATOM   1277 C CG2 . ILE A 1 154 ? -13.489 1.072   1.833   1.00 26.38 ? 193 ILE A CG2 1 
ATOM   1278 C CD1 . ILE A 1 154 ? -14.532 -0.979  -0.122  1.00 27.23 ? 193 ILE A CD1 1 
ATOM   1279 N N   . ALA A 1 155 ? -10.317 1.840   2.998   1.00 22.06 ? 194 ALA A N   1 
ATOM   1280 C CA  . ALA A 1 155 ? -9.955  2.416   4.316   1.00 25.14 ? 194 ALA A CA  1 
ATOM   1281 C C   . ALA A 1 155 ? -11.238 2.491   5.140   1.00 26.02 ? 194 ALA A C   1 
ATOM   1282 O O   . ALA A 1 155 ? -12.275 2.840   4.559   1.00 26.92 ? 194 ALA A O   1 
ATOM   1283 C CB  . ALA A 1 155 ? -9.311  3.769   4.173   1.00 26.15 ? 194 ALA A CB  1 
ATOM   1284 N N   . VAL A 1 156 ? -11.190 2.091   6.412   1.00 24.85 ? 195 VAL A N   1 
ATOM   1285 C CA  . VAL A 1 156 ? -12.383 2.090   7.305   1.00 25.67 ? 195 VAL A CA  1 
ATOM   1286 C C   . VAL A 1 156 ? -11.949 2.511   8.706   1.00 28.32 ? 195 VAL A C   1 
ATOM   1287 O O   . VAL A 1 156 ? -10.785 2.234   9.095   1.00 26.26 ? 195 VAL A O   1 
ATOM   1288 C CB  . VAL A 1 156 ? -13.085 0.719   7.320   1.00 24.93 ? 195 VAL A CB  1 
ATOM   1289 C CG1 . VAL A 1 156 ? -13.505 0.248   5.935   1.00 24.66 ? 195 VAL A CG1 1 
ATOM   1290 C CG2 . VAL A 1 156 ? -12.243 -0.371  7.993   1.00 22.76 ? 195 VAL A CG2 1 
ATOM   1291 N N   . THR A 1 157 ? -12.853 3.126   9.473   1.00 31.08 ? 196 THR A N   1 
ATOM   1292 C CA  . THR A 1 157 ? -12.596 3.434   10.901  1.00 30.06 ? 196 THR A CA  1 
ATOM   1293 C C   . THR A 1 157 ? -12.949 2.195   11.733  1.00 31.80 ? 196 THR A C   1 
ATOM   1294 O O   . THR A 1 157 ? -12.556 2.139   12.884  1.00 33.54 ? 196 THR A O   1 
ATOM   1295 C CB  . THR A 1 157 ? -13.312 4.722   11.325  1.00 33.23 ? 196 THR A CB  1 
ATOM   1296 O OG1 . THR A 1 157 ? -14.711 4.562   11.107  1.00 36.71 ? 196 THR A OG1 1 
ATOM   1297 C CG2 . THR A 1 157 ? -12.833 5.930   10.559  1.00 34.61 ? 196 THR A CG2 1 
ATOM   1298 N N   . ALA A 1 158 ? -13.669 1.240   11.161  1.00 28.66 ? 197 ALA A N   1 
ATOM   1299 C CA  . ALA A 1 158 ? -14.091 -0.012  11.812  1.00 31.56 ? 197 ALA A CA  1 
ATOM   1300 C C   . ALA A 1 158 ? -14.445 -0.991  10.704  1.00 29.37 ? 197 ALA A C   1 
ATOM   1301 O O   . ALA A 1 158 ? -14.960 -0.546  9.632   1.00 28.99 ? 197 ALA A O   1 
ATOM   1302 C CB  . ALA A 1 158 ? -15.257 0.226   12.760  1.00 31.28 ? 197 ALA A CB  1 
ATOM   1303 N N   . TYR A 1 159 ? -14.149 -2.269  10.916  1.00 29.61 ? 198 TYR A N   1 
ATOM   1304 C CA  . TYR A 1 159 ? -14.437 -3.321  9.927   1.00 27.25 ? 198 TYR A CA  1 
ATOM   1305 C C   . TYR A 1 159 ? -15.940 -3.359  9.724   1.00 29.36 ? 198 TYR A C   1 
ATOM   1306 O O   . TYR A 1 159 ? -16.702 -3.279  10.693  1.00 27.50 ? 198 TYR A O   1 
ATOM   1307 C CB  . TYR A 1 159 ? -13.852 -4.660  10.341  1.00 29.67 ? 198 TYR A CB  1 
ATOM   1308 C CG  . TYR A 1 159 ? -12.348 -4.675  10.283  1.00 32.26 ? 198 TYR A CG  1 
ATOM   1309 C CD1 . TYR A 1 159 ? -11.663 -4.195  9.168   1.00 29.79 ? 198 TYR A CD1 1 
ATOM   1310 C CD2 . TYR A 1 159 ? -11.609 -5.187  11.343  1.00 33.34 ? 198 TYR A CD2 1 
ATOM   1311 C CE1 . TYR A 1 159 ? -10.273 -4.213  9.120   1.00 30.15 ? 198 TYR A CE1 1 
ATOM   1312 C CE2 . TYR A 1 159 ? -10.226 -5.212  11.306  1.00 35.18 ? 198 TYR A CE2 1 
ATOM   1313 C CZ  . TYR A 1 159 ? -9.557  -4.719  10.198  1.00 33.34 ? 198 TYR A CZ  1 
ATOM   1314 O OH  . TYR A 1 159 ? -8.195  -4.765  10.196  1.00 31.45 ? 198 TYR A OH  1 
ATOM   1315 N N   . GLN A 1 160 ? -16.323 -3.485  8.472   1.00 27.57 ? 199 GLN A N   1 
ATOM   1316 C CA  . GLN A 1 160 ? -17.723 -3.544  8.026   1.00 26.62 ? 199 GLN A CA  1 
ATOM   1317 C C   . GLN A 1 160 ? -18.114 -5.008  7.857   1.00 25.31 ? 199 GLN A C   1 
ATOM   1318 O O   . GLN A 1 160 ? -19.188 -5.375  8.357   1.00 28.14 ? 199 GLN A O   1 
ATOM   1319 C CB  . GLN A 1 160 ? -17.851 -2.707  6.755   1.00 28.51 ? 199 GLN A CB  1 
ATOM   1320 C CG  . GLN A 1 160 ? -17.440 -1.256  6.962   1.00 28.34 ? 199 GLN A CG  1 
ATOM   1321 C CD  . GLN A 1 160 ? -18.349 -0.507  7.905   1.00 29.62 ? 199 GLN A CD  1 
ATOM   1322 O OE1 . GLN A 1 160 ? -19.535 -0.327  7.635   1.00 29.28 ? 199 GLN A OE1 1 
ATOM   1323 N NE2 . GLN A 1 160 ? -17.798 -0.062  9.017   1.00 29.48 ? 199 GLN A NE2 1 
ATOM   1324 N N   . ASN A 1 161 ? -17.281 -5.812  7.201   1.00 25.33 ? 200 ASN A N   1 
ATOM   1325 C CA  . ASN A 1 161 ? -17.555 -7.210  6.790   1.00 27.35 ? 200 ASN A CA  1 
ATOM   1326 C C   . ASN A 1 161 ? -17.080 -8.123  7.926   1.00 29.77 ? 200 ASN A C   1 
ATOM   1327 O O   . ASN A 1 161 ? -15.870 -8.109  8.214   1.00 26.44 ? 200 ASN A O   1 
ATOM   1328 C CB  . ASN A 1 161 ? -16.887 -7.521  5.450   1.00 25.77 ? 200 ASN A CB  1 
ATOM   1329 C CG  . ASN A 1 161 ? -17.174 -8.894  4.886   1.00 25.88 ? 200 ASN A CG  1 
ATOM   1330 O OD1 . ASN A 1 161 ? -17.736 -9.753  5.561   1.00 29.35 ? 200 ASN A OD1 1 
ATOM   1331 N ND2 . ASN A 1 161 ? -16.795 -9.117  3.639   1.00 26.87 ? 200 ASN A ND2 1 
ATOM   1332 N N   . GLU A 1 162 ? -18.002 -8.824  8.597   1.00 32.04 ? 201 GLU A N   1 
ATOM   1333 C CA  . GLU A 1 162 ? -17.630 -9.735  9.718   1.00 32.22 ? 201 GLU A CA  1 
ATOM   1334 C C   . GLU A 1 162 ? -16.631 -10.790 9.230   1.00 27.74 ? 201 GLU A C   1 
ATOM   1335 O O   . GLU A 1 162 ? -15.884 -11.286 10.066  1.00 31.42 ? 201 GLU A O   1 
ATOM   1336 C CB  . GLU A 1 162 ? -18.852 -10.414 10.352  1.00 33.17 ? 201 GLU A CB  1 
ATOM   1337 C CG  . GLU A 1 162 ? -19.530 -11.445 9.482   1.00 37.00 ? 201 GLU A CG  1 
ATOM   1338 C CD  . GLU A 1 162 ? -20.298 -10.912 8.278   1.00 42.70 ? 201 GLU A CD  1 
ATOM   1339 O OE1 . GLU A 1 162 ? -20.538 -11.707 7.343   1.00 44.18 ? 201 GLU A OE1 1 
ATOM   1340 O OE2 . GLU A 1 162 ? -20.635 -9.693  8.259   1.00 44.88 ? 201 GLU A OE2 1 
ATOM   1341 N N   . GLU A 1 163 ? -16.669 -11.189 7.967   1.00 27.39 ? 202 GLU A N   1 
ATOM   1342 C CA  . GLU A 1 163 ? -15.699 -12.159 7.396   1.00 28.00 ? 202 GLU A CA  1 
ATOM   1343 C C   . GLU A 1 163 ? -14.294 -11.543 7.377   1.00 28.06 ? 202 GLU A C   1 
ATOM   1344 O O   . GLU A 1 163 ? -13.311 -12.306 7.558   1.00 25.21 ? 202 GLU A O   1 
ATOM   1345 C CB  . GLU A 1 163 ? -16.136 -12.639 6.022   1.00 31.80 ? 202 GLU A CB  1 
ATOM   1346 C CG  . GLU A 1 163 ? -17.411 -13.458 6.083   1.00 36.16 ? 202 GLU A CG  1 
ATOM   1347 C CD  . GLU A 1 163 ? -17.639 -14.308 4.854   1.00 38.21 ? 202 GLU A CD  1 
ATOM   1348 O OE1 . GLU A 1 163 ? -16.942 -14.097 3.879   1.00 44.25 ? 202 GLU A OE1 1 
ATOM   1349 O OE2 . GLU A 1 163 ? -18.518 -15.189 4.885   1.00 43.54 ? 202 GLU A OE2 1 
ATOM   1350 N N   . ILE A 1 164 ? -14.184 -10.218 7.234   1.00 26.63 ? 203 ILE A N   1 
ATOM   1351 C CA  . ILE A 1 164 ? -12.856 -9.535  7.226   1.00 23.02 ? 203 ILE A CA  1 
ATOM   1352 C C   . ILE A 1 164 ? -12.354 -9.510  8.669   1.00 26.43 ? 203 ILE A C   1 
ATOM   1353 O O   . ILE A 1 164 ? -11.192 -9.895  8.897   1.00 24.75 ? 203 ILE A O   1 
ATOM   1354 C CB  . ILE A 1 164 ? -12.910 -8.144  6.559   1.00 24.71 ? 203 ILE A CB  1 
ATOM   1355 C CG1 . ILE A 1 164 ? -12.940 -8.272  5.034   1.00 24.44 ? 203 ILE A CG1 1 
ATOM   1356 C CG2 . ILE A 1 164 ? -11.771 -7.270  7.035   1.00 25.38 ? 203 ILE A CG2 1 
ATOM   1357 C CD1 . ILE A 1 164 ? -11.633 -8.734  4.418   1.00 25.38 ? 203 ILE A CD1 1 
ATOM   1358 N N   . THR A 1 165 ? -13.199 -9.121  9.618   1.00 25.36 ? 204 THR A N   1 
ATOM   1359 C CA  . THR A 1 165 ? -12.847 -9.075  11.057  1.00 28.05 ? 204 THR A CA  1 
ATOM   1360 C C   . THR A 1 165 ? -12.254 -10.439 11.449  1.00 27.46 ? 204 THR A C   1 
ATOM   1361 O O   . THR A 1 165 ? -11.186 -10.461 12.091  1.00 30.08 ? 204 THR A O   1 
ATOM   1362 C CB  . THR A 1 165 ? -14.081 -8.725  11.895  1.00 29.77 ? 204 THR A CB  1 
ATOM   1363 O OG1 . THR A 1 165 ? -14.598 -7.491  11.380  1.00 31.23 ? 204 THR A OG1 1 
ATOM   1364 C CG2 . THR A 1 165 ? -13.775 -8.619  13.372  1.00 31.85 ? 204 THR A CG2 1 
ATOM   1365 N N   . ALA A 1 166 ? -12.931 -11.512 11.067  1.00 26.75 ? 205 ALA A N   1 
ATOM   1366 C CA  . ALA A 1 166 ? -12.597 -12.920 11.399  1.00 28.70 ? 205 ALA A CA  1 
ATOM   1367 C C   . ALA A 1 166 ? -11.292 -13.325 10.702  1.00 28.74 ? 205 ALA A C   1 
ATOM   1368 O O   . ALA A 1 166 ? -10.426 -13.940 11.376  1.00 27.83 ? 205 ALA A O   1 
ATOM   1369 C CB  . ALA A 1 166 ? -13.718 -13.840 10.982  1.00 27.99 ? 205 ALA A CB  1 
ATOM   1370 N N   . LEU A 1 167 ? -11.154 -12.989 9.417   1.00 29.82 ? 206 LEU A N   1 
ATOM   1371 C CA  . LEU A 1 167 ? -9.928  -13.287 8.616   1.00 30.70 ? 206 LEU A CA  1 
ATOM   1372 C C   . LEU A 1 167 ? -8.729  -12.610 9.259   1.00 28.20 ? 206 LEU A C   1 
ATOM   1373 O O   . LEU A 1 167 ? -7.653  -13.242 9.313   1.00 32.46 ? 206 LEU A O   1 
ATOM   1374 C CB  . LEU A 1 167 ? -10.080 -12.810 7.173   1.00 31.74 ? 206 LEU A CB  1 
ATOM   1375 C CG  . LEU A 1 167 ? -9.814  -13.852 6.095   1.00 35.49 ? 206 LEU A CG  1 
ATOM   1376 C CD1 . LEU A 1 167 ? -9.295  -13.202 4.816   1.00 33.20 ? 206 LEU A CD1 1 
ATOM   1377 C CD2 . LEU A 1 167 ? -8.855  -14.922 6.576   1.00 38.87 ? 206 LEU A CD2 1 
ATOM   1378 N N   . LYS A 1 168 ? -8.885  -11.354 9.667   1.00 29.13 ? 207 LYS A N   1 
ATOM   1379 C CA  . LYS A 1 168 ? -7.797  -10.540 10.270  1.00 31.21 ? 207 LYS A CA  1 
ATOM   1380 C C   . LYS A 1 168 ? -7.327  -11.181 11.588  1.00 39.48 ? 207 LYS A C   1 
ATOM   1381 O O   . LYS A 1 168 ? -6.102  -11.289 11.800  1.00 38.55 ? 207 LYS A O   1 
ATOM   1382 C CB  . LYS A 1 168 ? -8.284  -9.115  10.511  1.00 31.38 ? 207 LYS A CB  1 
ATOM   1383 C CG  . LYS A 1 168 ? -8.585  -8.341  9.242   1.00 30.48 ? 207 LYS A CG  1 
ATOM   1384 C CD  . LYS A 1 168 ? -7.389  -7.620  8.654   1.00 27.14 ? 207 LYS A CD  1 
ATOM   1385 C CE  . LYS A 1 168 ? -7.817  -6.818  7.431   1.00 27.73 ? 207 LYS A CE  1 
ATOM   1386 N NZ  . LYS A 1 168 ? -6.817  -5.790  7.079   1.00 24.74 ? 207 LYS A NZ  1 
ATOM   1387 N N   . ILE A 1 169 ? -8.260  -11.573 12.461  1.00 43.32 ? 208 ILE A N   1 
ATOM   1388 C CA  . ILE A 1 169 ? -7.930  -12.278 13.741  1.00 42.90 ? 208 ILE A CA  1 
ATOM   1389 C C   . ILE A 1 169 ? -7.278  -13.624 13.413  1.00 39.97 ? 208 ILE A C   1 
ATOM   1390 O O   . ILE A 1 169 ? -6.363  -14.018 14.142  1.00 45.80 ? 208 ILE A O   1 
ATOM   1391 C CB  . ILE A 1 169 ? -9.197  -12.430 14.609  1.00 42.90 ? 208 ILE A CB  1 
ATOM   1392 C CG1 . ILE A 1 169 ? -9.541  -11.110 15.298  1.00 44.44 ? 208 ILE A CG1 1 
ATOM   1393 C CG2 . ILE A 1 169 ? -9.071  -13.572 15.603  1.00 43.98 ? 208 ILE A CG2 1 
ATOM   1394 C CD1 . ILE A 1 169 ? -11.020 -10.935 15.571  1.00 45.89 ? 208 ILE A CD1 1 
ATOM   1395 N N   . LYS A 1 170 ? -7.737  -14.291 12.358  1.00 36.85 ? 209 LYS A N   1 
ATOM   1396 C CA  . LYS A 1 170 ? -7.369  -15.686 11.990  1.00 40.33 ? 209 LYS A CA  1 
ATOM   1397 C C   . LYS A 1 170 ? -5.943  -15.787 11.443  1.00 46.39 ? 209 LYS A C   1 
ATOM   1398 O O   . LYS A 1 170 ? -5.204  -16.619 11.982  1.00 42.65 ? 209 LYS A O   1 
ATOM   1399 C CB  . LYS A 1 170 ? -8.325  -16.232 10.931  1.00 41.58 ? 209 LYS A CB  1 
ATOM   1400 C CG  . LYS A 1 170 ? -7.776  -17.353 10.057  1.00 43.28 ? 209 LYS A CG  1 
ATOM   1401 C CD  . LYS A 1 170 ? -8.794  -18.411 9.733   1.00 45.17 ? 209 LYS A CD  1 
ATOM   1402 C CE  . LYS A 1 170 ? -8.539  -19.100 8.412   1.00 48.62 ? 209 LYS A CE  1 
ATOM   1403 N NZ  . LYS A 1 170 ? -9.111  -20.467 8.389   1.00 50.97 ? 209 LYS A NZ  1 
ATOM   1404 N N   . TYR A 1 171 ? -5.618  -15.061 10.357  1.00 50.28 ? 210 TYR A N   1 
ATOM   1405 C CA  . TYR A 1 171 ? -4.309  -15.146 9.640   1.00 51.75 ? 210 TYR A CA  1 
ATOM   1406 C C   . TYR A 1 171 ? -3.267  -14.257 10.318  1.00 53.29 ? 210 TYR A C   1 
ATOM   1407 O O   . TYR A 1 171 ? -2.090  -14.322 9.866   1.00 56.64 ? 210 TYR A O   1 
ATOM   1408 C CB  . TYR A 1 171 ? -4.384  -14.765 8.153   1.00 48.05 ? 210 TYR A CB  1 
ATOM   1409 C CG  . TYR A 1 171 ? -4.949  -15.839 7.256   1.00 45.92 ? 210 TYR A CG  1 
ATOM   1410 C CD1 . TYR A 1 171 ? -4.610  -17.169 7.416   1.00 49.05 ? 210 TYR A CD1 1 
ATOM   1411 C CD2 . TYR A 1 171 ? -5.845  -15.530 6.245   1.00 50.15 ? 210 TYR A CD2 1 
ATOM   1412 C CE1 . TYR A 1 171 ? -5.167  -18.166 6.628   1.00 50.78 ? 210 TYR A CE1 1 
ATOM   1413 C CE2 . TYR A 1 171 ? -6.385  -16.509 5.421   1.00 49.82 ? 210 TYR A CE2 1 
ATOM   1414 C CZ  . TYR A 1 171 ? -6.057  -17.836 5.621   1.00 49.60 ? 210 TYR A CZ  1 
ATOM   1415 O OH  . TYR A 1 171 ? -6.618  -18.794 4.832   1.00 48.67 ? 210 TYR A OH  1 
ATOM   1416 N N   . ASN A 1 172 ? -3.662  -13.487 11.340  1.00 45.26 ? 211 ASN A N   1 
ATOM   1417 C CA  . ASN A 1 172 ? -2.727  -12.624 12.109  1.00 49.77 ? 211 ASN A CA  1 
ATOM   1418 C C   . ASN A 1 172 ? -2.832  -12.933 13.604  1.00 58.15 ? 211 ASN A C   1 
ATOM   1419 O O   . ASN A 1 172 ? -2.243  -13.907 14.094  1.00 61.56 ? 211 ASN A O   1 
ATOM   1420 C CB  . ASN A 1 172 ? -2.992  -11.143 11.840  1.00 51.70 ? 211 ASN A CB  1 
ATOM   1421 C CG  . ASN A 1 172 ? -1.850  -10.242 12.249  1.00 48.77 ? 211 ASN A CG  1 
ATOM   1422 O OD1 . ASN A 1 172 ? -0.734  -10.706 12.450  1.00 59.06 ? 211 ASN A OD1 1 
ATOM   1423 N ND2 . ASN A 1 172 ? -2.116  -8.954  12.361  1.00 48.15 ? 211 ASN A ND2 1 
ATOM   1424 O OXT . ASN A 1 172 ? -3.492  -12.199 14.339  1.00 59.20 ? 211 ASN A OXT 1 
HETATM 1425 N N1  . K0G B 2 .   ? 0.753   -16.407 4.900   0.45 33.90 ? 301 K0G A N1  1 
HETATM 1426 C C4  . K0G B 2 .   ? -3.558  -19.923 1.755   0.45 43.49 ? 301 K0G A C4  1 
HETATM 1427 C C5  . K0G B 2 .   ? -2.286  -19.955 1.240   0.45 43.80 ? 301 K0G A C5  1 
HETATM 1428 C C6  . K0G B 2 .   ? -1.309  -19.138 1.778   0.45 43.65 ? 301 K0G A C6  1 
HETATM 1429 C C7  . K0G B 2 .   ? 1.219   -15.806 6.074   0.45 38.78 ? 301 K0G A C7  1 
HETATM 1430 C C8  . K0G B 2 .   ? 1.927   -14.604 5.983   0.45 44.03 ? 301 K0G A C8  1 
HETATM 1431 C C10 . K0G B 2 .   ? 2.057   -14.558 8.350   0.45 43.94 ? 301 K0G A C10 1 
HETATM 1432 N N   . K0G B 2 .   ? -0.572  -17.528 3.402   0.45 33.78 ? 301 K0G A N   1 
HETATM 1433 C C   . K0G B 2 .   ? -0.439  -17.131 4.730   0.45 35.43 ? 301 K0G A C   1 
HETATM 1434 O O   . K0G B 2 .   ? -1.247  -17.388 5.630   0.45 35.43 ? 301 K0G A O   1 
HETATM 1435 C C1  . K0G B 2 .   ? -1.607  -18.295 2.847   0.45 38.48 ? 301 K0G A C1  1 
HETATM 1436 C C11 . K0G B 2 .   ? 0.972   -16.328 7.335   0.45 42.66 ? 301 K0G A C11 1 
HETATM 1437 C C2  . K0G B 2 .   ? -2.881  -18.260 3.366   0.45 42.26 ? 301 K0G A C2  1 
HETATM 1438 C C3  . K0G B 2 .   ? -3.848  -19.082 2.802   0.45 44.24 ? 301 K0G A C3  1 
HETATM 1439 C C9  . K0G B 2 .   ? 2.346   -13.966 7.135   0.45 44.19 ? 301 K0G A C9  1 
HETATM 1440 N N2  . K0G B 2 .   ? 1.391   -15.712 8.462   0.45 45.29 ? 301 K0G A N2  1 
HETATM 1441 O O   . HOH C 3 .   ? 5.626   3.854   10.704  1.00 46.62 ? 401 HOH A O   1 
HETATM 1442 O O   . HOH C 3 .   ? 18.616  0.360   -12.299 1.00 56.42 ? 402 HOH A O   1 
HETATM 1443 O O   . HOH C 3 .   ? 8.723   -15.309 -11.802 1.00 46.47 ? 403 HOH A O   1 
HETATM 1444 O O   . HOH C 3 .   ? -4.742  -14.584 15.821  1.00 56.09 ? 404 HOH A O   1 
HETATM 1445 O O   . HOH C 3 .   ? -15.706 15.766  -3.583  1.00 32.05 ? 405 HOH A O   1 
HETATM 1446 O O   . HOH C 3 .   ? 6.157   -14.964 2.748   1.00 37.91 ? 406 HOH A O   1 
HETATM 1447 O O   . HOH C 3 .   ? 14.774  -9.906  -13.683 1.00 34.71 ? 407 HOH A O   1 
HETATM 1448 O O   . HOH C 3 .   ? -24.990 2.143   -4.275  1.00 52.75 ? 408 HOH A O   1 
HETATM 1449 O O   . HOH C 3 .   ? 26.241  -4.007  -12.300 1.00 47.63 ? 409 HOH A O   1 
HETATM 1450 O O   . HOH C 3 .   ? 10.462  5.855   6.549   1.00 52.87 ? 410 HOH A O   1 
HETATM 1451 O O   . HOH C 3 .   ? -3.644  8.669   21.536  1.00 48.92 ? 411 HOH A O   1 
HETATM 1452 O O   . HOH C 3 .   ? 6.690   7.421   -9.848  1.00 61.04 ? 412 HOH A O   1 
HETATM 1453 O O   . HOH C 3 .   ? -10.331 -8.422  13.244  1.00 39.04 ? 413 HOH A O   1 
HETATM 1454 O O   . HOH C 3 .   ? 8.536   -15.843 0.155   1.00 29.06 ? 414 HOH A O   1 
HETATM 1455 O O   . HOH C 3 .   ? 0.674   -6.235  10.307  1.00 41.81 ? 415 HOH A O   1 
HETATM 1456 O O   . HOH C 3 .   ? -23.942 -2.685  6.619   1.00 37.40 ? 416 HOH A O   1 
HETATM 1457 O O   . HOH C 3 .   ? 11.568  11.055  -13.314 1.00 32.98 ? 417 HOH A O   1 
HETATM 1458 O O   . HOH C 3 .   ? -17.819 -8.180  0.658   1.00 33.71 ? 418 HOH A O   1 
HETATM 1459 O O   . HOH C 3 .   ? -14.590 6.072   -10.426 1.00 38.35 ? 419 HOH A O   1 
HETATM 1460 O O   . HOH C 3 .   ? 19.024  6.768   -19.184 1.00 39.41 ? 420 HOH A O   1 
HETATM 1461 O O   . HOH C 3 .   ? 15.930  -5.192  5.491   1.00 31.62 ? 421 HOH A O   1 
HETATM 1462 O O   . HOH C 3 .   ? -15.269 -6.377  3.028   1.00 23.17 ? 422 HOH A O   1 
HETATM 1463 O O   . HOH C 3 .   ? 27.077  -1.204  -12.084 1.00 59.57 ? 423 HOH A O   1 
HETATM 1464 O O   . HOH C 3 .   ? 8.131   -0.306  6.546   1.00 27.34 ? 424 HOH A O   1 
HETATM 1465 O O   . HOH C 3 .   ? -16.017 6.396   8.394   1.00 54.36 ? 425 HOH A O   1 
HETATM 1466 O O   . HOH C 3 .   ? 28.854  -6.655  -8.208  1.00 38.28 ? 426 HOH A O   1 
HETATM 1467 O O   . HOH C 3 .   ? 10.153  -14.041 -17.450 1.00 61.32 ? 427 HOH A O   1 
HETATM 1468 O O   . HOH C 3 .   ? 3.887   5.432   8.401   1.00 31.29 ? 428 HOH A O   1 
HETATM 1469 O O   . HOH C 3 .   ? 23.775  -2.068  2.621   1.00 36.75 ? 429 HOH A O   1 
HETATM 1470 O O   . HOH C 3 .   ? -19.698 -9.293  2.025   1.00 28.03 ? 430 HOH A O   1 
HETATM 1471 O O   . HOH C 3 .   ? -21.839 -9.308  5.971   1.00 33.13 ? 431 HOH A O   1 
HETATM 1472 O O   . HOH C 3 .   ? 2.036   -1.731  7.858   1.00 25.90 ? 432 HOH A O   1 
HETATM 1473 O O   . HOH C 3 .   ? -26.547 -3.625  -0.847  1.00 32.43 ? 433 HOH A O   1 
HETATM 1474 O O   . HOH C 3 .   ? -0.290  8.004   -0.545  1.00 24.19 ? 434 HOH A O   1 
HETATM 1475 O O   . HOH C 3 .   ? -15.941 9.079   4.216   1.00 40.02 ? 435 HOH A O   1 
HETATM 1476 O O   . HOH C 3 .   ? -13.264 5.027   -3.529  1.00 27.55 ? 436 HOH A O   1 
HETATM 1477 O O   . HOH C 3 .   ? 1.036   -7.677  -8.299  1.00 44.35 ? 437 HOH A O   1 
HETATM 1478 O O   . HOH C 3 .   ? 20.842  8.854   -16.047 1.00 40.12 ? 438 HOH A O   1 
HETATM 1479 O O   . HOH C 3 .   ? 9.908   -5.454  7.845   1.00 60.04 ? 439 HOH A O   1 
HETATM 1480 O O   . HOH C 3 .   ? -21.542 -4.349  8.992   1.00 41.72 ? 440 HOH A O   1 
HETATM 1481 O O   . HOH C 3 .   ? 15.816  3.822   8.649   1.00 60.89 ? 441 HOH A O   1 
HETATM 1482 O O   . HOH C 3 .   ? 6.305   -13.438 -6.075  1.00 46.57 ? 442 HOH A O   1 
HETATM 1483 O O   . HOH C 3 .   ? 5.309   -15.285 -1.668  0.50 20.45 ? 443 HOH A O   1 
HETATM 1484 O O   . HOH C 3 .   ? -4.593  -8.888  11.416  1.00 49.33 ? 444 HOH A O   1 
HETATM 1485 O O   . HOH C 3 .   ? 15.687  -6.711  0.911   1.00 25.89 ? 445 HOH A O   1 
HETATM 1486 O O   . HOH C 3 .   ? -10.790 6.109   -4.038  1.00 29.28 ? 446 HOH A O   1 
HETATM 1487 O O   . HOH C 3 .   ? 20.335  -7.857  -11.316 1.00 35.88 ? 447 HOH A O   1 
HETATM 1488 O O   . HOH C 3 .   ? -11.568 -15.480 0.853   1.00 34.34 ? 448 HOH A O   1 
HETATM 1489 O O   . HOH C 3 .   ? 16.205  8.597   -9.652  1.00 49.95 ? 449 HOH A O   1 
HETATM 1490 O O   . HOH C 3 .   ? -27.244 1.528   -0.730  1.00 32.25 ? 450 HOH A O   1 
HETATM 1491 O O   . HOH C 3 .   ? -30.044 -1.975  4.407   1.00 30.92 ? 451 HOH A O   1 
HETATM 1492 O O   . HOH C 3 .   ? 9.194   3.504   9.236   1.00 35.86 ? 452 HOH A O   1 
HETATM 1493 O O   . HOH C 3 .   ? 21.323  -9.567  -3.878  1.00 29.14 ? 453 HOH A O   1 
HETATM 1494 O O   . HOH C 3 .   ? -3.794  8.726   -1.317  1.00 34.02 ? 454 HOH A O   1 
HETATM 1495 O O   . HOH C 3 .   ? -16.332 -11.771 12.671  1.00 29.23 ? 455 HOH A O   1 
HETATM 1496 O O   . HOH C 3 .   ? -12.492 9.165   9.167   1.00 44.08 ? 456 HOH A O   1 
HETATM 1497 O O   . HOH C 3 .   ? -4.262  -0.187  8.633   1.00 26.25 ? 457 HOH A O   1 
HETATM 1498 O O   . HOH C 3 .   ? -2.905  -3.315  12.605  1.00 38.84 ? 458 HOH A O   1 
HETATM 1499 O O   . HOH C 3 .   ? -5.507  10.282  -2.470  1.00 39.11 ? 459 HOH A O   1 
HETATM 1500 O O   . HOH C 3 .   ? 5.068   1.378   12.664  1.00 38.74 ? 460 HOH A O   1 
HETATM 1501 O O   . HOH C 3 .   ? -9.435  -5.652  -9.288  1.00 46.55 ? 461 HOH A O   1 
HETATM 1502 O O   . HOH C 3 .   ? -13.602 -15.002 7.461   1.00 29.62 ? 462 HOH A O   1 
HETATM 1503 O O   . HOH C 3 .   ? 7.192   6.445   -12.722 0.50 26.22 ? 463 HOH A O   1 
HETATM 1504 O O   . HOH C 3 .   ? -10.631 3.951   13.649  1.00 43.04 ? 464 HOH A O   1 
HETATM 1505 O O   . HOH C 3 .   ? -9.391  -13.325 -4.826  1.00 41.92 ? 465 HOH A O   1 
HETATM 1506 O O   . HOH C 3 .   ? 10.979  -10.210 -8.808  1.00 31.53 ? 466 HOH A O   1 
HETATM 1507 O O   . HOH C 3 .   ? -0.170  4.118   16.336  1.00 55.40 ? 467 HOH A O   1 
HETATM 1508 O O   . HOH C 3 .   ? -18.918 -2.154  11.846  1.00 44.50 ? 468 HOH A O   1 
HETATM 1509 O O   . HOH C 3 .   ? 11.794  -12.014 -10.755 1.00 40.26 ? 469 HOH A O   1 
HETATM 1510 O O   . HOH C 3 .   ? 2.100   0.727   17.054  1.00 73.52 ? 470 HOH A O   1 
HETATM 1511 O O   . HOH C 3 .   ? -9.190  11.140  6.447   1.00 50.44 ? 471 HOH A O   1 
HETATM 1512 O O   . HOH C 3 .   ? -2.535  -12.771 -8.442  1.00 43.95 ? 472 HOH A O   1 
HETATM 1513 O O   . HOH C 3 .   ? -16.021 -9.092  -2.242  1.00 41.44 ? 473 HOH A O   1 
HETATM 1514 O O   . HOH C 3 .   ? -7.088  -5.669  12.560  1.00 35.11 ? 474 HOH A O   1 
HETATM 1515 O O   . HOH C 3 .   ? -7.955  10.150  -1.544  1.00 35.31 ? 475 HOH A O   1 
HETATM 1516 O O   . HOH C 3 .   ? 18.547  -9.560  -10.687 1.00 33.22 ? 476 HOH A O   1 
HETATM 1517 O O   . HOH C 3 .   ? 13.660  -8.792  -3.410  1.00 28.41 ? 477 HOH A O   1 
HETATM 1518 O O   . HOH C 3 .   ? -6.514  -6.860  -1.043  1.00 22.74 ? 478 HOH A O   1 
HETATM 1519 O O   . HOH C 3 .   ? 14.118  -3.060  7.606   1.00 36.12 ? 479 HOH A O   1 
HETATM 1520 O O   . HOH C 3 .   ? -20.403 5.944   2.095   1.00 38.83 ? 480 HOH A O   1 
HETATM 1521 O O   . HOH C 3 .   ? 16.919  -1.900  -13.375 1.00 46.22 ? 481 HOH A O   1 
HETATM 1522 O O   . HOH C 3 .   ? -15.756 -2.705  -3.709  1.00 37.43 ? 482 HOH A O   1 
HETATM 1523 O O   . HOH C 3 .   ? -17.204 -7.336  12.360  1.00 32.37 ? 483 HOH A O   1 
HETATM 1524 O O   . HOH C 3 .   ? 16.593  0.000   8.173   1.00 46.98 ? 484 HOH A O   1 
HETATM 1525 O O   . HOH C 3 .   ? 2.386   -2.656  4.325   1.00 26.91 ? 485 HOH A O   1 
HETATM 1526 O O   . HOH C 3 .   ? -11.322 -15.683 13.379  1.00 28.86 ? 486 HOH A O   1 
HETATM 1527 O O   . HOH C 3 .   ? -0.516  -0.479  14.295  1.00 31.24 ? 487 HOH A O   1 
HETATM 1528 O O   . HOH C 3 .   ? 7.425   -8.404  7.326   1.00 55.25 ? 488 HOH A O   1 
HETATM 1529 O O   . HOH C 3 .   ? 1.236   16.132  9.910   1.00 67.30 ? 489 HOH A O   1 
HETATM 1530 O O   . HOH C 3 .   ? -4.895  -4.639  8.941   1.00 30.73 ? 490 HOH A O   1 
HETATM 1531 O O   . HOH C 3 .   ? -22.736 12.093  -2.448  1.00 46.23 ? 491 HOH A O   1 
HETATM 1532 O O   . HOH C 3 .   ? 2.755   -9.054  0.431   1.00 26.11 ? 492 HOH A O   1 
HETATM 1533 O O   . HOH C 3 .   ? -6.172  -8.908  -8.356  1.00 43.98 ? 493 HOH A O   1 
HETATM 1534 O O   . HOH C 3 .   ? 16.262  8.121   0.458   1.00 49.78 ? 494 HOH A O   1 
HETATM 1535 O O   . HOH C 3 .   ? -2.434  9.846   0.785   1.00 36.83 ? 495 HOH A O   1 
HETATM 1536 O O   . HOH C 3 .   ? 8.456   8.001   5.140   1.00 31.95 ? 496 HOH A O   1 
HETATM 1537 O O   . HOH C 3 .   ? -10.265 -5.577  -1.961  1.00 26.02 ? 497 HOH A O   1 
HETATM 1538 O O   . HOH C 3 .   ? 3.296   -4.862  10.761  1.00 41.72 ? 498 HOH A O   1 
HETATM 1539 O O   . HOH C 3 .   ? -29.213 -4.227  -0.989  1.00 29.66 ? 499 HOH A O   1 
HETATM 1540 O O   . HOH C 3 .   ? 25.196  4.168   -9.715  1.00 35.02 ? 500 HOH A O   1 
HETATM 1541 O O   . HOH C 3 .   ? -19.730 -11.463 4.419   1.00 32.64 ? 501 HOH A O   1 
HETATM 1542 O O   . HOH C 3 .   ? -21.782 10.129  1.632   1.00 62.67 ? 502 HOH A O   1 
HETATM 1543 O O   . HOH C 3 .   ? -11.686 -4.501  -4.162  1.00 29.17 ? 503 HOH A O   1 
HETATM 1544 O O   . HOH C 3 .   ? -19.218 -6.747  -1.420  1.00 33.49 ? 504 HOH A O   1 
HETATM 1545 O O   . HOH C 3 .   ? 18.733  10.988  -8.477  1.00 42.31 ? 505 HOH A O   1 
HETATM 1546 O O   . HOH C 3 .   ? 12.358  -5.085  4.039   1.00 25.87 ? 506 HOH A O   1 
HETATM 1547 O O   . HOH C 3 .   ? 1.338   -11.533 -7.980  1.00 48.52 ? 507 HOH A O   1 
HETATM 1548 O O   . HOH C 3 .   ? 23.283  4.677   -7.840  1.00 25.20 ? 508 HOH A O   1 
HETATM 1549 O O   . HOH C 3 .   ? -17.159 -11.679 -0.682  1.00 44.49 ? 509 HOH A O   1 
HETATM 1550 O O   . HOH C 3 .   ? -11.721 9.867   6.718   1.00 47.03 ? 510 HOH A O   1 
HETATM 1551 O O   . HOH C 3 .   ? 14.272  -4.442  2.346   1.00 27.46 ? 511 HOH A O   1 
HETATM 1552 O O   . HOH C 3 .   ? 20.461  11.348  -5.251  1.00 36.19 ? 512 HOH A O   1 
HETATM 1553 O O   . HOH C 3 .   ? -9.497  -18.357 4.463   1.00 65.48 ? 513 HOH A O   1 
HETATM 1554 O O   . HOH C 3 .   ? 3.897   -16.149 3.440   1.00 38.33 ? 514 HOH A O   1 
HETATM 1555 O O   . HOH C 3 .   ? -5.642  -2.193  9.594   1.00 32.70 ? 515 HOH A O   1 
HETATM 1556 O O   . HOH C 3 .   ? -24.519 -5.207  6.076   1.00 34.51 ? 516 HOH A O   1 
HETATM 1557 O O   . HOH C 3 .   ? 21.718  -1.362  5.226   1.00 40.97 ? 517 HOH A O   1 
HETATM 1558 O O   . HOH C 3 .   ? -27.843 7.028   2.414   1.00 34.35 ? 518 HOH A O   1 
HETATM 1559 O O   . HOH C 3 .   ? -13.228 -3.052  13.632  1.00 33.42 ? 519 HOH A O   1 
HETATM 1560 O O   . HOH C 3 .   ? -4.157  3.607   16.927  1.00 39.28 ? 520 HOH A O   1 
HETATM 1561 O O   . HOH C 3 .   ? -4.787  9.202   -5.585  1.00 27.79 ? 521 HOH A O   1 
HETATM 1562 O O   . HOH C 3 .   ? -8.988  7.071   15.917  1.00 47.36 ? 522 HOH A O   1 
HETATM 1563 O O   . HOH C 3 .   ? -19.280 0.910   11.441  1.00 39.05 ? 523 HOH A O   1 
HETATM 1564 O O   . HOH C 3 .   ? 23.118  6.833   -10.632 1.00 35.46 ? 524 HOH A O   1 
HETATM 1565 O O   . HOH C 3 .   ? 3.119   -9.588  -8.718  1.00 31.15 ? 525 HOH A O   1 
HETATM 1566 O O   . HOH C 3 .   ? 4.746   13.240  0.462   1.00 59.03 ? 526 HOH A O   1 
HETATM 1567 O O   . HOH C 3 .   ? -16.615 -5.131  -3.982  1.00 44.37 ? 527 HOH A O   1 
HETATM 1568 O O   . HOH C 3 .   ? -20.181 -14.109 2.590   1.00 31.75 ? 528 HOH A O   1 
HETATM 1569 O O   . HOH C 3 .   ? 4.935   12.398  2.608   1.00 42.73 ? 529 HOH A O   1 
HETATM 1570 O O   . HOH C 3 .   ? -12.882 -6.871  -4.113  1.00 50.31 ? 530 HOH A O   1 
HETATM 1571 O O   . HOH C 3 .   ? 14.894  3.464   -10.740 1.00 32.19 ? 531 HOH A O   1 
HETATM 1572 O O   . HOH C 3 .   ? 0.665   4.515   -11.587 1.00 38.70 ? 532 HOH A O   1 
HETATM 1573 O O   . HOH C 3 .   ? -1.243  9.089   -4.281  1.00 43.41 ? 533 HOH A O   1 
HETATM 1574 O O   . HOH C 3 .   ? 17.183  7.604   5.212   1.00 64.44 ? 534 HOH A O   1 
HETATM 1575 O O   . HOH C 3 .   ? 10.129  -2.058  7.199   1.00 44.37 ? 535 HOH A O   1 
HETATM 1576 O O   . HOH C 3 .   ? -15.748 3.360   8.413   1.00 36.98 ? 536 HOH A O   1 
HETATM 1577 O O   . HOH C 3 .   ? -2.638  -5.860  12.569  1.00 42.93 ? 537 HOH A O   1 
HETATM 1578 O O   . HOH C 3 .   ? 15.954  7.779   3.182   1.00 40.27 ? 538 HOH A O   1 
HETATM 1579 O O   . HOH C 3 .   ? -17.527 14.396  -7.234  1.00 61.25 ? 539 HOH A O   1 
HETATM 1580 O O   . HOH C 3 .   ? 19.073  -14.030 -2.521  1.00 48.06 ? 540 HOH A O   1 
HETATM 1581 O O   . HOH C 3 .   ? -10.138 8.751   -8.993  1.00 55.21 ? 541 HOH A O   1 
HETATM 1582 O O   . HOH C 3 .   ? 1.572   -10.557 5.859   1.00 42.00 ? 542 HOH A O   1 
HETATM 1583 O O   . HOH C 3 .   ? 6.888   -9.519  -11.868 1.00 68.98 ? 543 HOH A O   1 
HETATM 1584 O O   . HOH C 3 .   ? 13.776  -11.489 -2.705  1.00 42.26 ? 544 HOH A O   1 
HETATM 1585 O O   . HOH C 3 .   ? 12.057  -3.948  6.405   1.00 35.65 ? 545 HOH A O   1 
HETATM 1586 O O   . HOH C 3 .   ? 8.822   -11.139 -10.110 1.00 62.38 ? 546 HOH A O   1 
HETATM 1587 O O   . HOH C 3 .   ? 4.413   -9.445  -10.930 1.00 40.43 ? 547 HOH A O   1 
HETATM 1588 O O   . HOH C 3 .   ? 10.491  -14.253 -10.219 1.00 48.14 ? 548 HOH A O   1 
HETATM 1589 O O   . HOH C 3 .   ? -16.716 2.106   -9.504  1.00 35.35 ? 549 HOH A O   1 
HETATM 1590 O O   . HOH C 3 .   ? -11.725 -16.442 8.776   1.00 30.86 ? 550 HOH A O   1 
HETATM 1591 O O   . HOH C 3 .   ? -11.951 -17.165 11.534  1.00 33.59 ? 551 HOH A O   1 
HETATM 1592 O O   . HOH C 3 .   ? -9.593  -3.063  15.448  1.00 48.64 ? 552 HOH A O   1 
HETATM 1593 O O   . HOH C 3 .   ? 9.426   -8.006  -16.568 1.00 68.97 ? 553 HOH A O   1 
HETATM 1594 O O   . HOH C 3 .   ? 29.706  -0.958  -11.856 1.00 36.59 ? 554 HOH A O   1 
HETATM 1595 O O   . HOH C 3 .   ? 11.523  19.336  -10.738 1.00 46.50 ? 555 HOH A O   1 
HETATM 1596 O O   . HOH C 3 .   ? -5.724  -16.917 -4.242  1.00 54.54 ? 556 HOH A O   1 
HETATM 1597 O O   . HOH C 3 .   ? -4.675  -6.522  11.347  1.00 36.22 ? 557 HOH A O   1 
HETATM 1598 O O   . HOH C 3 .   ? 14.499  -13.877 -1.200  1.00 50.62 ? 558 HOH A O   1 
HETATM 1599 O O   . HOH C 3 .   ? -12.103 -19.116 6.708   1.00 50.60 ? 559 HOH A O   1 
HETATM 1600 O O   . HOH C 3 .   ? -8.233  -4.664  14.705  1.00 59.76 ? 560 HOH A O   1 
HETATM 1601 O O   . HOH C 3 .   ? -23.458 -7.062  7.949   1.00 40.86 ? 561 HOH A O   1 
HETATM 1602 O O   . HOH C 3 .   ? -20.045 -11.601 2.062   1.00 30.87 ? 562 HOH A O   1 
HETATM 1603 O O   . HOH C 3 .   ? -9.267  -16.912 14.854  1.00 46.00 ? 563 HOH A O   1 
HETATM 1604 O O   . HOH C 3 .   ? 13.136  6.565   6.598   1.00 52.19 ? 564 HOH A O   1 
HETATM 1605 O O   . HOH C 3 .   ? 15.936  -7.422  3.365   1.00 30.10 ? 565 HOH A O   1 
HETATM 1606 O O   . HOH C 3 .   ? 26.018  6.646   -10.858 1.00 40.98 ? 566 HOH A O   1 
HETATM 1607 O O   . HOH C 3 .   ? -13.203 -15.911 5.230   1.00 45.38 ? 567 HOH A O   1 
HETATM 1608 O O   . HOH C 3 .   ? 22.040  -8.855  -6.310  1.00 42.98 ? 568 HOH A O   1 
HETATM 1609 O O   . HOH C 3 .   ? 16.025  2.082   -12.023 1.00 41.41 ? 569 HOH A O   1 
HETATM 1610 O O   . HOH C 3 .   ? 21.887  17.392  -14.885 1.00 51.16 ? 570 HOH A O   1 
HETATM 1611 O O   . HOH C 3 .   ? -21.181 3.477   5.698   1.00 36.64 ? 571 HOH A O   1 
HETATM 1612 O O   . HOH C 3 .   ? -27.634 -1.017  -1.746  1.00 30.22 ? 572 HOH A O   1 
HETATM 1613 O O   . HOH C 3 .   ? -15.495 -16.303 8.772   1.00 32.22 ? 573 HOH A O   1 
HETATM 1614 O O   . HOH C 3 .   ? -14.007 -10.680 16.583  1.00 39.76 ? 574 HOH A O   1 
HETATM 1615 O O   . HOH C 3 .   ? -19.661 7.395   6.598   1.00 55.46 ? 575 HOH A O   1 
HETATM 1616 O O   . HOH C 3 .   ? -15.026 -17.624 11.034  1.00 31.77 ? 576 HOH A O   1 
HETATM 1617 O O   . HOH C 3 .   ? -13.089 -15.255 17.379  1.00 41.01 ? 577 HOH A O   1 
# 
